data_8HWH
#
_entry.id   8HWH
#
_cell.length_a   1.00
_cell.length_b   1.00
_cell.length_c   1.00
_cell.angle_alpha   90.00
_cell.angle_beta   90.00
_cell.angle_gamma   90.00
#
_symmetry.space_group_name_H-M   'P 1'
#
loop_
_entity.id
_entity.type
_entity.pdbx_description
1 polymer 'Primase D5'
2 polymer "DNA (5'-D(P*TP*TP*TP*TP*TP*T)-3')"
#
loop_
_entity_poly.entity_id
_entity_poly.type
_entity_poly.pdbx_seq_one_letter_code
_entity_poly.pdbx_strand_id
1 'polypeptide(L)'
;MDAAIRGNDVIFVLKTIGVPSACRQNEDPRFVEAFKCDELERYIDNNPECTLFESLRDEEAYSIVRIFMDVDLDACLDEI
DYLTAIQDFIIEVSNCVARFAFTECGAIHENVIKSMRSNFSLTKSTNRDKTSFHIIFLDTYTTMDTLIAMKRTLLELSRS
SENPLTRSIDTAVYRRKTTLRVVGTRKNPNCDTIHVMQPPHDNIEDYLFTYVDMNNNSYYFSLQRRLEDLVPDKLWEPGF
ISFEDAIKRVSKIFINSIINFNDLDENNFTTVPLVIDYVTPCALCKKRSHKHPHQLSLENGAIRIYKTGNPHSCKVKIVP
LDGNKLFNIAQRILDTNSVLLTERGDHIVWINNSWKFNSEEPLITKLILSIRHQLPKEYSSELLCPRKRKTVEANIRDML
VDSVETDTYPDKLPFKNGVLDLVDGMFYSGDDAKKYTCTVSTGFKFDDTKFVEDSPEMEELMNIINDIQPLTDENKKNRE
LYEKTLSSCLCGATKGCLTFFFGETATGKSTTKRLLKSAIGDLFVETGQTILTDVLDKGPNPFIANMHLKRSVFCSELPD
FACSGSKKIRSDNIKKLTEPCVIGRPCFSNKINNRNHATIIIDTNYKPVFDRIDNALMRRIAVVRFRTHFSQPSGREAAE
NNDAYDKVKLLDEGLDGKIQNNRYRFAFLYLLVKWYKKYHIPIMKLYPTPEEIPDFAFYLKIGTLLVSSSVKHIPLMTDL
SKKGYILYDNVVTLPLTTFQQKISKYFNSRLFGHDIESFINRHKKFANVSDEYLQYIFIEDISSP
;
A,B,C,D,E,F
2 'polydeoxyribonucleotide' (DT)(DT)(DT)(DT)(DT)(DT) S
#
loop_
_chem_comp.id
_chem_comp.type
_chem_comp.name
_chem_comp.formula
DT DNA linking THYMIDINE-5'-MONOPHOSPHATE 'C10 H15 N2 O8 P'
#
# COMPACT_ATOMS: atom_id res chain seq x y z
N GLY A 323 48.72 -10.16 8.50
CA GLY A 323 47.71 -9.44 7.75
C GLY A 323 46.48 -9.09 8.57
N ASN A 324 45.61 -10.08 8.77
CA ASN A 324 44.40 -9.88 9.55
C ASN A 324 43.95 -11.18 10.20
N LYS A 325 43.14 -11.09 11.24
CA LYS A 325 42.68 -12.28 11.94
C LYS A 325 41.26 -12.63 11.52
N LEU A 326 40.46 -11.61 11.21
CA LEU A 326 39.07 -11.81 10.80
C LEU A 326 38.93 -11.99 9.29
N PHE A 327 40.03 -11.98 8.55
CA PHE A 327 39.97 -12.17 7.10
C PHE A 327 40.46 -13.56 6.69
N ASN A 328 41.49 -14.07 7.36
CA ASN A 328 41.93 -15.44 7.10
C ASN A 328 40.85 -16.45 7.46
N ILE A 329 40.06 -16.15 8.51
CA ILE A 329 38.96 -17.03 8.86
C ILE A 329 37.92 -17.08 7.75
N ALA A 330 37.58 -15.91 7.19
CA ALA A 330 36.63 -15.89 6.07
C ALA A 330 37.19 -16.62 4.86
N GLN A 331 38.48 -16.42 4.56
CA GLN A 331 39.09 -17.14 3.45
C GLN A 331 39.06 -18.65 3.67
N ARG A 332 39.34 -19.10 4.89
CA ARG A 332 39.30 -20.52 5.21
C ARG A 332 37.89 -21.08 5.08
N ILE A 333 36.90 -20.34 5.57
CA ILE A 333 35.51 -20.79 5.47
C ILE A 333 35.09 -20.90 4.02
N LEU A 334 35.48 -19.92 3.19
CA LEU A 334 35.19 -20.03 1.76
C LEU A 334 35.94 -21.18 1.11
N ASP A 335 37.11 -21.54 1.66
CA ASP A 335 37.89 -22.63 1.06
C ASP A 335 37.22 -23.99 1.26
N THR A 336 36.39 -24.13 2.30
CA THR A 336 35.69 -25.40 2.51
C THR A 336 34.53 -25.59 1.54
N ASN A 337 34.22 -24.59 0.71
CA ASN A 337 33.14 -24.68 -0.27
C ASN A 337 31.80 -24.95 0.43
N SER A 338 31.53 -24.19 1.49
CA SER A 338 30.30 -24.36 2.25
C SER A 338 29.25 -23.31 1.94
N VAL A 339 29.66 -22.11 1.54
CA VAL A 339 28.74 -21.01 1.25
C VAL A 339 28.82 -20.70 -0.24
N LEU A 340 27.67 -20.74 -0.91
CA LEU A 340 27.59 -20.49 -2.34
C LEU A 340 26.56 -19.40 -2.62
N LEU A 341 26.76 -18.69 -3.73
CA LEU A 341 25.82 -17.71 -4.21
C LEU A 341 25.11 -18.26 -5.44
N THR A 342 23.78 -18.27 -5.39
CA THR A 342 22.96 -18.73 -6.51
C THR A 342 22.84 -17.65 -7.57
N GLU A 343 22.36 -18.05 -8.74
CA GLU A 343 22.14 -17.09 -9.82
C GLU A 343 21.03 -16.11 -9.51
N ARG A 344 20.22 -16.38 -8.48
CA ARG A 344 19.11 -15.52 -8.10
C ARG A 344 19.46 -14.55 -6.98
N GLY A 345 20.70 -14.54 -6.51
CA GLY A 345 21.09 -13.69 -5.41
C GLY A 345 20.95 -14.29 -4.03
N ASP A 346 20.42 -15.49 -3.92
CA ASP A 346 20.30 -16.17 -2.64
C ASP A 346 21.65 -16.68 -2.16
N HIS A 347 21.78 -16.85 -0.85
CA HIS A 347 22.98 -17.41 -0.24
C HIS A 347 22.59 -18.75 0.39
N ILE A 348 23.07 -19.84 -0.20
CA ILE A 348 22.81 -21.18 0.29
C ILE A 348 23.95 -21.57 1.22
N VAL A 349 23.61 -22.26 2.31
CA VAL A 349 24.58 -22.68 3.31
C VAL A 349 24.43 -24.19 3.55
N TRP A 350 25.48 -24.79 4.09
CA TRP A 350 25.58 -26.24 4.24
C TRP A 350 25.76 -26.56 5.72
N ILE A 351 24.65 -26.77 6.43
CA ILE A 351 24.65 -27.13 7.83
C ILE A 351 23.92 -28.45 7.99
N ASN A 352 24.55 -29.38 8.71
CA ASN A 352 23.97 -30.69 9.01
C ASN A 352 23.58 -31.43 7.73
N ASN A 353 24.53 -31.49 6.80
CA ASN A 353 24.38 -32.26 5.56
C ASN A 353 23.14 -31.87 4.78
N SER A 354 22.90 -30.56 4.67
CA SER A 354 21.76 -30.07 3.91
C SER A 354 22.06 -28.67 3.39
N TRP A 355 21.72 -28.43 2.13
CA TRP A 355 21.81 -27.10 1.54
C TRP A 355 20.53 -26.33 1.86
N LYS A 356 20.63 -25.32 2.72
CA LYS A 356 19.49 -24.53 3.12
C LYS A 356 19.70 -23.07 2.75
N PHE A 357 18.62 -22.41 2.37
CA PHE A 357 18.65 -21.00 2.02
C PHE A 357 17.44 -20.31 2.63
N ASN A 358 17.65 -19.11 3.16
CA ASN A 358 16.56 -18.35 3.77
C ASN A 358 16.93 -16.88 3.73
N SER A 359 15.98 -16.04 3.31
CA SER A 359 16.21 -14.60 3.29
C SER A 359 15.97 -13.93 4.64
N GLU A 360 15.49 -14.68 5.62
CA GLU A 360 15.19 -14.12 6.95
C GLU A 360 16.24 -14.52 7.98
N GLU A 361 16.52 -15.80 8.10
CA GLU A 361 17.48 -16.28 9.08
C GLU A 361 18.89 -15.83 8.71
N PRO A 362 19.75 -15.59 9.71
CA PRO A 362 21.17 -15.33 9.46
C PRO A 362 21.95 -16.64 9.26
N LEU A 363 21.71 -17.27 8.11
CA LEU A 363 22.26 -18.60 7.87
C LEU A 363 23.78 -18.58 7.83
N ILE A 364 24.37 -17.55 7.23
CA ILE A 364 25.83 -17.46 7.16
C ILE A 364 26.42 -17.38 8.56
N THR A 365 25.79 -16.62 9.45
CA THR A 365 26.24 -16.50 10.83
C THR A 365 26.11 -17.81 11.61
N LYS A 366 25.04 -18.57 11.38
CA LYS A 366 24.93 -19.89 11.99
C LYS A 366 26.02 -20.82 11.48
N LEU A 367 26.32 -20.77 10.18
CA LEU A 367 27.39 -21.59 9.64
C LEU A 367 28.73 -21.22 10.25
N ILE A 368 28.98 -19.93 10.46
CA ILE A 368 30.23 -19.49 11.06
C ILE A 368 30.41 -20.09 12.45
N LEU A 369 29.35 -20.12 13.26
CA LEU A 369 29.43 -20.72 14.58
C LEU A 369 29.54 -22.24 14.52
N SER A 370 28.84 -22.88 13.57
CA SER A 370 28.85 -24.33 13.49
C SER A 370 30.12 -24.90 12.89
N ILE A 371 30.90 -24.08 12.18
CA ILE A 371 32.13 -24.54 11.54
C ILE A 371 33.31 -24.23 12.45
N ARG A 372 33.02 -23.82 13.69
CA ARG A 372 34.05 -23.40 14.63
C ARG A 372 35.02 -24.52 14.97
N HIS A 373 34.62 -25.78 14.85
CA HIS A 373 35.48 -26.89 15.25
C HIS A 373 36.49 -27.28 14.19
N GLN A 374 36.36 -26.77 12.97
CA GLN A 374 37.28 -27.12 11.88
C GLN A 374 38.43 -26.13 11.74
N LEU A 375 38.57 -25.19 12.67
CA LEU A 375 39.61 -24.18 12.63
C LEU A 375 40.61 -24.39 13.76
N PRO A 376 41.83 -23.89 13.61
CA PRO A 376 42.82 -24.01 14.69
C PRO A 376 42.33 -23.36 15.98
N LYS A 377 43.07 -23.62 17.07
CA LYS A 377 42.62 -23.20 18.39
C LYS A 377 42.61 -21.67 18.53
N GLU A 378 43.48 -20.98 17.81
CA GLU A 378 43.51 -19.52 17.88
C GLU A 378 42.35 -18.87 17.14
N TYR A 379 41.86 -19.47 16.06
CA TYR A 379 40.73 -18.95 15.33
C TYR A 379 39.39 -19.41 15.90
N SER A 380 39.40 -20.23 16.95
CA SER A 380 38.17 -20.74 17.55
C SER A 380 37.68 -19.89 18.70
N SER A 381 38.57 -19.20 19.41
CA SER A 381 38.18 -18.35 20.52
C SER A 381 37.68 -16.97 20.08
N GLU A 382 37.77 -16.66 18.79
CA GLU A 382 37.30 -15.37 18.28
C GLU A 382 35.84 -15.43 17.83
N LEU A 383 35.39 -16.56 17.31
CA LEU A 383 34.07 -16.68 16.71
C LEU A 383 32.94 -16.79 17.73
N LEU A 384 33.21 -16.54 19.01
CA LEU A 384 32.14 -16.59 20.01
C LEU A 384 31.42 -15.26 20.16
N CYS A 385 32.15 -14.15 20.05
CA CYS A 385 31.54 -12.83 20.14
C CYS A 385 30.74 -12.54 18.87
N PRO A 386 29.47 -12.17 18.99
CA PRO A 386 28.66 -11.93 17.77
C PRO A 386 29.20 -10.81 16.90
N ARG A 387 29.83 -9.80 17.49
CA ARG A 387 30.35 -8.68 16.71
C ARG A 387 31.49 -9.11 15.80
N LYS A 388 32.24 -10.15 16.17
CA LYS A 388 33.25 -10.71 15.27
C LYS A 388 32.63 -11.56 14.17
N ARG A 389 31.59 -12.34 14.51
CA ARG A 389 30.91 -13.14 13.51
C ARG A 389 30.21 -12.29 12.46
N LYS A 390 29.68 -11.13 12.84
CA LYS A 390 29.14 -10.20 11.86
C LYS A 390 30.21 -9.70 10.89
N THR A 391 31.41 -9.40 11.39
CA THR A 391 32.52 -9.04 10.52
C THR A 391 32.89 -10.18 9.57
N VAL A 392 32.93 -11.40 10.10
CA VAL A 392 33.26 -12.56 9.25
C VAL A 392 32.21 -12.71 8.14
N GLU A 393 30.94 -12.59 8.50
CA GLU A 393 29.88 -12.70 7.51
C GLU A 393 29.94 -11.57 6.49
N ALA A 394 30.27 -10.35 6.93
CA ALA A 394 30.42 -9.25 5.99
C ALA A 394 31.55 -9.48 5.01
N ASN A 395 32.69 -10.01 5.48
CA ASN A 395 33.77 -10.36 4.58
C ASN A 395 33.35 -11.45 3.60
N ILE A 396 32.66 -12.47 4.09
CA ILE A 396 32.28 -13.59 3.22
C ILE A 396 31.28 -13.13 2.16
N ARG A 397 30.36 -12.25 2.54
CA ARG A 397 29.39 -11.74 1.57
C ARG A 397 30.07 -10.92 0.47
N ASP A 398 31.21 -10.32 0.77
CA ASP A 398 31.94 -9.53 -0.21
C ASP A 398 32.95 -10.36 -1.01
N MET A 399 33.32 -11.55 -0.52
CA MET A 399 34.24 -12.39 -1.27
C MET A 399 33.54 -13.38 -2.20
N LEU A 400 32.21 -13.42 -2.20
CA LEU A 400 31.44 -14.26 -3.12
C LEU A 400 31.00 -13.38 -4.29
N VAL A 401 31.77 -13.41 -5.38
CA VAL A 401 31.51 -12.55 -6.53
C VAL A 401 30.90 -13.30 -7.71
N ASP A 402 31.28 -14.55 -7.93
CA ASP A 402 30.78 -15.33 -9.07
C ASP A 402 29.68 -16.28 -8.61
N SER A 403 28.57 -16.26 -9.33
CA SER A 403 27.43 -17.10 -9.02
C SER A 403 27.62 -18.51 -9.55
N VAL A 404 26.71 -19.40 -9.16
CA VAL A 404 26.77 -20.81 -9.51
C VAL A 404 25.38 -21.27 -9.93
N GLU A 405 25.33 -22.40 -10.63
CA GLU A 405 24.07 -23.03 -11.02
C GLU A 405 23.63 -24.01 -9.95
N THR A 406 22.32 -24.07 -9.72
CA THR A 406 21.75 -24.91 -8.69
C THR A 406 20.78 -25.92 -9.28
N ASP A 407 20.77 -27.12 -8.70
CA ASP A 407 19.84 -28.19 -9.05
C ASP A 407 19.97 -28.58 -10.53
N THR A 408 21.20 -28.91 -10.93
CA THR A 408 21.47 -29.32 -12.30
C THR A 408 21.05 -30.75 -12.60
N TYR A 409 21.05 -31.62 -11.59
CA TYR A 409 20.74 -33.03 -11.82
C TYR A 409 19.24 -33.26 -11.66
N PRO A 410 18.55 -33.74 -12.68
CA PRO A 410 17.09 -33.94 -12.58
C PRO A 410 16.65 -35.28 -12.02
N ASP A 411 17.56 -36.23 -11.82
CA ASP A 411 17.20 -37.58 -11.40
C ASP A 411 17.82 -37.93 -10.06
N LYS A 412 17.76 -37.00 -9.10
CA LYS A 412 18.20 -37.23 -7.74
C LYS A 412 17.14 -36.71 -6.79
N LEU A 413 16.93 -37.43 -5.68
CA LEU A 413 15.88 -37.07 -4.74
C LEU A 413 16.51 -36.71 -3.40
N PRO A 414 16.31 -35.49 -2.89
CA PRO A 414 16.99 -35.07 -1.66
C PRO A 414 16.23 -35.43 -0.39
N PHE A 415 16.98 -35.55 0.70
CA PHE A 415 16.45 -35.82 2.02
C PHE A 415 17.30 -35.07 3.04
N LYS A 416 16.73 -34.89 4.24
CA LYS A 416 17.37 -34.10 5.29
C LYS A 416 18.80 -34.54 5.56
N ASN A 417 19.12 -35.81 5.34
CA ASN A 417 20.46 -36.33 5.63
C ASN A 417 21.06 -37.01 4.41
N GLY A 418 20.73 -36.55 3.21
CA GLY A 418 21.41 -37.08 2.05
C GLY A 418 20.60 -37.20 0.77
N VAL A 419 21.28 -37.43 -0.35
CA VAL A 419 20.65 -37.47 -1.66
C VAL A 419 20.60 -38.92 -2.14
N LEU A 420 19.41 -39.37 -2.54
CA LEU A 420 19.21 -40.70 -3.08
C LEU A 420 19.26 -40.64 -4.60
N ASP A 421 20.04 -41.52 -5.19
CA ASP A 421 20.15 -41.62 -6.65
C ASP A 421 18.98 -42.42 -7.19
N LEU A 422 18.33 -41.88 -8.22
CA LEU A 422 17.14 -42.54 -8.76
C LEU A 422 17.49 -43.61 -9.78
N VAL A 423 18.48 -43.33 -10.63
CA VAL A 423 18.82 -44.28 -11.70
C VAL A 423 19.40 -45.57 -11.12
N ASP A 424 20.27 -45.45 -10.12
CA ASP A 424 20.93 -46.63 -9.55
C ASP A 424 20.18 -47.18 -8.33
N GLY A 425 20.01 -46.35 -7.31
CA GLY A 425 19.30 -46.74 -6.10
C GLY A 425 20.08 -46.56 -4.82
N MET A 426 21.39 -46.31 -4.88
CA MET A 426 22.18 -46.12 -3.67
C MET A 426 21.90 -44.75 -3.07
N PHE A 427 21.84 -44.70 -1.74
CA PHE A 427 21.56 -43.46 -1.01
C PHE A 427 22.89 -42.87 -0.53
N TYR A 428 23.32 -41.78 -1.17
CA TYR A 428 24.55 -41.10 -0.80
C TYR A 428 24.28 -40.22 0.40
N SER A 429 25.21 -40.20 1.36
CA SER A 429 25.07 -39.41 2.57
C SER A 429 26.34 -38.61 2.84
N GLY A 430 26.19 -37.52 3.58
CA GLY A 430 27.31 -36.70 3.96
C GLY A 430 27.93 -35.97 2.79
N ASP A 431 29.27 -35.95 2.77
CA ASP A 431 30.01 -35.25 1.73
C ASP A 431 29.69 -35.75 0.34
N ASP A 432 29.38 -37.04 0.20
CA ASP A 432 29.02 -37.58 -1.11
C ASP A 432 27.76 -36.96 -1.67
N ALA A 433 26.90 -36.38 -0.83
CA ALA A 433 25.71 -35.67 -1.27
C ALA A 433 25.97 -34.19 -1.51
N LYS A 434 27.15 -33.68 -1.16
CA LYS A 434 27.45 -32.27 -1.35
C LYS A 434 27.55 -31.91 -2.82
N LYS A 435 28.09 -32.82 -3.64
CA LYS A 435 28.28 -32.53 -5.06
C LYS A 435 26.96 -32.24 -5.75
N TYR A 436 25.92 -33.02 -5.43
CA TYR A 436 24.60 -32.80 -6.00
C TYR A 436 23.94 -31.60 -5.33
N THR A 437 24.08 -30.42 -5.93
CA THR A 437 23.62 -29.17 -5.32
C THR A 437 22.09 -29.09 -5.43
N CYS A 438 21.42 -29.90 -4.61
CA CYS A 438 19.97 -29.89 -4.50
C CYS A 438 19.62 -29.17 -3.20
N THR A 439 19.05 -27.96 -3.33
CA THR A 439 18.79 -27.15 -2.14
C THR A 439 17.45 -27.51 -1.50
N VAL A 440 16.43 -27.78 -2.31
CA VAL A 440 15.16 -28.24 -1.75
C VAL A 440 15.34 -29.66 -1.21
N SER A 441 14.49 -30.02 -0.25
CA SER A 441 14.58 -31.30 0.43
C SER A 441 13.18 -31.82 0.72
N THR A 442 13.12 -33.04 1.26
CA THR A 442 11.85 -33.63 1.68
C THR A 442 11.47 -33.25 3.10
N GLY A 443 12.44 -32.90 3.94
CA GLY A 443 12.17 -32.45 5.29
C GLY A 443 12.33 -33.47 6.39
N PHE A 444 12.79 -34.68 6.08
CA PHE A 444 12.96 -35.71 7.09
C PHE A 444 14.13 -36.62 6.71
N LYS A 445 14.66 -37.31 7.71
CA LYS A 445 15.76 -38.23 7.47
C LYS A 445 15.25 -39.49 6.76
N PHE A 446 16.13 -40.08 5.96
CA PHE A 446 15.81 -41.28 5.19
C PHE A 446 16.45 -42.48 5.87
N ASP A 447 15.65 -43.51 6.13
CA ASP A 447 16.10 -44.73 6.79
C ASP A 447 15.99 -45.89 5.81
N ASP A 448 17.11 -46.60 5.62
CA ASP A 448 17.14 -47.73 4.71
C ASP A 448 16.44 -48.97 5.26
N THR A 449 16.31 -49.08 6.58
CA THR A 449 15.63 -50.21 7.20
C THR A 449 14.18 -50.34 6.79
N LYS A 450 13.43 -49.23 6.77
CA LYS A 450 12.05 -49.24 6.31
C LYS A 450 11.91 -49.25 4.80
N PHE A 451 12.99 -49.02 4.06
CA PHE A 451 12.97 -49.04 2.60
C PHE A 451 12.99 -50.45 2.02
N VAL A 452 12.80 -51.47 2.86
CA VAL A 452 12.82 -52.85 2.39
C VAL A 452 11.64 -53.10 1.45
N GLU A 453 11.79 -54.13 0.62
CA GLU A 453 10.76 -54.43 -0.37
C GLU A 453 9.55 -55.11 0.26
N ASP A 454 9.78 -55.97 1.26
CA ASP A 454 8.72 -56.78 1.85
C ASP A 454 8.46 -56.38 3.28
N SER A 455 7.19 -56.13 3.61
CA SER A 455 6.72 -55.81 4.94
C SER A 455 5.20 -55.73 4.88
N PRO A 456 4.51 -55.86 6.03
CA PRO A 456 3.05 -55.69 6.01
C PRO A 456 2.63 -54.33 5.50
N GLU A 457 3.50 -53.33 5.65
CA GLU A 457 3.18 -51.97 5.24
C GLU A 457 2.92 -51.90 3.73
N MET A 458 3.83 -52.49 2.93
CA MET A 458 3.63 -52.44 1.49
C MET A 458 2.49 -53.36 1.07
N GLU A 459 2.17 -54.38 1.89
CA GLU A 459 0.95 -55.14 1.66
C GLU A 459 -0.28 -54.23 1.75
N GLU A 460 -0.35 -53.43 2.81
CA GLU A 460 -1.45 -52.48 2.93
C GLU A 460 -1.45 -51.52 1.75
N LEU A 461 -0.27 -51.08 1.30
CA LEU A 461 -0.22 -50.16 0.18
C LEU A 461 -0.73 -50.76 -1.12
N MET A 462 -0.21 -51.93 -1.49
CA MET A 462 -0.61 -52.51 -2.81
C MET A 462 -2.11 -52.79 -2.76
N ASN A 463 -2.60 -53.32 -1.65
CA ASN A 463 -4.03 -53.55 -1.50
C ASN A 463 -4.81 -52.26 -1.69
N ILE A 464 -4.38 -51.18 -1.03
CA ILE A 464 -5.11 -49.91 -1.07
C ILE A 464 -5.12 -49.34 -2.49
N ILE A 465 -3.97 -49.37 -3.16
CA ILE A 465 -3.91 -48.76 -4.50
C ILE A 465 -4.66 -49.62 -5.51
N ASN A 466 -4.60 -50.95 -5.37
CA ASN A 466 -5.43 -51.79 -6.23
C ASN A 466 -6.91 -51.55 -5.98
N ASP A 467 -7.28 -51.19 -4.75
CA ASP A 467 -8.66 -50.77 -4.49
C ASP A 467 -8.97 -49.46 -5.20
N ILE A 468 -8.10 -48.47 -5.06
CA ILE A 468 -8.34 -47.15 -5.64
C ILE A 468 -8.37 -47.23 -7.17
N GLN A 469 -7.34 -47.84 -7.75
CA GLN A 469 -7.26 -48.05 -9.19
C GLN A 469 -7.12 -49.54 -9.44
N PRO A 470 -8.20 -50.20 -9.86
CA PRO A 470 -8.14 -51.65 -10.10
C PRO A 470 -7.20 -51.98 -11.26
N LEU A 471 -6.64 -53.18 -11.18
CA LEU A 471 -5.71 -53.68 -12.18
C LEU A 471 -6.41 -54.39 -13.33
N THR A 472 -7.68 -54.05 -13.58
CA THR A 472 -8.48 -54.71 -14.61
C THR A 472 -8.01 -54.28 -16.00
N ASP A 473 -8.66 -54.83 -17.03
CA ASP A 473 -8.24 -54.62 -18.41
C ASP A 473 -8.62 -53.23 -18.94
N GLU A 474 -9.84 -52.76 -18.65
CA GLU A 474 -10.24 -51.44 -19.14
C GLU A 474 -9.48 -50.34 -18.41
N ASN A 475 -9.19 -50.54 -17.13
CA ASN A 475 -8.38 -49.60 -16.35
C ASN A 475 -6.91 -50.02 -16.38
N LYS A 476 -6.40 -50.19 -17.60
CA LYS A 476 -4.99 -50.51 -17.82
C LYS A 476 -4.26 -49.38 -18.53
N LYS A 477 -4.84 -48.82 -19.58
CA LYS A 477 -4.29 -47.61 -20.18
C LYS A 477 -4.29 -46.43 -19.21
N ASN A 478 -5.36 -46.26 -18.43
CA ASN A 478 -5.40 -45.24 -17.39
C ASN A 478 -4.51 -45.56 -16.22
N ARG A 479 -4.35 -46.84 -15.88
CA ARG A 479 -3.47 -47.22 -14.78
C ARG A 479 -2.02 -46.85 -15.07
N GLU A 480 -1.54 -47.14 -16.28
CA GLU A 480 -0.14 -46.89 -16.58
C GLU A 480 0.15 -45.39 -16.70
N LEU A 481 -0.81 -44.60 -17.18
CA LEU A 481 -0.57 -43.15 -17.22
C LEU A 481 -0.69 -42.54 -15.83
N TYR A 482 -1.50 -43.15 -14.96
CA TYR A 482 -1.48 -42.79 -13.55
C TYR A 482 -0.12 -43.07 -12.93
N GLU A 483 0.44 -44.26 -13.24
CA GLU A 483 1.79 -44.58 -12.82
C GLU A 483 2.79 -43.55 -13.33
N LYS A 484 2.67 -43.17 -14.60
CA LYS A 484 3.56 -42.17 -15.18
C LYS A 484 3.47 -40.85 -14.44
N THR A 485 2.25 -40.41 -14.15
CA THR A 485 2.05 -39.14 -13.45
C THR A 485 2.65 -39.19 -12.05
N LEU A 486 2.43 -40.28 -11.33
CA LEU A 486 2.94 -40.37 -9.96
C LEU A 486 4.46 -40.53 -9.93
N SER A 487 5.04 -41.20 -10.93
CA SER A 487 6.48 -41.37 -11.01
C SER A 487 7.19 -40.11 -11.48
N SER A 488 6.53 -39.28 -12.31
CA SER A 488 7.14 -38.03 -12.75
C SER A 488 7.28 -37.04 -11.61
N CYS A 489 6.66 -37.29 -10.46
CA CYS A 489 6.71 -36.42 -9.30
C CYS A 489 8.09 -36.37 -8.66
N LEU A 490 9.05 -37.18 -9.11
CA LEU A 490 10.39 -37.19 -8.54
C LEU A 490 11.42 -36.44 -9.38
N CYS A 491 11.26 -36.43 -10.70
CA CYS A 491 12.25 -35.83 -11.59
C CYS A 491 12.26 -34.31 -11.43
N GLY A 492 13.46 -33.75 -11.28
CA GLY A 492 13.62 -32.31 -11.13
C GLY A 492 13.90 -31.57 -12.42
N ALA A 493 13.04 -31.75 -13.42
CA ALA A 493 13.16 -31.07 -14.69
C ALA A 493 11.83 -30.39 -15.02
N THR A 494 11.88 -29.46 -15.96
CA THR A 494 10.67 -28.76 -16.38
C THR A 494 9.75 -29.71 -17.15
N LYS A 495 8.49 -29.76 -16.74
CA LYS A 495 7.51 -30.64 -17.36
C LYS A 495 6.70 -29.85 -18.39
N GLY A 496 5.83 -30.53 -19.13
CA GLY A 496 5.08 -29.90 -20.19
C GLY A 496 3.66 -30.41 -20.35
N CYS A 497 3.04 -30.87 -19.25
CA CYS A 497 1.67 -31.37 -19.32
C CYS A 497 0.86 -30.86 -18.13
N LEU A 498 -0.47 -30.97 -18.26
CA LEU A 498 -1.41 -30.56 -17.23
C LEU A 498 -2.11 -31.82 -16.73
N THR A 499 -2.09 -32.04 -15.42
CA THR A 499 -2.73 -33.23 -14.87
C THR A 499 -4.07 -32.87 -14.22
N PHE A 500 -5.11 -33.59 -14.61
CA PHE A 500 -6.46 -33.39 -14.11
C PHE A 500 -6.98 -34.68 -13.48
N PHE A 501 -7.26 -34.62 -12.18
CA PHE A 501 -7.78 -35.78 -11.45
C PHE A 501 -9.30 -35.81 -11.54
N PHE A 502 -9.79 -36.21 -12.71
CA PHE A 502 -11.23 -36.21 -12.94
C PHE A 502 -11.87 -37.45 -12.34
N GLY A 503 -13.01 -37.27 -11.70
CA GLY A 503 -13.75 -38.37 -11.09
C GLY A 503 -14.78 -37.86 -10.12
N GLU A 504 -15.62 -38.77 -9.66
CA GLU A 504 -16.65 -38.45 -8.69
C GLU A 504 -16.03 -38.42 -7.29
N THR A 505 -16.78 -37.91 -6.33
CA THR A 505 -16.29 -37.79 -4.96
C THR A 505 -16.29 -39.15 -4.27
N ALA A 506 -15.61 -39.21 -3.12
CA ALA A 506 -15.47 -40.43 -2.33
C ALA A 506 -14.90 -41.56 -3.18
N THR A 507 -13.79 -41.26 -3.85
CA THR A 507 -13.16 -42.18 -4.78
C THR A 507 -11.71 -42.50 -4.45
N GLY A 508 -10.92 -41.55 -3.95
CA GLY A 508 -9.55 -41.83 -3.59
C GLY A 508 -8.55 -40.76 -3.97
N LYS A 509 -9.04 -39.67 -4.57
CA LYS A 509 -8.14 -38.60 -4.99
C LYS A 509 -7.43 -37.98 -3.79
N SER A 510 -8.18 -37.67 -2.73
CA SER A 510 -7.57 -37.12 -1.52
C SER A 510 -6.63 -38.13 -0.88
N THR A 511 -7.00 -39.42 -0.90
CA THR A 511 -6.09 -40.44 -0.39
C THR A 511 -4.78 -40.45 -1.15
N THR A 512 -4.83 -40.37 -2.48
CA THR A 512 -3.61 -40.34 -3.28
C THR A 512 -2.79 -39.09 -2.97
N LYS A 513 -3.46 -37.94 -2.84
CA LYS A 513 -2.72 -36.71 -2.56
C LYS A 513 -2.02 -36.79 -1.21
N ARG A 514 -2.66 -37.40 -0.21
CA ARG A 514 -2.00 -37.47 1.09
C ARG A 514 -0.90 -38.53 1.12
N LEU A 515 -1.04 -39.62 0.36
CA LEU A 515 0.10 -40.54 0.23
C LEU A 515 1.28 -39.83 -0.42
N LEU A 516 1.03 -39.06 -1.48
CA LEU A 516 2.12 -38.35 -2.13
C LEU A 516 2.74 -37.33 -1.19
N LYS A 517 1.92 -36.62 -0.41
CA LYS A 517 2.44 -35.67 0.57
C LYS A 517 3.30 -36.36 1.61
N SER A 518 2.81 -37.45 2.20
CA SER A 518 3.59 -38.18 3.19
C SER A 518 4.86 -38.78 2.59
N ALA A 519 4.87 -39.05 1.29
CA ALA A 519 6.06 -39.60 0.65
C ALA A 519 7.11 -38.52 0.44
N ILE A 520 6.72 -37.36 -0.10
CA ILE A 520 7.73 -36.39 -0.55
C ILE A 520 7.92 -35.19 0.35
N GLY A 521 7.14 -35.07 1.43
CA GLY A 521 7.39 -34.04 2.42
C GLY A 521 7.36 -32.60 1.92
N ASP A 522 8.42 -31.85 2.19
CA ASP A 522 8.44 -30.41 1.82
C ASP A 522 8.20 -30.23 0.32
N LEU A 523 8.72 -31.14 -0.51
CA LEU A 523 8.61 -30.98 -1.96
C LEU A 523 7.17 -30.95 -2.44
N PHE A 524 6.19 -30.91 -1.53
CA PHE A 524 4.79 -30.88 -1.87
C PHE A 524 4.14 -29.62 -1.32
N VAL A 525 3.41 -28.91 -2.18
CA VAL A 525 2.71 -27.70 -1.78
C VAL A 525 1.29 -27.78 -2.34
N GLU A 526 0.37 -27.06 -1.71
CA GLU A 526 -1.00 -26.92 -2.18
C GLU A 526 -1.29 -25.45 -2.42
N THR A 527 -1.42 -25.07 -3.69
CA THR A 527 -1.62 -23.68 -4.07
C THR A 527 -3.09 -23.41 -4.31
N GLY A 528 -3.42 -22.12 -4.34
CA GLY A 528 -4.78 -21.68 -4.56
C GLY A 528 -5.17 -21.75 -6.02
N GLN A 529 -6.39 -21.28 -6.29
CA GLN A 529 -6.93 -21.27 -7.65
C GLN A 529 -6.55 -20.00 -8.42
N THR A 530 -5.96 -19.01 -7.75
CA THR A 530 -5.53 -17.81 -8.46
C THR A 530 -4.38 -18.11 -9.42
N ILE A 531 -3.73 -19.27 -9.24
CA ILE A 531 -2.67 -19.69 -10.14
C ILE A 531 -3.19 -19.96 -11.54
N LEU A 532 -4.41 -20.47 -11.66
CA LEU A 532 -5.01 -20.83 -12.94
C LEU A 532 -5.88 -19.72 -13.53
N THR A 533 -6.77 -19.13 -12.75
CA THR A 533 -7.80 -18.23 -13.26
C THR A 533 -7.51 -16.77 -12.94
N ASP A 534 -6.24 -16.41 -12.79
CA ASP A 534 -5.88 -15.02 -12.55
C ASP A 534 -4.48 -14.76 -13.08
N VAL A 535 -4.20 -13.50 -13.39
CA VAL A 535 -2.90 -13.12 -13.94
C VAL A 535 -1.89 -13.04 -12.80
N LEU A 536 -0.83 -13.85 -12.90
CA LEU A 536 0.17 -13.98 -11.83
C LEU A 536 1.34 -13.02 -12.05
N ASP A 537 1.01 -11.73 -12.24
CA ASP A 537 2.06 -10.74 -12.44
C ASP A 537 1.75 -9.41 -11.76
N LYS A 538 0.78 -9.35 -10.86
CA LYS A 538 0.40 -8.09 -10.21
C LYS A 538 1.03 -8.01 -8.83
N GLY A 539 2.15 -7.28 -8.73
CA GLY A 539 2.78 -7.03 -7.47
C GLY A 539 3.26 -8.29 -6.78
N PRO A 540 3.22 -8.28 -5.44
CA PRO A 540 3.62 -9.48 -4.69
C PRO A 540 2.62 -10.61 -4.90
N ASN A 541 3.15 -11.84 -4.88
CA ASN A 541 2.33 -13.04 -5.03
C ASN A 541 3.08 -14.23 -4.46
N PRO A 542 2.99 -14.43 -3.13
CA PRO A 542 3.66 -15.59 -2.52
C PRO A 542 3.08 -16.92 -2.95
N PHE A 543 1.96 -16.92 -3.67
CA PHE A 543 1.39 -18.16 -4.20
C PHE A 543 2.19 -18.72 -5.37
N ILE A 544 3.06 -17.91 -5.97
CA ILE A 544 4.00 -18.36 -6.98
C ILE A 544 5.38 -18.62 -6.39
N ALA A 545 5.85 -17.73 -5.51
CA ALA A 545 7.15 -17.89 -4.86
C ALA A 545 7.23 -19.14 -4.00
N ASN A 546 6.09 -19.69 -3.57
CA ASN A 546 6.11 -20.94 -2.82
C ASN A 546 6.36 -22.15 -3.70
N MET A 547 5.91 -22.12 -4.96
CA MET A 547 6.11 -23.22 -5.90
C MET A 547 7.42 -23.04 -6.67
N HIS A 548 8.48 -22.82 -5.89
CA HIS A 548 9.82 -22.60 -6.41
C HIS A 548 10.61 -23.90 -6.22
N LEU A 549 11.02 -24.51 -7.34
CA LEU A 549 11.70 -25.80 -7.40
C LEU A 549 10.87 -26.95 -6.86
N LYS A 550 9.63 -26.71 -6.49
CA LYS A 550 8.80 -27.77 -5.92
C LYS A 550 8.44 -28.78 -7.00
N ARG A 551 8.66 -30.06 -6.70
CA ARG A 551 8.44 -31.13 -7.67
C ARG A 551 6.98 -31.26 -8.04
N SER A 552 6.07 -31.11 -7.07
CA SER A 552 4.64 -31.19 -7.31
C SER A 552 3.90 -30.18 -6.45
N VAL A 553 2.82 -29.64 -7.00
CA VAL A 553 1.88 -28.81 -6.26
C VAL A 553 0.47 -29.26 -6.62
N PHE A 554 -0.50 -28.89 -5.79
CA PHE A 554 -1.90 -29.23 -6.01
C PHE A 554 -2.74 -27.97 -6.06
N CYS A 555 -3.68 -27.93 -7.00
CA CYS A 555 -4.62 -26.83 -7.14
C CYS A 555 -6.02 -27.42 -7.18
N SER A 556 -6.33 -28.24 -6.18
CA SER A 556 -7.57 -29.01 -6.12
C SER A 556 -8.80 -28.11 -5.97
N GLU A 557 -9.97 -28.76 -5.94
CA GLU A 557 -11.26 -28.09 -5.73
C GLU A 557 -11.53 -27.05 -6.82
N LEU A 558 -11.60 -27.55 -8.05
CA LEU A 558 -11.98 -26.70 -9.17
C LEU A 558 -13.51 -26.52 -9.18
N PRO A 559 -14.00 -25.30 -9.18
CA PRO A 559 -15.45 -25.06 -9.15
C PRO A 559 -16.07 -25.28 -10.52
N ASP A 560 -17.39 -25.27 -10.55
CA ASP A 560 -18.12 -25.42 -11.80
C ASP A 560 -18.00 -24.17 -12.65
N PHE A 561 -18.28 -24.31 -13.95
CA PHE A 561 -18.12 -23.20 -14.88
C PHE A 561 -19.39 -22.89 -15.66
N ALA A 562 -20.31 -23.85 -15.78
CA ALA A 562 -21.58 -23.61 -16.47
C ALA A 562 -22.65 -23.14 -15.47
N CYS A 563 -22.31 -22.08 -14.73
CA CYS A 563 -23.18 -21.51 -13.73
C CYS A 563 -23.29 -20.01 -13.94
N SER A 564 -24.23 -19.38 -13.22
CA SER A 564 -24.48 -17.95 -13.32
C SER A 564 -23.39 -17.20 -12.56
N GLY A 565 -22.27 -17.00 -13.23
CA GLY A 565 -21.16 -16.26 -12.65
C GLY A 565 -20.01 -17.16 -12.22
N SER A 566 -18.98 -17.26 -13.06
CA SER A 566 -17.82 -18.08 -12.77
C SER A 566 -16.70 -17.77 -13.76
N LYS A 567 -15.47 -17.63 -13.25
CA LYS A 567 -14.33 -17.38 -14.11
C LYS A 567 -13.92 -18.68 -14.83
N LYS A 568 -13.03 -18.54 -15.81
CA LYS A 568 -12.60 -19.66 -16.62
C LYS A 568 -11.14 -19.99 -16.32
N ILE A 569 -10.66 -21.05 -16.98
CA ILE A 569 -9.31 -21.58 -16.76
C ILE A 569 -8.29 -20.56 -17.24
N ARG A 570 -8.69 -19.68 -18.16
CA ARG A 570 -7.82 -18.64 -18.72
C ARG A 570 -6.63 -19.29 -19.42
N SER A 571 -6.96 -19.96 -20.54
CA SER A 571 -6.03 -20.76 -21.34
C SER A 571 -4.63 -20.17 -21.45
N ASP A 572 -4.53 -18.86 -21.66
CA ASP A 572 -3.21 -18.24 -21.80
C ASP A 572 -2.35 -18.44 -20.55
N ASN A 573 -2.98 -18.61 -19.38
CA ASN A 573 -2.23 -18.80 -18.15
C ASN A 573 -1.49 -20.14 -18.10
N ILE A 574 -1.98 -21.17 -18.80
CA ILE A 574 -1.35 -22.48 -18.73
C ILE A 574 -0.04 -22.55 -19.49
N LYS A 575 0.18 -21.69 -20.48
CA LYS A 575 1.47 -21.68 -21.16
C LYS A 575 2.54 -21.08 -20.27
N LYS A 576 2.16 -20.18 -19.35
CA LYS A 576 3.09 -19.68 -18.34
C LYS A 576 3.56 -20.80 -17.41
N LEU A 577 2.79 -21.87 -17.30
CA LEU A 577 3.06 -22.96 -16.38
C LEU A 577 4.00 -24.02 -16.97
N THR A 578 4.32 -23.93 -18.25
CA THR A 578 5.22 -24.87 -18.89
C THR A 578 6.62 -24.33 -19.11
N GLU A 579 6.81 -23.02 -19.00
CA GLU A 579 8.14 -22.44 -19.13
C GLU A 579 8.91 -22.58 -17.81
N PRO A 580 10.23 -22.67 -17.87
CA PRO A 580 11.02 -22.79 -16.64
C PRO A 580 11.29 -21.46 -15.97
N CYS A 581 10.56 -20.42 -16.37
CA CYS A 581 10.81 -19.05 -15.92
C CYS A 581 9.55 -18.41 -15.36
N VAL A 582 8.85 -19.13 -14.49
CA VAL A 582 7.63 -18.59 -13.89
C VAL A 582 7.94 -17.33 -13.10
N ILE A 583 7.16 -16.29 -13.34
CA ILE A 583 7.39 -14.98 -12.74
C ILE A 583 6.54 -14.82 -11.49
N GLY A 584 7.02 -14.00 -10.56
CA GLY A 584 6.30 -13.74 -9.32
C GLY A 584 7.22 -13.56 -8.13
N ARG A 585 7.00 -12.49 -7.35
CA ARG A 585 7.89 -12.21 -6.24
C ARG A 585 7.13 -12.18 -4.92
N PRO A 586 7.76 -12.62 -3.83
CA PRO A 586 7.14 -12.52 -2.51
C PRO A 586 7.36 -11.13 -1.91
N CYS A 587 6.65 -10.88 -0.81
CA CYS A 587 6.69 -9.58 -0.17
C CYS A 587 8.07 -9.28 0.40
N PHE A 588 8.43 -8.00 0.41
CA PHE A 588 9.68 -7.50 0.99
C PHE A 588 10.90 -8.19 0.37
N SER A 589 10.86 -8.39 -0.95
CA SER A 589 11.96 -9.06 -1.63
C SER A 589 11.92 -8.68 -3.11
N ASN A 590 13.04 -8.94 -3.79
CA ASN A 590 13.18 -8.64 -5.20
C ASN A 590 13.36 -9.86 -6.09
N LYS A 591 13.17 -11.07 -5.56
CA LYS A 591 13.28 -12.28 -6.36
C LYS A 591 11.99 -12.53 -7.11
N ILE A 592 11.98 -12.29 -8.41
CA ILE A 592 10.74 -12.26 -9.19
C ILE A 592 10.58 -13.51 -10.04
N ASN A 593 11.68 -14.14 -10.46
CA ASN A 593 11.62 -15.32 -11.32
C ASN A 593 11.95 -16.57 -10.51
N ASN A 594 11.17 -17.63 -10.73
CA ASN A 594 11.36 -18.90 -10.03
C ASN A 594 11.35 -20.05 -11.03
N ARG A 595 12.10 -21.10 -10.69
CA ARG A 595 12.25 -22.26 -11.58
C ARG A 595 11.04 -23.18 -11.43
N ASN A 596 10.61 -23.77 -12.55
CA ASN A 596 9.39 -24.56 -12.61
C ASN A 596 9.74 -26.02 -12.81
N HIS A 597 9.87 -26.76 -11.71
CA HIS A 597 10.03 -28.21 -11.73
C HIS A 597 8.72 -28.93 -11.46
N ALA A 598 7.62 -28.20 -11.30
CA ALA A 598 6.39 -28.78 -10.77
C ALA A 598 5.68 -29.65 -11.80
N THR A 599 5.10 -30.75 -11.32
CA THR A 599 4.13 -31.53 -12.06
C THR A 599 2.78 -31.22 -11.41
N ILE A 600 2.20 -30.08 -11.79
CA ILE A 600 1.04 -29.58 -11.09
C ILE A 600 -0.16 -30.46 -11.39
N ILE A 601 -0.99 -30.71 -10.38
CA ILE A 601 -2.12 -31.62 -10.48
C ILE A 601 -3.38 -30.88 -10.08
N ILE A 602 -4.39 -30.92 -10.95
CA ILE A 602 -5.67 -30.26 -10.69
C ILE A 602 -6.68 -31.33 -10.30
N ASP A 603 -6.96 -31.44 -9.00
CA ASP A 603 -7.95 -32.40 -8.50
C ASP A 603 -9.31 -31.73 -8.62
N THR A 604 -10.05 -32.10 -9.66
CA THR A 604 -11.33 -31.48 -9.96
C THR A 604 -12.45 -32.50 -9.83
N ASN A 605 -13.69 -31.99 -9.89
CA ASN A 605 -14.88 -32.84 -9.94
C ASN A 605 -15.65 -32.71 -11.25
N TYR A 606 -15.40 -31.67 -12.04
CA TYR A 606 -16.04 -31.49 -13.33
C TYR A 606 -14.98 -31.14 -14.37
N LYS A 607 -15.26 -31.45 -15.63
CA LYS A 607 -14.30 -31.16 -16.69
C LYS A 607 -14.18 -29.65 -16.89
N PRO A 608 -12.96 -29.13 -16.97
CA PRO A 608 -12.77 -27.67 -17.00
C PRO A 608 -13.19 -27.07 -18.33
N VAL A 609 -13.42 -25.76 -18.29
CA VAL A 609 -13.74 -24.96 -19.48
C VAL A 609 -12.71 -23.83 -19.55
N PHE A 610 -11.89 -23.83 -20.59
CA PHE A 610 -10.87 -22.81 -20.75
C PHE A 610 -11.48 -21.53 -21.34
N ASP A 611 -10.72 -20.43 -21.24
CA ASP A 611 -11.19 -19.16 -21.80
C ASP A 611 -11.34 -19.26 -23.31
N ARG A 612 -10.34 -19.84 -23.98
CA ARG A 612 -10.37 -20.04 -25.43
C ARG A 612 -9.67 -21.34 -25.76
N ILE A 613 -10.16 -22.05 -26.75
CA ILE A 613 -9.62 -23.35 -27.10
C ILE A 613 -8.96 -23.28 -28.47
N ASP A 614 -7.74 -23.80 -28.55
CA ASP A 614 -6.97 -23.78 -29.80
C ASP A 614 -6.13 -25.05 -29.88
N ASN A 615 -5.39 -25.17 -30.99
CA ASN A 615 -4.59 -26.34 -31.32
C ASN A 615 -3.33 -26.46 -30.46
N ALA A 616 -2.85 -25.39 -29.83
CA ALA A 616 -1.64 -25.45 -29.00
C ALA A 616 -1.92 -25.92 -27.59
N LEU A 617 -3.16 -26.28 -27.27
CA LEU A 617 -3.54 -26.70 -25.93
C LEU A 617 -3.64 -28.21 -25.76
N MET A 618 -3.76 -28.96 -26.87
CA MET A 618 -3.96 -30.40 -26.77
C MET A 618 -2.69 -31.18 -26.49
N ARG A 619 -1.52 -30.51 -26.49
CA ARG A 619 -0.25 -31.19 -26.30
C ARG A 619 0.29 -31.06 -24.89
N ARG A 620 -0.48 -30.47 -23.96
CA ARG A 620 0.03 -30.22 -22.62
C ARG A 620 -1.04 -30.52 -21.56
N ILE A 621 -1.89 -31.51 -21.81
CA ILE A 621 -2.99 -31.82 -20.89
C ILE A 621 -3.17 -33.33 -20.81
N ALA A 622 -3.19 -33.85 -19.58
CA ALA A 622 -3.46 -35.26 -19.32
C ALA A 622 -4.49 -35.37 -18.20
N VAL A 623 -5.35 -36.39 -18.30
CA VAL A 623 -6.47 -36.56 -17.38
C VAL A 623 -6.47 -37.99 -16.87
N VAL A 624 -6.58 -38.16 -15.56
CA VAL A 624 -6.77 -39.48 -14.95
C VAL A 624 -8.22 -39.60 -14.51
N ARG A 625 -8.81 -40.75 -14.83
CA ARG A 625 -10.20 -41.04 -14.49
C ARG A 625 -10.25 -41.92 -13.25
N PHE A 626 -10.99 -41.45 -12.25
CA PHE A 626 -11.14 -42.16 -10.97
C PHE A 626 -12.53 -42.76 -10.92
N ARG A 627 -12.62 -44.07 -10.69
CA ARG A 627 -13.88 -44.79 -10.81
C ARG A 627 -14.32 -45.49 -9.54
N THR A 628 -13.40 -46.15 -8.83
CA THR A 628 -13.82 -46.99 -7.70
C THR A 628 -14.28 -46.13 -6.52
N HIS A 629 -15.57 -46.23 -6.20
CA HIS A 629 -16.15 -45.49 -5.10
C HIS A 629 -15.73 -46.09 -3.77
N LEU A 655 -8.97 -45.47 7.94
CA LEU A 655 -7.79 -45.55 7.10
C LEU A 655 -7.08 -44.21 7.02
N ASP A 656 -7.87 -43.15 6.89
CA ASP A 656 -7.35 -41.80 6.79
C ASP A 656 -6.52 -41.39 8.00
N GLY A 657 -6.76 -41.97 9.18
CA GLY A 657 -6.06 -41.52 10.37
C GLY A 657 -4.60 -41.92 10.43
N LYS A 658 -4.27 -43.13 10.01
CA LYS A 658 -2.88 -43.57 10.05
C LYS A 658 -2.05 -42.97 8.92
N ILE A 659 -2.70 -42.51 7.85
CA ILE A 659 -1.99 -41.85 6.75
C ILE A 659 -1.31 -40.57 7.25
N GLN A 660 -2.03 -39.78 8.05
CA GLN A 660 -1.48 -38.55 8.59
C GLN A 660 -0.30 -38.79 9.53
N ASN A 661 -0.14 -40.01 10.01
CA ASN A 661 0.95 -40.36 10.94
C ASN A 661 2.22 -40.77 10.22
N ASN A 662 2.41 -40.32 8.97
CA ASN A 662 3.57 -40.67 8.13
C ASN A 662 3.89 -42.16 8.18
N ARG A 663 2.86 -42.97 8.44
CA ARG A 663 3.06 -44.41 8.60
C ARG A 663 3.41 -45.08 7.29
N TYR A 664 2.72 -44.73 6.21
CA TYR A 664 2.81 -45.44 4.93
C TYR A 664 3.90 -44.85 4.03
N ARG A 665 4.83 -44.08 4.61
CA ARG A 665 5.79 -43.26 3.88
C ARG A 665 6.78 -44.05 3.04
N PHE A 666 7.67 -44.81 3.70
CA PHE A 666 8.82 -45.40 3.03
C PHE A 666 8.40 -46.44 2.00
N ALA A 667 7.37 -47.23 2.29
CA ALA A 667 6.91 -48.22 1.33
C ALA A 667 6.35 -47.54 0.08
N PHE A 668 5.62 -46.44 0.26
CA PHE A 668 5.14 -45.70 -0.91
C PHE A 668 6.28 -45.11 -1.71
N LEU A 669 7.30 -44.58 -1.04
CA LEU A 669 8.46 -44.05 -1.76
C LEU A 669 9.17 -45.15 -2.54
N TYR A 670 9.27 -46.35 -1.97
CA TYR A 670 9.88 -47.48 -2.66
C TYR A 670 9.07 -47.88 -3.88
N LEU A 671 7.74 -47.95 -3.74
CA LEU A 671 6.90 -48.21 -4.90
C LEU A 671 7.11 -47.15 -5.97
N LEU A 672 7.26 -45.89 -5.54
CA LEU A 672 7.45 -44.80 -6.49
C LEU A 672 8.77 -44.91 -7.24
N VAL A 673 9.86 -45.28 -6.54
CA VAL A 673 11.15 -45.37 -7.22
C VAL A 673 11.15 -46.57 -8.17
N LYS A 674 10.55 -47.69 -7.77
CA LYS A 674 10.42 -48.79 -8.71
C LYS A 674 9.58 -48.39 -9.93
N TRP A 675 8.52 -47.62 -9.71
CA TRP A 675 7.71 -47.19 -10.84
C TRP A 675 8.47 -46.22 -11.75
N TYR A 676 9.28 -45.34 -11.16
CA TYR A 676 10.16 -44.47 -11.95
C TYR A 676 11.12 -45.30 -12.80
N LYS A 677 11.73 -46.33 -12.21
CA LYS A 677 12.68 -47.13 -12.98
C LYS A 677 11.95 -48.18 -13.81
N LYS A 678 10.88 -47.76 -14.49
CA LYS A 678 10.26 -48.56 -15.55
C LYS A 678 9.80 -47.73 -16.73
N TYR A 679 9.69 -46.40 -16.60
CA TYR A 679 8.99 -45.58 -17.57
C TYR A 679 9.79 -44.35 -17.95
N HIS A 680 10.72 -43.93 -17.07
CA HIS A 680 11.41 -42.67 -17.22
C HIS A 680 12.92 -42.81 -17.17
N ILE A 681 13.44 -44.02 -17.32
CA ILE A 681 14.89 -44.25 -17.18
C ILE A 681 15.65 -43.54 -18.30
N PRO A 682 15.38 -43.81 -19.60
CA PRO A 682 16.17 -43.12 -20.64
C PRO A 682 15.90 -41.63 -20.70
N ILE A 683 14.64 -41.26 -20.92
CA ILE A 683 14.22 -39.87 -21.07
C ILE A 683 12.96 -39.68 -20.23
N MET A 684 12.90 -38.58 -19.48
CA MET A 684 11.70 -38.23 -18.72
C MET A 684 10.81 -37.37 -19.61
N LYS A 685 9.62 -37.89 -19.92
CA LYS A 685 8.68 -37.17 -20.78
C LYS A 685 7.26 -37.59 -20.39
N LEU A 686 6.33 -36.66 -20.51
CA LEU A 686 4.93 -36.91 -20.24
C LEU A 686 4.11 -36.71 -21.50
N TYR A 687 3.16 -37.60 -21.74
CA TYR A 687 2.37 -37.47 -22.96
C TYR A 687 0.97 -36.93 -22.65
N PRO A 688 0.43 -36.07 -23.50
CA PRO A 688 -0.91 -35.55 -23.28
C PRO A 688 -1.98 -36.58 -23.64
N THR A 689 -3.16 -36.41 -23.03
CA THR A 689 -4.33 -37.24 -23.30
C THR A 689 -5.49 -36.32 -23.67
N PRO A 690 -5.49 -35.78 -24.89
CA PRO A 690 -6.55 -34.82 -25.26
C PRO A 690 -7.88 -35.46 -25.62
N GLU A 691 -7.91 -36.76 -25.95
CA GLU A 691 -9.12 -37.39 -26.42
C GLU A 691 -10.23 -37.43 -25.37
N GLU A 692 -9.91 -37.25 -24.09
CA GLU A 692 -10.91 -37.30 -23.02
C GLU A 692 -11.86 -36.11 -23.02
N ILE A 693 -11.36 -34.91 -23.32
CA ILE A 693 -12.18 -33.70 -23.31
C ILE A 693 -13.15 -33.73 -24.47
N PRO A 694 -14.45 -33.56 -24.23
CA PRO A 694 -15.42 -33.60 -25.34
C PRO A 694 -15.16 -32.56 -26.42
N ASP A 695 -14.75 -31.35 -26.03
CA ASP A 695 -14.41 -30.33 -27.02
C ASP A 695 -13.21 -30.76 -27.85
N PHE A 696 -12.20 -31.33 -27.18
CA PHE A 696 -10.98 -31.72 -27.88
C PHE A 696 -11.24 -32.88 -28.84
N ALA A 697 -12.06 -33.85 -28.42
CA ALA A 697 -12.44 -34.93 -29.32
C ALA A 697 -13.29 -34.42 -30.48
N PHE A 698 -14.16 -33.44 -30.21
CA PHE A 698 -14.95 -32.85 -31.29
C PHE A 698 -14.05 -32.19 -32.32
N TYR A 699 -13.02 -31.45 -31.87
CA TYR A 699 -12.11 -30.81 -32.81
C TYR A 699 -11.37 -31.84 -33.65
N LEU A 700 -10.93 -32.94 -33.04
CA LEU A 700 -10.23 -33.98 -33.77
C LEU A 700 -11.13 -34.65 -34.81
N GLY B 323 35.58 -19.40 27.57
CA GLY B 323 36.08 -18.23 26.87
C GLY B 323 35.32 -16.96 27.18
N ASN B 324 34.02 -16.99 26.94
CA ASN B 324 33.17 -15.83 27.21
C ASN B 324 32.13 -16.16 28.27
N LYS B 325 32.00 -15.27 29.26
CA LYS B 325 31.01 -15.46 30.31
C LYS B 325 29.60 -15.47 29.74
N LEU B 326 29.31 -14.54 28.81
CA LEU B 326 28.01 -14.51 28.17
C LEU B 326 27.75 -15.75 27.31
N PHE B 327 28.77 -16.30 26.66
CA PHE B 327 28.62 -17.53 25.91
C PHE B 327 28.25 -18.70 26.80
N ASN B 328 28.89 -18.83 27.96
CA ASN B 328 28.52 -19.87 28.91
C ASN B 328 27.11 -19.65 29.46
N ILE B 329 26.75 -18.39 29.71
CA ILE B 329 25.40 -18.10 30.17
C ILE B 329 24.36 -18.51 29.13
N ALA B 330 24.63 -18.22 27.85
CA ALA B 330 23.75 -18.65 26.78
C ALA B 330 23.68 -20.17 26.65
N GLN B 331 24.80 -20.85 26.81
CA GLN B 331 24.79 -22.31 26.77
C GLN B 331 23.95 -22.90 27.91
N ARG B 332 24.04 -22.30 29.10
CA ARG B 332 23.27 -22.79 30.23
C ARG B 332 21.77 -22.68 29.98
N ILE B 333 21.32 -21.57 29.40
CA ILE B 333 19.91 -21.41 29.11
C ILE B 333 19.43 -22.46 28.12
N LEU B 334 20.21 -22.72 27.07
CA LEU B 334 19.84 -23.77 26.12
C LEU B 334 19.87 -25.16 26.74
N ASP B 335 20.71 -25.38 27.75
CA ASP B 335 20.76 -26.68 28.41
C ASP B 335 19.46 -27.03 29.11
N THR B 336 18.74 -26.03 29.64
CA THR B 336 17.46 -26.30 30.28
C THR B 336 16.33 -26.54 29.28
N ASN B 337 16.59 -26.33 27.99
CA ASN B 337 15.59 -26.55 26.93
C ASN B 337 14.34 -25.71 27.19
N SER B 338 14.54 -24.41 27.39
CA SER B 338 13.44 -23.47 27.57
C SER B 338 13.09 -22.72 26.29
N VAL B 339 14.04 -22.52 25.39
CA VAL B 339 13.81 -21.88 24.11
C VAL B 339 13.67 -22.95 23.04
N LEU B 340 12.70 -22.77 22.15
CA LEU B 340 12.49 -23.72 21.06
C LEU B 340 12.18 -22.94 19.79
N LEU B 341 12.55 -23.53 18.66
CA LEU B 341 12.33 -22.94 17.34
C LEU B 341 11.37 -23.83 16.57
N THR B 342 10.30 -23.24 16.06
CA THR B 342 9.28 -23.98 15.33
C THR B 342 9.53 -23.88 13.84
N GLU B 343 8.83 -24.73 13.07
CA GLU B 343 9.00 -24.75 11.63
C GLU B 343 8.52 -23.45 10.99
N ARG B 344 7.55 -22.78 11.63
CA ARG B 344 7.02 -21.54 11.11
C ARG B 344 8.04 -20.41 11.11
N GLY B 345 9.17 -20.56 11.81
CA GLY B 345 10.14 -19.50 11.91
C GLY B 345 10.03 -18.66 13.16
N ASP B 346 9.21 -19.07 14.12
CA ASP B 346 9.00 -18.32 15.36
C ASP B 346 9.86 -18.91 16.47
N HIS B 347 10.01 -18.15 17.54
CA HIS B 347 10.78 -18.56 18.71
C HIS B 347 9.85 -18.57 19.92
N ILE B 348 9.46 -19.77 20.35
CA ILE B 348 8.62 -19.92 21.53
C ILE B 348 9.52 -19.99 22.77
N VAL B 349 9.05 -19.40 23.86
CA VAL B 349 9.79 -19.37 25.11
C VAL B 349 8.91 -19.98 26.21
N TRP B 350 9.50 -20.14 27.39
CA TRP B 350 8.88 -20.86 28.50
C TRP B 350 8.99 -20.01 29.75
N ILE B 351 7.98 -19.18 30.00
CA ILE B 351 7.92 -18.34 31.20
C ILE B 351 6.62 -18.62 31.93
N ASN B 352 6.72 -18.80 33.25
CA ASN B 352 5.55 -18.98 34.12
C ASN B 352 4.70 -20.16 33.67
N ASN B 353 5.37 -21.29 33.40
CA ASN B 353 4.71 -22.56 33.10
C ASN B 353 3.74 -22.43 31.93
N SER B 354 4.21 -21.80 30.85
CA SER B 354 3.39 -21.64 29.66
C SER B 354 4.28 -21.28 28.48
N TRP B 355 4.09 -22.00 27.37
CA TRP B 355 4.82 -21.69 26.15
C TRP B 355 4.18 -20.49 25.45
N LYS B 356 4.91 -19.38 25.41
CA LYS B 356 4.40 -18.15 24.85
C LYS B 356 5.28 -17.69 23.70
N PHE B 357 4.66 -17.22 22.62
CA PHE B 357 5.39 -16.70 21.48
C PHE B 357 4.71 -15.43 20.99
N ASN B 358 5.52 -14.53 20.44
CA ASN B 358 5.02 -13.27 19.88
C ASN B 358 6.07 -12.77 18.90
N SER B 359 5.63 -12.39 17.70
CA SER B 359 6.57 -11.99 16.65
C SER B 359 7.00 -10.53 16.76
N GLU B 360 6.46 -9.76 17.71
CA GLU B 360 6.82 -8.36 17.87
C GLU B 360 7.45 -8.08 19.22
N GLU B 361 6.88 -8.60 20.30
CA GLU B 361 7.37 -8.31 21.63
C GLU B 361 8.72 -8.98 21.87
N PRO B 362 9.58 -8.38 22.69
CA PRO B 362 10.85 -9.02 23.07
C PRO B 362 10.61 -10.11 24.10
N LEU B 363 10.73 -11.37 23.68
CA LEU B 363 10.42 -12.51 24.54
C LEU B 363 11.66 -13.24 25.04
N ILE B 364 12.69 -13.38 24.20
CA ILE B 364 13.89 -14.07 24.65
C ILE B 364 14.59 -13.29 25.75
N THR B 365 14.60 -11.96 25.64
CA THR B 365 15.21 -11.14 26.68
C THR B 365 14.42 -11.22 27.99
N LYS B 366 13.10 -11.28 27.90
CA LYS B 366 12.28 -11.46 29.09
C LYS B 366 12.62 -12.77 29.81
N LEU B 367 12.75 -13.85 29.04
CA LEU B 367 13.11 -15.14 29.63
C LEU B 367 14.52 -15.09 30.21
N ILE B 368 15.44 -14.41 29.53
CA ILE B 368 16.80 -14.29 30.03
C ILE B 368 16.82 -13.58 31.37
N LEU B 369 16.05 -12.49 31.50
CA LEU B 369 15.96 -11.80 32.77
C LEU B 369 15.28 -12.65 33.83
N SER B 370 14.24 -13.40 33.46
CA SER B 370 13.49 -14.16 34.44
C SER B 370 14.28 -15.37 34.96
N ILE B 371 15.09 -15.98 34.12
CA ILE B 371 15.77 -17.23 34.45
C ILE B 371 17.00 -16.90 35.30
N ARG B 372 17.16 -15.63 35.64
CA ARG B 372 18.35 -15.18 36.38
C ARG B 372 18.52 -15.91 37.70
N HIS B 373 17.44 -16.34 38.34
CA HIS B 373 17.54 -17.09 39.59
C HIS B 373 17.65 -18.60 39.35
N GLN B 374 18.53 -18.97 38.45
CA GLN B 374 18.97 -20.34 38.23
C GLN B 374 20.48 -20.43 38.06
N LEU B 375 21.12 -19.35 37.60
CA LEU B 375 22.55 -19.34 37.40
C LEU B 375 23.28 -19.02 38.70
N PRO B 376 24.58 -19.34 38.78
CA PRO B 376 25.35 -18.95 39.97
C PRO B 376 25.44 -17.45 40.15
N LYS B 377 25.93 -17.01 41.30
CA LYS B 377 25.92 -15.59 41.64
C LYS B 377 26.77 -14.79 40.67
N GLU B 378 27.95 -15.30 40.31
CA GLU B 378 28.83 -14.57 39.41
C GLU B 378 28.23 -14.41 38.01
N TYR B 379 27.22 -15.19 37.66
CA TYR B 379 26.54 -15.06 36.38
C TYR B 379 25.27 -14.23 36.46
N SER B 380 24.71 -14.07 37.65
CA SER B 380 23.45 -13.34 37.83
C SER B 380 23.63 -11.83 37.84
N SER B 381 24.86 -11.32 37.94
CA SER B 381 25.07 -9.88 38.02
C SER B 381 25.26 -9.23 36.66
N GLU B 382 25.55 -10.01 35.61
CA GLU B 382 25.72 -9.43 34.28
C GLU B 382 24.38 -9.25 33.58
N LEU B 383 23.38 -10.06 33.91
CA LEU B 383 22.06 -9.97 33.29
C LEU B 383 21.26 -8.76 33.78
N LEU B 384 21.84 -7.91 34.62
CA LEU B 384 21.21 -6.67 35.02
C LEU B 384 21.57 -5.51 34.11
N CYS B 385 22.32 -5.79 33.05
CA CYS B 385 22.72 -4.78 32.06
C CYS B 385 21.96 -5.04 30.77
N PRO B 386 21.03 -4.17 30.38
CA PRO B 386 20.20 -4.46 29.19
C PRO B 386 21.00 -4.61 27.91
N ARG B 387 22.10 -3.87 27.75
CA ARG B 387 22.93 -4.04 26.56
C ARG B 387 23.72 -5.34 26.57
N LYS B 388 23.72 -6.07 27.68
CA LYS B 388 24.32 -7.39 27.74
C LYS B 388 23.29 -8.51 27.55
N ARG B 389 22.00 -8.20 27.68
CA ARG B 389 20.98 -9.22 27.41
C ARG B 389 20.61 -9.29 25.93
N LYS B 390 21.14 -8.40 25.10
CA LYS B 390 21.02 -8.52 23.66
C LYS B 390 22.19 -9.25 23.01
N THR B 391 23.20 -9.61 23.80
CA THR B 391 24.31 -10.42 23.30
C THR B 391 24.07 -11.91 23.57
N VAL B 392 23.63 -12.24 24.80
CA VAL B 392 23.24 -13.60 25.11
C VAL B 392 22.09 -14.04 24.23
N GLU B 393 21.11 -13.18 24.01
CA GLU B 393 20.03 -13.46 23.07
C GLU B 393 20.53 -13.62 21.65
N ALA B 394 21.54 -12.84 21.24
CA ALA B 394 22.16 -13.02 19.93
C ALA B 394 22.84 -14.36 19.78
N ASN B 395 23.49 -14.86 20.83
CA ASN B 395 24.07 -16.20 20.78
C ASN B 395 22.99 -17.27 20.76
N ILE B 396 21.91 -17.07 21.53
CA ILE B 396 20.82 -18.03 21.56
C ILE B 396 20.17 -18.15 20.19
N ARG B 397 19.95 -17.01 19.53
CA ARG B 397 19.39 -17.01 18.19
C ARG B 397 20.30 -17.71 17.18
N ASP B 398 21.60 -17.81 17.48
CA ASP B 398 22.55 -18.45 16.60
C ASP B 398 22.80 -19.91 16.94
N MET B 399 22.40 -20.36 18.12
CA MET B 399 22.61 -21.75 18.51
C MET B 399 21.45 -22.66 18.13
N LEU B 400 20.34 -22.11 17.65
CA LEU B 400 19.18 -22.90 17.27
C LEU B 400 19.23 -23.14 15.77
N VAL B 401 19.55 -24.37 15.38
CA VAL B 401 19.76 -24.70 13.97
C VAL B 401 18.51 -25.35 13.37
N ASP B 402 17.99 -26.38 14.06
CA ASP B 402 16.89 -27.18 13.54
C ASP B 402 15.58 -26.80 14.21
N SER B 403 14.48 -27.15 13.55
CA SER B 403 13.15 -26.87 14.05
C SER B 403 12.59 -28.07 14.81
N VAL B 404 11.53 -27.81 15.58
CA VAL B 404 10.85 -28.83 16.35
C VAL B 404 9.35 -28.73 16.07
N GLU B 405 8.62 -29.77 16.47
CA GLU B 405 7.18 -29.86 16.23
C GLU B 405 6.43 -29.50 17.49
N THR B 406 5.28 -28.84 17.34
CA THR B 406 4.47 -28.36 18.44
C THR B 406 3.03 -28.82 18.29
N ASP B 407 2.37 -28.99 19.44
CA ASP B 407 0.96 -29.37 19.50
C ASP B 407 0.69 -30.67 18.74
N THR B 408 1.32 -31.74 19.21
CA THR B 408 1.10 -33.07 18.65
C THR B 408 0.30 -33.96 19.60
N TYR B 409 -0.21 -33.42 20.69
CA TYR B 409 -1.04 -34.16 21.63
C TYR B 409 -2.47 -33.64 21.55
N PRO B 410 -3.38 -34.37 20.91
CA PRO B 410 -4.73 -33.82 20.69
C PRO B 410 -5.66 -33.95 21.90
N ASP B 411 -5.21 -34.65 22.94
CA ASP B 411 -6.06 -34.93 24.10
C ASP B 411 -5.57 -34.21 25.35
N LYS B 412 -4.99 -33.02 25.19
CA LYS B 412 -4.54 -32.19 26.29
C LYS B 412 -5.07 -30.78 26.13
N LEU B 413 -5.51 -30.17 27.22
CA LEU B 413 -6.05 -28.81 27.19
C LEU B 413 -5.18 -27.90 28.02
N PRO B 414 -4.53 -26.88 27.44
CA PRO B 414 -3.61 -26.04 28.21
C PRO B 414 -4.28 -24.82 28.82
N PHE B 415 -3.89 -24.52 30.05
CA PHE B 415 -4.28 -23.29 30.75
C PHE B 415 -3.03 -22.43 30.93
N LYS B 416 -3.19 -21.32 31.65
CA LYS B 416 -2.07 -20.40 31.83
C LYS B 416 -1.05 -20.87 32.85
N ASN B 417 -1.33 -21.94 33.59
CA ASN B 417 -0.39 -22.44 34.59
C ASN B 417 -0.31 -23.96 34.60
N GLY B 418 -0.52 -24.60 33.45
CA GLY B 418 -0.43 -26.04 33.37
C GLY B 418 -1.18 -26.57 32.16
N VAL B 419 -1.28 -27.90 32.12
CA VAL B 419 -2.01 -28.59 31.07
C VAL B 419 -2.82 -29.71 31.70
N LEU B 420 -4.12 -29.76 31.38
CA LEU B 420 -4.99 -30.81 31.89
C LEU B 420 -5.05 -31.96 30.89
N ASP B 421 -4.84 -33.17 31.37
CA ASP B 421 -4.92 -34.36 30.54
C ASP B 421 -6.36 -34.85 30.53
N LEU B 422 -6.92 -35.02 29.33
CA LEU B 422 -8.36 -35.26 29.21
C LEU B 422 -8.74 -36.72 29.41
N VAL B 423 -7.79 -37.64 29.21
CA VAL B 423 -8.10 -39.07 29.32
C VAL B 423 -8.39 -39.43 30.77
N ASP B 424 -7.67 -38.81 31.71
CA ASP B 424 -7.79 -39.16 33.12
C ASP B 424 -8.24 -38.01 34.00
N GLY B 425 -7.83 -36.78 33.70
CA GLY B 425 -8.25 -35.62 34.46
C GLY B 425 -7.24 -35.06 35.45
N MET B 426 -6.08 -35.70 35.62
CA MET B 426 -5.05 -35.14 36.47
C MET B 426 -4.47 -33.87 35.86
N PHE B 427 -4.11 -32.92 36.71
CA PHE B 427 -3.63 -31.61 36.28
C PHE B 427 -2.12 -31.54 36.50
N TYR B 428 -1.37 -31.51 35.41
CA TYR B 428 0.08 -31.37 35.47
C TYR B 428 0.47 -29.90 35.47
N SER B 429 1.57 -29.58 36.14
CA SER B 429 2.07 -28.21 36.21
C SER B 429 3.55 -28.25 36.51
N GLY B 430 4.34 -27.48 35.75
CA GLY B 430 5.77 -27.41 35.94
C GLY B 430 6.52 -28.07 34.80
N ASP B 431 7.66 -28.69 35.13
CA ASP B 431 8.44 -29.44 34.17
C ASP B 431 7.63 -30.57 33.53
N ASP B 432 6.74 -31.21 34.27
CA ASP B 432 5.86 -32.23 33.70
C ASP B 432 4.91 -31.66 32.67
N ALA B 433 4.62 -30.36 32.72
CA ALA B 433 3.82 -29.69 31.70
C ALA B 433 4.66 -29.20 30.53
N LYS B 434 5.98 -29.34 30.60
CA LYS B 434 6.85 -28.89 29.52
C LYS B 434 6.79 -29.84 28.33
N LYS B 435 6.51 -31.12 28.57
CA LYS B 435 6.58 -32.13 27.52
C LYS B 435 5.58 -31.84 26.40
N TYR B 436 4.35 -31.50 26.75
CA TYR B 436 3.30 -31.23 25.76
C TYR B 436 3.49 -29.81 25.25
N THR B 437 4.14 -29.69 24.09
CA THR B 437 4.47 -28.38 23.51
C THR B 437 3.21 -27.79 22.90
N CYS B 438 2.39 -27.17 23.74
CA CYS B 438 1.15 -26.51 23.33
C CYS B 438 1.38 -25.01 23.37
N THR B 439 1.53 -24.40 22.19
CA THR B 439 1.82 -22.98 22.09
C THR B 439 0.63 -22.10 22.48
N VAL B 440 -0.60 -22.55 22.29
CA VAL B 440 -1.78 -21.78 22.62
C VAL B 440 -2.14 -22.03 24.08
N SER B 441 -2.87 -21.07 24.65
CA SER B 441 -3.25 -21.14 26.05
C SER B 441 -4.67 -20.62 26.20
N THR B 442 -5.39 -21.20 27.16
CA THR B 442 -6.76 -20.80 27.42
C THR B 442 -6.84 -19.37 27.95
N GLY B 443 -5.83 -18.93 28.70
CA GLY B 443 -5.76 -17.54 29.11
C GLY B 443 -6.00 -17.27 30.58
N PHE B 444 -6.21 -18.30 31.39
CA PHE B 444 -6.36 -18.10 32.83
C PHE B 444 -5.85 -19.33 33.57
N LYS B 445 -5.80 -19.22 34.89
CA LYS B 445 -5.30 -20.30 35.72
C LYS B 445 -6.43 -21.28 36.07
N PHE B 446 -6.05 -22.54 36.23
CA PHE B 446 -6.99 -23.62 36.55
C PHE B 446 -7.04 -23.79 38.05
N ASP B 447 -8.22 -23.67 38.63
CA ASP B 447 -8.40 -23.77 40.08
C ASP B 447 -8.86 -25.18 40.42
N ASP B 448 -8.02 -25.91 41.17
CA ASP B 448 -8.36 -27.26 41.57
C ASP B 448 -9.51 -27.31 42.58
N THR B 449 -9.61 -26.32 43.46
CA THR B 449 -10.68 -26.29 44.46
C THR B 449 -12.07 -26.17 43.85
N LYS B 450 -12.24 -25.33 42.84
CA LYS B 450 -13.53 -25.18 42.17
C LYS B 450 -13.85 -26.33 41.23
N PHE B 451 -12.85 -27.09 40.78
CA PHE B 451 -13.07 -28.19 39.85
C PHE B 451 -13.55 -29.43 40.59
N VAL B 452 -14.76 -29.33 41.14
CA VAL B 452 -15.40 -30.43 41.84
C VAL B 452 -16.83 -30.55 41.36
N GLU B 453 -17.41 -31.74 41.55
CA GLU B 453 -18.77 -31.98 41.09
C GLU B 453 -19.80 -31.28 41.97
N ASP B 454 -19.62 -31.32 43.29
CA ASP B 454 -20.59 -30.77 44.23
C ASP B 454 -20.28 -29.29 44.44
N SER B 455 -21.12 -28.42 43.87
CA SER B 455 -20.99 -26.99 44.03
C SER B 455 -22.31 -26.34 43.64
N PRO B 456 -22.71 -25.26 44.31
CA PRO B 456 -23.96 -24.58 43.93
C PRO B 456 -23.94 -24.09 42.48
N GLU B 457 -22.80 -23.58 42.02
CA GLU B 457 -22.71 -23.12 40.64
C GLU B 457 -22.97 -24.25 39.65
N MET B 458 -22.42 -25.44 39.91
CA MET B 458 -22.71 -26.60 39.07
C MET B 458 -24.19 -26.95 39.11
N GLU B 459 -24.84 -26.87 40.27
CA GLU B 459 -26.26 -27.13 40.38
C GLU B 459 -27.11 -26.18 39.56
N GLU B 460 -26.79 -24.87 39.58
CA GLU B 460 -27.52 -23.94 38.73
C GLU B 460 -27.21 -24.14 37.26
N LEU B 461 -25.95 -24.44 36.92
CA LEU B 461 -25.56 -24.62 35.53
C LEU B 461 -26.26 -25.82 34.91
N MET B 462 -26.41 -26.91 35.67
CA MET B 462 -27.17 -28.05 35.18
C MET B 462 -28.61 -27.67 34.87
N ASN B 463 -29.23 -26.88 35.75
CA ASN B 463 -30.60 -26.43 35.49
C ASN B 463 -30.68 -25.57 34.23
N ILE B 464 -29.73 -24.65 34.06
CA ILE B 464 -29.76 -23.78 32.88
C ILE B 464 -29.58 -24.58 31.60
N ILE B 465 -28.63 -25.53 31.61
CA ILE B 465 -28.39 -26.34 30.42
C ILE B 465 -29.60 -27.22 30.11
N ASN B 466 -30.18 -27.85 31.14
CA ASN B 466 -31.39 -28.65 30.92
C ASN B 466 -32.57 -27.80 30.47
N ASP B 467 -32.60 -26.52 30.83
CA ASP B 467 -33.61 -25.62 30.28
C ASP B 467 -33.35 -25.28 28.82
N ILE B 468 -32.08 -25.11 28.45
CA ILE B 468 -31.75 -24.85 27.05
C ILE B 468 -32.06 -26.07 26.20
N GLN B 469 -31.65 -27.26 26.67
CA GLN B 469 -31.92 -28.53 25.99
C GLN B 469 -32.59 -29.46 26.98
N PRO B 470 -33.89 -29.72 26.83
CA PRO B 470 -34.59 -30.58 27.78
C PRO B 470 -34.12 -32.02 27.70
N LEU B 471 -34.14 -32.69 28.85
CA LEU B 471 -33.77 -34.10 28.95
C LEU B 471 -35.01 -34.99 28.83
N THR B 472 -35.69 -34.91 27.69
CA THR B 472 -36.86 -35.73 27.45
C THR B 472 -36.50 -36.86 26.48
N ASP B 473 -37.49 -37.66 26.08
CA ASP B 473 -37.27 -38.77 25.17
C ASP B 473 -37.20 -38.34 23.71
N GLU B 474 -38.13 -37.51 23.25
CA GLU B 474 -38.16 -37.05 21.86
C GLU B 474 -36.98 -36.15 21.51
N ASN B 475 -36.24 -35.67 22.50
CA ASN B 475 -35.09 -34.78 22.28
C ASN B 475 -33.84 -35.39 22.90
N LYS B 476 -33.65 -36.69 22.65
CA LYS B 476 -32.49 -37.42 23.17
C LYS B 476 -31.34 -37.46 22.17
N LYS B 477 -31.62 -37.87 20.92
CA LYS B 477 -30.57 -37.92 19.91
C LYS B 477 -30.02 -36.53 19.63
N ASN B 478 -30.90 -35.53 19.56
CA ASN B 478 -30.45 -34.15 19.40
C ASN B 478 -29.55 -33.73 20.56
N ARG B 479 -29.95 -34.06 21.79
CA ARG B 479 -29.17 -33.63 22.94
C ARG B 479 -27.87 -34.41 23.05
N GLU B 480 -27.86 -35.69 22.63
CA GLU B 480 -26.61 -36.43 22.58
C GLU B 480 -25.65 -35.84 21.55
N LEU B 481 -26.13 -35.45 20.37
CA LEU B 481 -25.21 -34.89 19.38
C LEU B 481 -24.79 -33.48 19.77
N TYR B 482 -25.66 -32.76 20.46
CA TYR B 482 -25.30 -31.47 21.04
C TYR B 482 -24.17 -31.62 22.04
N GLU B 483 -24.27 -32.65 22.91
CA GLU B 483 -23.20 -32.93 23.86
C GLU B 483 -21.92 -33.29 23.13
N LYS B 484 -22.01 -34.10 22.07
CA LYS B 484 -20.82 -34.47 21.31
C LYS B 484 -20.16 -33.24 20.68
N THR B 485 -20.96 -32.37 20.08
CA THR B 485 -20.42 -31.18 19.43
C THR B 485 -19.76 -30.26 20.45
N LEU B 486 -20.40 -30.05 21.60
CA LEU B 486 -19.80 -29.19 22.62
C LEU B 486 -18.53 -29.80 23.20
N SER B 487 -18.51 -31.12 23.39
CA SER B 487 -17.34 -31.76 23.98
C SER B 487 -16.20 -31.90 22.98
N SER B 488 -16.49 -31.82 21.68
CA SER B 488 -15.43 -31.89 20.68
C SER B 488 -14.55 -30.65 20.67
N CYS B 489 -14.93 -29.59 21.37
CA CYS B 489 -14.20 -28.33 21.39
C CYS B 489 -12.88 -28.41 22.15
N LEU B 490 -12.55 -29.50 22.84
CA LEU B 490 -11.28 -29.60 23.55
C LEU B 490 -10.22 -30.39 22.80
N CYS B 491 -10.61 -31.20 21.81
CA CYS B 491 -9.64 -32.02 21.09
C CYS B 491 -8.82 -31.16 20.13
N GLY B 492 -7.50 -31.30 20.20
CA GLY B 492 -6.60 -30.56 19.35
C GLY B 492 -6.25 -31.28 18.06
N ALA B 493 -7.26 -31.77 17.35
CA ALA B 493 -7.07 -32.47 16.09
C ALA B 493 -8.11 -32.00 15.10
N THR B 494 -7.82 -32.18 13.81
CA THR B 494 -8.72 -31.72 12.77
C THR B 494 -10.04 -32.48 12.81
N LYS B 495 -11.14 -31.76 12.61
CA LYS B 495 -12.48 -32.33 12.62
C LYS B 495 -13.06 -32.27 11.22
N GLY B 496 -13.83 -33.30 10.85
CA GLY B 496 -14.33 -33.41 9.50
C GLY B 496 -15.82 -33.18 9.34
N CYS B 497 -16.38 -32.24 10.10
CA CYS B 497 -17.79 -31.90 9.99
C CYS B 497 -18.01 -30.48 10.45
N LEU B 498 -19.02 -29.84 9.86
CA LEU B 498 -19.44 -28.49 10.23
C LEU B 498 -20.82 -28.54 10.85
N THR B 499 -21.00 -27.82 11.95
CA THR B 499 -22.22 -27.89 12.74
C THR B 499 -23.06 -26.62 12.54
N PHE B 500 -24.35 -26.81 12.31
CA PHE B 500 -25.30 -25.72 12.17
C PHE B 500 -26.20 -25.68 13.39
N PHE B 501 -26.17 -24.56 14.11
CA PHE B 501 -27.05 -24.32 15.25
C PHE B 501 -28.30 -23.64 14.70
N PHE B 502 -29.34 -24.42 14.39
CA PHE B 502 -30.57 -23.88 13.84
C PHE B 502 -31.61 -23.75 14.94
N GLY B 503 -32.41 -22.70 14.85
CA GLY B 503 -33.46 -22.46 15.82
C GLY B 503 -33.93 -21.02 15.76
N GLU B 504 -35.07 -20.78 16.39
CA GLU B 504 -35.64 -19.44 16.43
C GLU B 504 -34.92 -18.59 17.47
N THR B 505 -35.36 -17.33 17.58
CA THR B 505 -34.75 -16.41 18.52
C THR B 505 -35.09 -16.80 19.97
N ALA B 506 -34.24 -16.34 20.89
CA ALA B 506 -34.40 -16.62 22.32
C ALA B 506 -34.49 -18.12 22.60
N THR B 507 -33.60 -18.88 21.95
CA THR B 507 -33.56 -20.32 22.12
C THR B 507 -32.27 -20.82 22.78
N GLY B 508 -31.47 -19.93 23.34
CA GLY B 508 -30.29 -20.31 24.09
C GLY B 508 -29.00 -20.45 23.32
N LYS B 509 -28.99 -20.21 22.00
CA LYS B 509 -27.75 -20.28 21.25
C LYS B 509 -26.75 -19.24 21.72
N SER B 510 -27.22 -18.02 21.98
CA SER B 510 -26.34 -16.99 22.52
C SER B 510 -25.83 -17.37 23.91
N THR B 511 -26.71 -17.91 24.76
CA THR B 511 -26.28 -18.35 26.08
C THR B 511 -25.26 -19.48 26.00
N THR B 512 -25.49 -20.43 25.09
CA THR B 512 -24.53 -21.52 24.91
C THR B 512 -23.19 -21.00 24.41
N LYS B 513 -23.22 -20.07 23.45
CA LYS B 513 -21.98 -19.50 22.95
C LYS B 513 -21.22 -18.76 24.05
N ARG B 514 -21.93 -17.99 24.87
CA ARG B 514 -21.26 -17.23 25.92
C ARG B 514 -20.72 -18.15 27.01
N LEU B 515 -21.46 -19.22 27.34
CA LEU B 515 -20.94 -20.21 28.27
C LEU B 515 -19.69 -20.86 27.74
N LEU B 516 -19.68 -21.23 26.45
CA LEU B 516 -18.49 -21.82 25.86
C LEU B 516 -17.32 -20.85 25.88
N LYS B 517 -17.58 -19.58 25.58
CA LYS B 517 -16.51 -18.58 25.58
C LYS B 517 -15.94 -18.39 26.98
N SER B 518 -16.80 -18.36 28.00
CA SER B 518 -16.31 -18.25 29.37
C SER B 518 -15.59 -19.51 29.82
N ALA B 519 -15.94 -20.66 29.25
CA ALA B 519 -15.30 -21.91 29.65
C ALA B 519 -13.90 -22.05 29.04
N ILE B 520 -13.82 -22.02 27.71
CA ILE B 520 -12.55 -22.28 27.04
C ILE B 520 -11.75 -21.02 26.78
N GLY B 521 -12.31 -19.84 27.04
CA GLY B 521 -11.52 -18.62 27.03
C GLY B 521 -10.95 -18.28 25.66
N ASP B 522 -9.64 -18.05 25.62
CA ASP B 522 -8.93 -17.62 24.43
C ASP B 522 -9.10 -18.59 23.27
N LEU B 523 -9.23 -19.89 23.53
CA LEU B 523 -9.34 -20.88 22.46
C LEU B 523 -10.76 -20.90 21.90
N PHE B 524 -11.24 -19.73 21.51
CA PHE B 524 -12.57 -19.57 20.95
C PHE B 524 -12.62 -18.20 20.28
N VAL B 525 -12.78 -18.19 18.95
CA VAL B 525 -12.79 -16.96 18.18
C VAL B 525 -14.08 -16.91 17.37
N GLU B 526 -14.59 -15.69 17.16
CA GLU B 526 -15.77 -15.45 16.36
C GLU B 526 -15.38 -14.61 15.16
N THR B 527 -15.77 -15.04 13.97
CA THR B 527 -15.46 -14.35 12.72
C THR B 527 -16.75 -14.14 11.92
N GLY B 528 -16.65 -13.32 10.88
CA GLY B 528 -17.78 -13.00 10.04
C GLY B 528 -18.04 -14.08 9.00
N GLN B 529 -19.11 -13.86 8.24
CA GLN B 529 -19.50 -14.80 7.19
C GLN B 529 -18.66 -14.68 5.94
N THR B 530 -17.65 -13.79 5.93
CA THR B 530 -16.80 -13.65 4.75
C THR B 530 -16.03 -14.92 4.46
N ILE B 531 -15.58 -15.63 5.50
CA ILE B 531 -14.89 -16.89 5.30
C ILE B 531 -15.77 -17.95 4.64
N LEU B 532 -17.04 -18.00 5.02
CA LEU B 532 -17.99 -18.94 4.42
C LEU B 532 -18.20 -18.72 2.93
N THR B 533 -18.37 -17.48 2.49
CA THR B 533 -18.65 -17.18 1.08
C THR B 533 -17.73 -16.02 0.65
N ASP B 534 -16.52 -16.39 0.23
CA ASP B 534 -15.56 -15.51 -0.43
C ASP B 534 -14.39 -16.42 -0.79
N VAL B 535 -13.71 -16.10 -1.89
CA VAL B 535 -12.54 -16.88 -2.27
C VAL B 535 -11.42 -16.56 -1.28
N LEU B 536 -11.17 -17.48 -0.35
CA LEU B 536 -10.32 -17.18 0.80
C LEU B 536 -8.82 -17.32 0.49
N ASP B 537 -8.41 -16.82 -0.66
CA ASP B 537 -6.99 -16.85 -1.01
C ASP B 537 -6.40 -15.50 -1.42
N LYS B 538 -7.12 -14.65 -2.14
CA LYS B 538 -6.53 -13.46 -2.73
C LYS B 538 -6.46 -12.34 -1.70
N GLY B 539 -5.30 -11.69 -1.62
CA GLY B 539 -5.09 -10.60 -0.69
C GLY B 539 -4.95 -11.09 0.74
N PRO B 540 -4.60 -10.20 1.65
CA PRO B 540 -4.56 -10.57 3.07
C PRO B 540 -5.95 -10.90 3.57
N ASN B 541 -6.01 -11.84 4.51
CA ASN B 541 -7.28 -12.27 5.11
C ASN B 541 -7.01 -12.64 6.56
N PRO B 542 -6.84 -11.63 7.43
CA PRO B 542 -6.57 -11.92 8.84
C PRO B 542 -7.71 -12.64 9.55
N PHE B 543 -8.89 -12.74 8.94
CA PHE B 543 -9.98 -13.48 9.56
C PHE B 543 -9.70 -14.97 9.60
N ILE B 544 -8.85 -15.45 8.69
CA ILE B 544 -8.39 -16.84 8.73
C ILE B 544 -7.06 -16.95 9.46
N ALA B 545 -6.19 -15.95 9.29
CA ALA B 545 -4.91 -15.95 9.99
C ALA B 545 -5.09 -15.85 11.50
N ASN B 546 -6.27 -15.46 11.97
CA ASN B 546 -6.59 -15.50 13.39
C ASN B 546 -6.87 -16.91 13.89
N MET B 547 -7.45 -17.77 13.05
CA MET B 547 -7.81 -19.13 13.45
C MET B 547 -6.67 -20.13 13.24
N HIS B 548 -5.46 -19.70 13.63
CA HIS B 548 -4.29 -20.56 13.63
C HIS B 548 -4.20 -21.20 15.01
N LEU B 549 -4.33 -22.53 15.05
CA LEU B 549 -4.28 -23.38 16.24
C LEU B 549 -5.47 -23.15 17.16
N LYS B 550 -6.48 -22.38 16.75
CA LYS B 550 -7.66 -22.18 17.58
C LYS B 550 -8.52 -23.44 17.57
N ARG B 551 -9.16 -23.72 18.71
CA ARG B 551 -9.91 -24.94 18.89
C ARG B 551 -11.42 -24.77 18.70
N SER B 552 -11.88 -23.56 18.40
CA SER B 552 -13.31 -23.34 18.18
C SER B 552 -13.49 -22.04 17.39
N VAL B 553 -14.30 -22.11 16.34
CA VAL B 553 -14.61 -20.95 15.51
C VAL B 553 -16.12 -20.87 15.36
N PHE B 554 -16.69 -19.73 15.77
CA PHE B 554 -18.13 -19.52 15.78
C PHE B 554 -18.47 -18.48 14.72
N CYS B 555 -19.32 -18.85 13.77
CA CYS B 555 -19.71 -17.99 12.65
C CYS B 555 -21.22 -17.76 12.74
N SER B 556 -21.59 -16.66 13.40
CA SER B 556 -22.99 -16.33 13.63
C SER B 556 -23.53 -15.48 12.48
N GLU B 557 -24.69 -14.87 12.69
CA GLU B 557 -25.34 -13.86 11.83
C GLU B 557 -25.54 -14.30 10.39
N LEU B 558 -25.71 -15.59 10.12
CA LEU B 558 -26.01 -16.04 8.77
C LEU B 558 -27.34 -15.47 8.33
N PRO B 559 -27.39 -14.75 7.22
CA PRO B 559 -28.60 -14.03 6.84
C PRO B 559 -29.60 -14.91 6.07
N ASP B 560 -30.80 -14.37 5.90
CA ASP B 560 -31.82 -15.03 5.10
C ASP B 560 -31.40 -15.08 3.64
N PHE B 561 -31.73 -16.19 2.98
CA PHE B 561 -31.37 -16.40 1.58
C PHE B 561 -32.58 -16.41 0.65
N ALA B 562 -33.80 -16.34 1.17
CA ALA B 562 -34.97 -16.25 0.32
C ALA B 562 -35.12 -14.89 -0.35
N CYS B 563 -34.40 -13.87 0.12
CA CYS B 563 -34.45 -12.54 -0.46
C CYS B 563 -33.50 -12.44 -1.65
N SER B 564 -33.98 -11.82 -2.72
CA SER B 564 -33.18 -11.63 -3.93
C SER B 564 -32.11 -10.59 -3.63
N GLY B 565 -30.86 -11.02 -3.58
CA GLY B 565 -29.76 -10.13 -3.28
C GLY B 565 -28.83 -10.70 -2.23
N SER B 566 -29.13 -11.90 -1.75
CA SER B 566 -28.31 -12.57 -0.75
C SER B 566 -27.37 -13.54 -1.43
N LYS B 567 -26.08 -13.42 -1.13
CA LYS B 567 -25.06 -14.29 -1.73
C LYS B 567 -25.14 -15.67 -1.08
N LYS B 568 -25.32 -16.70 -1.91
CA LYS B 568 -25.49 -18.05 -1.40
C LYS B 568 -24.17 -18.58 -0.83
N ILE B 569 -24.30 -19.61 0.02
CA ILE B 569 -23.13 -20.18 0.67
C ILE B 569 -22.30 -20.95 -0.34
N ARG B 570 -21.01 -20.67 -0.39
CA ARG B 570 -20.13 -21.33 -1.35
C ARG B 570 -19.88 -22.76 -0.93
N SER B 571 -20.19 -23.71 -1.82
CA SER B 571 -20.09 -25.12 -1.49
C SER B 571 -18.65 -25.60 -1.36
N ASP B 572 -17.73 -25.08 -2.17
CA ASP B 572 -16.35 -25.53 -2.17
C ASP B 572 -15.57 -25.07 -0.94
N ASN B 573 -16.00 -23.99 -0.29
CA ASN B 573 -15.28 -23.49 0.88
C ASN B 573 -15.48 -24.40 2.08
N ILE B 574 -16.65 -25.05 2.16
CA ILE B 574 -16.90 -25.99 3.25
C ILE B 574 -15.91 -27.13 3.20
N LYS B 575 -15.65 -27.67 2.01
CA LYS B 575 -14.63 -28.71 1.86
C LYS B 575 -13.25 -28.19 2.26
N LYS B 576 -12.99 -26.90 2.05
CA LYS B 576 -11.70 -26.33 2.42
C LYS B 576 -11.59 -26.14 3.92
N LEU B 577 -12.71 -25.99 4.61
CA LEU B 577 -12.70 -25.76 6.05
C LEU B 577 -12.68 -27.06 6.86
N THR B 578 -12.64 -28.22 6.21
CA THR B 578 -12.54 -29.50 6.89
C THR B 578 -11.26 -30.25 6.49
N GLU B 579 -10.18 -29.52 6.28
CA GLU B 579 -8.91 -30.06 5.82
C GLU B 579 -7.81 -29.80 6.85
N PRO B 580 -6.76 -30.65 6.86
CA PRO B 580 -5.77 -30.55 7.95
C PRO B 580 -4.89 -29.31 7.88
N CYS B 581 -4.96 -28.52 6.81
CA CYS B 581 -4.16 -27.31 6.71
C CYS B 581 -4.88 -26.31 5.82
N VAL B 582 -5.31 -25.21 6.41
CA VAL B 582 -6.04 -24.17 5.70
C VAL B 582 -5.05 -23.18 5.12
N ILE B 583 -5.47 -22.46 4.09
CA ILE B 583 -4.59 -21.59 3.32
C ILE B 583 -5.03 -20.15 3.58
N GLY B 584 -4.08 -19.25 3.75
CA GLY B 584 -4.39 -17.86 4.03
C GLY B 584 -3.27 -17.13 4.74
N ARG B 585 -3.13 -15.83 4.48
CA ARG B 585 -1.99 -15.08 4.93
C ARG B 585 -2.41 -13.80 5.62
N PRO B 586 -1.77 -13.44 6.74
CA PRO B 586 -2.06 -12.14 7.37
C PRO B 586 -1.33 -11.00 6.69
N CYS B 587 -1.53 -9.78 7.18
CA CYS B 587 -0.83 -8.62 6.62
C CYS B 587 0.61 -8.59 7.12
N PHE B 588 1.52 -8.14 6.26
CA PHE B 588 2.94 -7.98 6.60
C PHE B 588 3.56 -9.29 7.07
N SER B 589 3.25 -10.37 6.34
CA SER B 589 3.78 -11.68 6.66
C SER B 589 3.86 -12.51 5.40
N ASN B 590 4.65 -13.59 5.47
CA ASN B 590 4.82 -14.51 4.35
C ASN B 590 4.36 -15.94 4.66
N LYS B 591 3.68 -16.15 5.78
CA LYS B 591 3.16 -17.48 6.10
C LYS B 591 1.72 -17.61 5.64
N ILE B 592 1.44 -18.62 4.83
CA ILE B 592 0.13 -18.80 4.22
C ILE B 592 -0.59 -20.05 4.72
N ASN B 593 0.11 -20.95 5.40
CA ASN B 593 -0.47 -22.21 5.86
C ASN B 593 -0.78 -22.11 7.34
N ASN B 594 -2.01 -22.46 7.72
CA ASN B 594 -2.43 -22.47 9.11
C ASN B 594 -2.99 -23.85 9.47
N ARG B 595 -2.79 -24.25 10.72
CA ARG B 595 -3.24 -25.56 11.18
C ARG B 595 -4.68 -25.47 11.68
N ASN B 596 -5.53 -26.37 11.20
CA ASN B 596 -6.97 -26.32 11.46
C ASN B 596 -7.31 -27.30 12.59
N HIS B 597 -7.43 -26.77 13.82
CA HIS B 597 -7.91 -27.53 14.95
C HIS B 597 -9.31 -27.13 15.38
N ALA B 598 -9.96 -26.25 14.62
CA ALA B 598 -11.22 -25.66 15.05
C ALA B 598 -12.40 -26.58 14.80
N THR B 599 -13.44 -26.43 15.63
CA THR B 599 -14.73 -27.06 15.43
C THR B 599 -15.69 -25.97 14.96
N ILE B 600 -15.90 -25.91 13.64
CA ILE B 600 -16.70 -24.84 13.05
C ILE B 600 -18.14 -24.98 13.51
N ILE B 601 -18.66 -23.94 14.15
CA ILE B 601 -20.05 -23.91 14.58
C ILE B 601 -20.70 -22.68 13.95
N ILE B 602 -21.78 -22.90 13.21
CA ILE B 602 -22.48 -21.83 12.50
C ILE B 602 -23.76 -21.51 13.26
N ASP B 603 -23.85 -20.28 13.77
CA ASP B 603 -25.05 -19.80 14.48
C ASP B 603 -25.95 -19.13 13.46
N THR B 604 -26.93 -19.88 12.99
CA THR B 604 -27.91 -19.37 12.03
C THR B 604 -29.27 -19.20 12.70
N ASN B 605 -30.20 -18.65 11.96
CA ASN B 605 -31.59 -18.49 12.38
C ASN B 605 -32.56 -19.19 11.44
N TYR B 606 -32.14 -19.46 10.20
CA TYR B 606 -32.96 -20.05 9.17
C TYR B 606 -32.23 -21.23 8.54
N LYS B 607 -32.96 -22.05 7.81
CA LYS B 607 -32.34 -23.16 7.09
C LYS B 607 -31.43 -22.60 5.99
N PRO B 608 -30.19 -23.07 5.90
CA PRO B 608 -29.24 -22.47 4.97
C PRO B 608 -29.51 -22.89 3.53
N VAL B 609 -29.02 -22.07 2.61
CA VAL B 609 -29.11 -22.30 1.17
C VAL B 609 -27.70 -22.33 0.61
N PHE B 610 -27.39 -23.36 -0.17
CA PHE B 610 -26.06 -23.58 -0.69
C PHE B 610 -26.00 -23.22 -2.17
N ASP B 611 -24.80 -23.28 -2.73
CA ASP B 611 -24.63 -23.05 -4.17
C ASP B 611 -25.12 -24.24 -4.97
N ARG B 612 -24.53 -25.41 -4.73
CA ARG B 612 -24.88 -26.62 -5.45
C ARG B 612 -24.79 -27.80 -4.50
N ILE B 613 -25.70 -28.76 -4.68
CA ILE B 613 -25.87 -29.89 -3.77
C ILE B 613 -25.34 -31.15 -4.44
N ASP B 614 -24.55 -31.93 -3.70
CA ASP B 614 -24.08 -33.21 -4.19
C ASP B 614 -23.72 -34.10 -3.00
N ASN B 615 -23.40 -35.36 -3.31
CA ASN B 615 -23.02 -36.31 -2.27
C ASN B 615 -21.66 -36.00 -1.66
N ALA B 616 -20.91 -35.07 -2.24
CA ALA B 616 -19.63 -34.67 -1.66
C ALA B 616 -19.78 -33.85 -0.39
N LEU B 617 -21.01 -33.43 -0.06
CA LEU B 617 -21.24 -32.56 1.08
C LEU B 617 -22.03 -33.19 2.21
N MET B 618 -22.94 -34.13 1.92
CA MET B 618 -23.78 -34.71 2.96
C MET B 618 -22.99 -35.51 3.99
N ARG B 619 -21.67 -35.64 3.83
CA ARG B 619 -20.82 -36.30 4.80
C ARG B 619 -20.07 -35.31 5.68
N ARG B 620 -20.40 -34.02 5.61
CA ARG B 620 -19.60 -32.98 6.23
C ARG B 620 -20.44 -31.98 7.02
N ILE B 621 -21.74 -32.23 7.15
CA ILE B 621 -22.63 -31.26 7.80
C ILE B 621 -23.50 -31.97 8.82
N ALA B 622 -23.56 -31.41 10.03
CA ALA B 622 -24.48 -31.83 11.08
C ALA B 622 -25.29 -30.62 11.54
N VAL B 623 -26.45 -30.88 12.13
CA VAL B 623 -27.39 -29.83 12.50
C VAL B 623 -27.97 -30.15 13.87
N VAL B 624 -28.10 -29.14 14.73
CA VAL B 624 -28.82 -29.26 15.99
C VAL B 624 -29.87 -28.15 16.07
N ARG B 625 -31.04 -28.51 16.56
CA ARG B 625 -32.17 -27.59 16.72
C ARG B 625 -32.32 -27.18 18.17
N PHE B 626 -32.85 -25.98 18.39
CA PHE B 626 -33.17 -25.47 19.71
C PHE B 626 -34.65 -25.12 19.74
N ARG B 627 -35.37 -25.64 20.73
CA ARG B 627 -36.83 -25.55 20.74
C ARG B 627 -37.41 -24.84 21.97
N THR B 628 -36.62 -24.58 23.00
CA THR B 628 -37.16 -23.96 24.20
C THR B 628 -37.14 -22.44 24.07
N HIS B 629 -38.29 -21.82 24.35
CA HIS B 629 -38.40 -20.37 24.27
C HIS B 629 -38.43 -19.75 25.67
N LEU B 651 -37.65 -16.43 31.09
CA LEU B 651 -36.39 -15.73 30.87
C LEU B 651 -35.83 -15.20 32.19
N ASP B 652 -34.51 -15.34 32.36
CA ASP B 652 -33.81 -14.85 33.53
C ASP B 652 -33.01 -13.61 33.12
N GLU B 653 -33.41 -12.45 33.65
CA GLU B 653 -32.77 -11.20 33.25
C GLU B 653 -31.35 -11.07 33.80
N GLY B 654 -31.08 -11.66 34.96
CA GLY B 654 -29.76 -11.61 35.56
C GLY B 654 -28.81 -12.71 35.14
N LEU B 655 -29.19 -13.55 34.17
CA LEU B 655 -28.33 -14.63 33.75
C LEU B 655 -27.05 -14.11 33.11
N ASP B 656 -27.18 -13.16 32.19
CA ASP B 656 -26.01 -12.59 31.53
C ASP B 656 -25.14 -11.78 32.49
N GLY B 657 -25.67 -11.31 33.60
CA GLY B 657 -24.88 -10.61 34.58
C GLY B 657 -23.82 -11.52 35.19
N LYS B 658 -24.22 -12.72 35.61
CA LYS B 658 -23.27 -13.72 36.10
C LYS B 658 -22.84 -14.68 35.00
N ILE B 659 -22.45 -14.16 33.84
CA ILE B 659 -21.83 -14.96 32.79
C ILE B 659 -20.54 -14.27 32.37
N GLN B 660 -20.65 -12.98 32.05
CA GLN B 660 -19.46 -12.18 31.79
C GLN B 660 -18.56 -12.09 33.02
N ASN B 661 -19.11 -12.33 34.21
CA ASN B 661 -18.34 -12.38 35.44
C ASN B 661 -17.73 -13.75 35.67
N ASN B 662 -17.65 -14.59 34.63
CA ASN B 662 -17.04 -15.92 34.65
C ASN B 662 -17.43 -16.72 35.89
N ARG B 663 -18.72 -16.69 36.22
CA ARG B 663 -19.22 -17.42 37.38
C ARG B 663 -19.18 -18.93 37.16
N TYR B 664 -19.89 -19.42 36.14
CA TYR B 664 -19.86 -20.84 35.81
C TYR B 664 -18.68 -21.16 34.89
N ARG B 665 -17.49 -20.74 35.27
CA ARG B 665 -16.32 -20.95 34.42
C ARG B 665 -15.82 -22.38 34.50
N PHE B 666 -15.77 -22.95 35.72
CA PHE B 666 -15.21 -24.26 35.92
C PHE B 666 -16.24 -25.38 35.94
N ALA B 667 -17.49 -25.08 36.30
CA ALA B 667 -18.53 -26.10 36.26
C ALA B 667 -18.79 -26.57 34.83
N PHE B 668 -18.84 -25.62 33.88
CA PHE B 668 -18.98 -26.00 32.49
C PHE B 668 -17.76 -26.76 31.99
N LEU B 669 -16.58 -26.41 32.48
CA LEU B 669 -15.37 -27.17 32.14
C LEU B 669 -15.47 -28.61 32.62
N TYR B 670 -15.95 -28.80 33.86
CA TYR B 670 -16.13 -30.16 34.38
C TYR B 670 -17.16 -30.93 33.58
N LEU B 671 -18.27 -30.28 33.23
CA LEU B 671 -19.29 -30.95 32.43
C LEU B 671 -18.75 -31.34 31.05
N LEU B 672 -17.99 -30.44 30.42
CA LEU B 672 -17.41 -30.73 29.12
C LEU B 672 -16.41 -31.87 29.20
N VAL B 673 -15.59 -31.91 30.26
CA VAL B 673 -14.64 -33.00 30.43
C VAL B 673 -15.36 -34.32 30.63
N LYS B 674 -16.42 -34.31 31.45
CA LYS B 674 -17.18 -35.53 31.69
C LYS B 674 -17.85 -36.02 30.42
N TRP B 675 -18.37 -35.10 29.60
CA TRP B 675 -18.92 -35.49 28.31
C TRP B 675 -17.85 -35.99 27.35
N TYR B 676 -16.65 -35.40 27.38
CA TYR B 676 -15.57 -35.83 26.51
C TYR B 676 -15.17 -37.27 26.83
N LYS B 677 -14.96 -37.58 28.11
CA LYS B 677 -14.64 -38.96 28.45
C LYS B 677 -15.93 -39.76 28.60
N LYS B 678 -16.83 -39.61 27.62
CA LYS B 678 -17.99 -40.47 27.47
C LYS B 678 -18.28 -40.82 26.01
N TYR B 679 -17.75 -40.06 25.04
CA TYR B 679 -17.95 -40.34 23.63
C TYR B 679 -16.66 -40.37 22.81
N HIS B 680 -15.60 -39.68 23.25
CA HIS B 680 -14.40 -39.51 22.42
C HIS B 680 -13.17 -40.16 23.03
N ILE B 681 -13.33 -41.21 23.83
CA ILE B 681 -12.19 -41.85 24.46
C ILE B 681 -11.40 -42.66 23.44
N PRO B 682 -12.00 -43.65 22.71
CA PRO B 682 -11.19 -44.43 21.77
C PRO B 682 -10.64 -43.61 20.62
N ILE B 683 -11.53 -42.95 19.88
CA ILE B 683 -11.16 -42.14 18.71
C ILE B 683 -12.11 -40.95 18.63
N MET B 684 -11.58 -39.82 18.18
CA MET B 684 -12.37 -38.60 18.04
C MET B 684 -12.71 -38.43 16.55
N LYS B 685 -14.01 -38.40 16.25
CA LYS B 685 -14.49 -38.24 14.89
C LYS B 685 -15.99 -37.91 14.92
N LEU B 686 -16.42 -37.07 13.98
CA LEU B 686 -17.79 -36.58 13.95
C LEU B 686 -18.56 -37.20 12.80
N TYR B 687 -19.88 -37.22 12.91
CA TYR B 687 -20.77 -37.81 11.93
C TYR B 687 -21.78 -36.79 11.42
N PRO B 688 -22.16 -36.89 10.15
CA PRO B 688 -23.17 -35.97 9.62
C PRO B 688 -24.59 -36.45 9.88
N THR B 689 -25.53 -35.51 9.75
CA THR B 689 -26.96 -35.79 9.86
C THR B 689 -27.67 -35.17 8.67
N PRO B 690 -27.60 -35.81 7.50
CA PRO B 690 -28.21 -35.22 6.30
C PRO B 690 -29.72 -35.18 6.32
N GLU B 691 -30.39 -35.92 7.21
CA GLU B 691 -31.84 -35.95 7.22
C GLU B 691 -32.46 -34.67 7.77
N GLU B 692 -31.67 -33.82 8.41
CA GLU B 692 -32.19 -32.62 9.06
C GLU B 692 -32.19 -31.39 8.13
N ILE B 693 -31.82 -31.56 6.87
CA ILE B 693 -31.80 -30.44 5.93
C ILE B 693 -32.75 -30.77 4.78
N PRO B 694 -33.63 -29.84 4.38
CA PRO B 694 -34.67 -30.19 3.39
C PRO B 694 -34.12 -30.61 2.02
N ASP B 695 -33.31 -29.75 1.39
CA ASP B 695 -32.74 -30.10 0.10
C ASP B 695 -31.84 -31.32 0.21
N PHE B 696 -31.09 -31.42 1.31
CA PHE B 696 -30.22 -32.56 1.53
C PHE B 696 -31.02 -33.85 1.62
N ALA B 697 -32.16 -33.82 2.32
CA ALA B 697 -33.04 -34.98 2.39
C ALA B 697 -33.62 -35.29 1.01
N PHE B 698 -33.96 -34.25 0.24
CA PHE B 698 -34.50 -34.47 -1.10
C PHE B 698 -33.49 -35.19 -1.97
N TYR B 699 -32.22 -34.78 -1.94
CA TYR B 699 -31.20 -35.44 -2.74
C TYR B 699 -30.96 -36.86 -2.26
N LEU B 700 -31.04 -37.08 -0.95
CA LEU B 700 -30.83 -38.41 -0.36
C LEU B 700 -31.89 -39.39 -0.86
N GLY C 323 24.27 -2.54 43.07
CA GLY C 323 24.77 -2.45 41.72
C GLY C 323 23.69 -2.15 40.70
N ASN C 324 24.08 -1.52 39.59
CA ASN C 324 23.15 -1.19 38.51
C ASN C 324 22.01 -0.33 39.02
N LYS C 325 22.30 0.89 39.47
CA LYS C 325 21.27 1.77 39.98
C LYS C 325 20.16 1.99 38.95
N LEU C 326 20.48 1.91 37.66
CA LEU C 326 19.45 1.99 36.64
C LEU C 326 18.53 0.78 36.64
N PHE C 327 18.87 -0.27 37.37
CA PHE C 327 17.96 -1.40 37.57
C PHE C 327 17.15 -1.25 38.85
N ASN C 328 17.76 -0.72 39.91
CA ASN C 328 17.00 -0.43 41.13
C ASN C 328 15.95 0.64 40.86
N ILE C 329 16.27 1.62 40.02
CA ILE C 329 15.28 2.64 39.66
C ILE C 329 14.12 2.00 38.91
N ALA C 330 14.41 1.09 37.98
CA ALA C 330 13.35 0.40 37.27
C ALA C 330 12.50 -0.44 38.23
N GLN C 331 13.14 -1.12 39.18
CA GLN C 331 12.40 -1.88 40.18
C GLN C 331 11.49 -0.98 41.02
N ARG C 332 12.00 0.17 41.44
CA ARG C 332 11.19 1.10 42.25
C ARG C 332 10.01 1.63 41.44
N ILE C 333 10.25 1.99 40.17
CA ILE C 333 9.17 2.48 39.33
C ILE C 333 8.11 1.41 39.12
N LEU C 334 8.53 0.17 38.87
CA LEU C 334 7.58 -0.93 38.72
C LEU C 334 6.84 -1.22 40.01
N ASP C 335 7.46 -0.95 41.16
CA ASP C 335 6.82 -1.25 42.45
C ASP C 335 5.58 -0.39 42.65
N THR C 336 5.63 0.89 42.29
CA THR C 336 4.50 1.80 42.48
C THR C 336 3.32 1.47 41.59
N ASN C 337 3.46 0.54 40.65
CA ASN C 337 2.37 0.11 39.77
C ASN C 337 1.86 1.30 38.95
N SER C 338 2.74 1.87 38.13
CA SER C 338 2.38 2.95 37.22
C SER C 338 2.29 2.52 35.77
N VAL C 339 3.06 1.50 35.38
CA VAL C 339 3.03 0.97 34.02
C VAL C 339 2.31 -0.37 34.04
N LEU C 340 1.52 -0.61 33.00
CA LEU C 340 0.78 -1.85 32.86
C LEU C 340 0.78 -2.29 31.41
N LEU C 341 0.60 -3.58 31.19
CA LEU C 341 0.51 -4.16 29.85
C LEU C 341 -0.93 -4.61 29.61
N THR C 342 -1.51 -4.15 28.50
CA THR C 342 -2.88 -4.49 28.17
C THR C 342 -2.91 -5.73 27.27
N GLU C 343 -4.11 -6.27 27.05
CA GLU C 343 -4.24 -7.48 26.25
C GLU C 343 -4.00 -7.22 24.78
N ARG C 344 -4.20 -5.98 24.32
CA ARG C 344 -3.94 -5.65 22.93
C ARG C 344 -2.47 -5.39 22.64
N GLY C 345 -1.63 -5.30 23.66
CA GLY C 345 -0.21 -5.09 23.46
C GLY C 345 0.28 -3.68 23.71
N ASP C 346 -0.51 -2.83 24.34
CA ASP C 346 -0.11 -1.46 24.60
C ASP C 346 0.39 -1.32 26.05
N HIS C 347 1.18 -0.27 26.26
CA HIS C 347 1.78 0.02 27.56
C HIS C 347 1.14 1.29 28.10
N ILE C 348 0.11 1.13 28.93
CA ILE C 348 -0.59 2.27 29.51
C ILE C 348 0.23 2.82 30.67
N VAL C 349 0.53 4.11 30.62
CA VAL C 349 1.26 4.79 31.68
C VAL C 349 0.29 5.70 32.44
N TRP C 350 0.73 6.20 33.59
CA TRP C 350 -0.12 6.93 34.52
C TRP C 350 0.53 8.28 34.81
N ILE C 351 0.18 9.30 34.05
CA ILE C 351 0.72 10.65 34.20
C ILE C 351 -0.43 11.61 34.44
N ASN C 352 -0.28 12.46 35.44
CA ASN C 352 -1.26 13.51 35.75
C ASN C 352 -2.66 12.94 35.96
N ASN C 353 -2.75 11.91 36.79
CA ASN C 353 -4.03 11.31 37.20
C ASN C 353 -4.88 10.90 36.00
N SER C 354 -4.25 10.19 35.05
CA SER C 354 -4.96 9.72 33.87
C SER C 354 -4.13 8.64 33.18
N TRP C 355 -4.77 7.52 32.86
CA TRP C 355 -4.11 6.47 32.11
C TRP C 355 -4.02 6.86 30.64
N LYS C 356 -2.80 6.98 30.13
CA LYS C 356 -2.56 7.37 28.75
C LYS C 356 -1.75 6.30 28.04
N PHE C 357 -2.00 6.16 26.74
CA PHE C 357 -1.27 5.22 25.91
C PHE C 357 -1.27 5.72 24.48
N ASN C 358 -0.24 5.32 23.74
CA ASN C 358 -0.10 5.70 22.34
C ASN C 358 0.56 4.54 21.61
N SER C 359 -0.17 3.92 20.69
CA SER C 359 0.35 2.74 19.98
C SER C 359 1.52 3.10 19.08
N GLU C 360 1.57 4.34 18.58
CA GLU C 360 2.65 4.72 17.69
C GLU C 360 3.98 4.83 18.43
N GLU C 361 4.03 5.67 19.46
CA GLU C 361 5.24 5.84 20.25
C GLU C 361 4.94 5.67 21.73
N PRO C 362 5.72 4.88 22.45
CA PRO C 362 5.44 4.66 23.88
C PRO C 362 5.69 5.92 24.71
N LEU C 363 4.98 6.00 25.83
CA LEU C 363 5.14 7.08 26.80
C LEU C 363 5.82 6.63 28.08
N ILE C 364 6.66 5.61 28.02
CA ILE C 364 7.35 5.15 29.22
C ILE C 364 8.39 6.17 29.67
N THR C 365 9.12 6.76 28.71
CA THR C 365 10.11 7.76 29.06
C THR C 365 9.47 9.00 29.68
N LYS C 366 8.27 9.38 29.22
CA LYS C 366 7.56 10.49 29.82
C LYS C 366 7.35 10.26 31.31
N LEU C 367 6.84 9.08 31.67
CA LEU C 367 6.59 8.77 33.08
C LEU C 367 7.91 8.64 33.84
N ILE C 368 8.95 8.12 33.18
CA ILE C 368 10.25 8.00 33.84
C ILE C 368 10.77 9.37 34.23
N LEU C 369 10.63 10.35 33.34
CA LEU C 369 11.04 11.71 33.67
C LEU C 369 10.12 12.34 34.70
N SER C 370 8.82 12.05 34.63
CA SER C 370 7.86 12.68 35.52
C SER C 370 8.00 12.19 36.96
N ILE C 371 8.30 10.92 37.15
CA ILE C 371 8.33 10.31 38.47
C ILE C 371 9.66 10.59 39.15
N ARG C 372 10.47 11.46 38.54
CA ARG C 372 11.77 11.82 39.08
C ARG C 372 11.70 12.41 40.48
N HIS C 373 10.55 12.96 40.87
CA HIS C 373 10.40 13.61 42.17
C HIS C 373 9.86 12.66 43.24
N GLN C 374 9.90 11.36 42.98
CA GLN C 374 9.52 10.37 43.99
C GLN C 374 10.63 9.39 44.33
N LEU C 375 11.88 9.72 44.04
CA LEU C 375 13.04 8.88 44.33
C LEU C 375 14.09 9.70 45.09
N PRO C 376 14.99 9.04 45.81
CA PRO C 376 16.05 9.77 46.52
C PRO C 376 16.89 10.60 45.56
N LYS C 377 17.67 11.51 46.16
CA LYS C 377 18.38 12.52 45.37
C LYS C 377 19.40 11.88 44.43
N GLU C 378 20.13 10.88 44.90
CA GLU C 378 21.15 10.24 44.06
C GLU C 378 20.54 9.56 42.85
N TYR C 379 19.26 9.19 42.91
CA TYR C 379 18.56 8.66 41.74
C TYR C 379 17.88 9.75 40.92
N SER C 380 17.70 10.93 41.47
CA SER C 380 16.99 12.00 40.79
C SER C 380 17.80 12.67 39.68
N SER C 381 19.13 12.67 39.78
CA SER C 381 19.96 13.34 38.80
C SER C 381 20.39 12.44 37.65
N GLU C 382 20.15 11.13 37.76
CA GLU C 382 20.52 10.23 36.67
C GLU C 382 19.52 10.30 35.51
N LEU C 383 18.25 10.53 35.81
CA LEU C 383 17.19 10.50 34.81
C LEU C 383 17.13 11.77 33.96
N LEU C 384 18.12 12.65 34.08
CA LEU C 384 18.18 13.83 33.22
C LEU C 384 18.88 13.56 31.90
N CYS C 385 19.47 12.39 31.75
CA CYS C 385 20.12 12.02 30.49
C CYS C 385 19.22 11.07 29.71
N PRO C 386 18.83 11.42 28.48
CA PRO C 386 17.89 10.54 27.75
C PRO C 386 18.45 9.17 27.44
N ARG C 387 19.75 9.05 27.19
CA ARG C 387 20.36 7.73 27.00
C ARG C 387 20.42 6.93 28.29
N LYS C 388 20.25 7.59 29.44
CA LYS C 388 20.10 6.90 30.71
C LYS C 388 18.64 6.63 31.06
N ARG C 389 17.70 7.26 30.35
CA ARG C 389 16.29 6.92 30.50
C ARG C 389 15.87 5.80 29.56
N LYS C 390 16.52 5.68 28.41
CA LYS C 390 16.23 4.56 27.52
C LYS C 390 16.59 3.23 28.18
N THR C 391 17.68 3.19 28.95
CA THR C 391 18.06 1.97 29.66
C THR C 391 16.98 1.58 30.68
N VAL C 392 16.49 2.56 31.44
CA VAL C 392 15.44 2.28 32.43
C VAL C 392 14.17 1.82 31.74
N GLU C 393 13.85 2.43 30.60
CA GLU C 393 12.66 2.01 29.85
C GLU C 393 12.83 0.59 29.33
N ALA C 394 14.03 0.22 28.88
CA ALA C 394 14.28 -1.15 28.44
C ALA C 394 14.11 -2.14 29.59
N ASN C 395 14.65 -1.80 30.77
CA ASN C 395 14.48 -2.66 31.92
C ASN C 395 13.01 -2.83 32.27
N ILE C 396 12.27 -1.72 32.31
CA ILE C 396 10.85 -1.78 32.63
C ILE C 396 10.10 -2.63 31.61
N ARG C 397 10.44 -2.48 30.33
CA ARG C 397 9.80 -3.26 29.29
C ARG C 397 10.10 -4.74 29.43
N ASP C 398 11.31 -5.07 29.89
CA ASP C 398 11.69 -6.47 30.06
C ASP C 398 11.23 -7.07 31.38
N MET C 399 10.71 -6.26 32.31
CA MET C 399 10.15 -6.82 33.54
C MET C 399 8.65 -7.05 33.48
N LEU C 400 7.95 -6.51 32.49
CA LEU C 400 6.51 -6.73 32.34
C LEU C 400 6.29 -7.99 31.50
N VAL C 401 5.79 -9.04 32.14
CA VAL C 401 5.61 -10.33 31.46
C VAL C 401 4.13 -10.65 31.26
N ASP C 402 3.29 -10.36 32.25
CA ASP C 402 1.89 -10.74 32.22
C ASP C 402 1.02 -9.54 31.91
N SER C 403 -0.12 -9.80 31.26
CA SER C 403 -1.06 -8.76 30.89
C SER C 403 -2.18 -8.65 31.94
N VAL C 404 -2.90 -7.52 31.87
CA VAL C 404 -4.00 -7.23 32.78
C VAL C 404 -5.21 -6.80 31.96
N GLU C 405 -6.37 -6.83 32.61
CA GLU C 405 -7.64 -6.45 31.99
C GLU C 405 -7.98 -5.02 32.35
N THR C 406 -8.62 -4.31 31.43
CA THR C 406 -8.95 -2.91 31.58
C THR C 406 -10.44 -2.67 31.33
N ASP C 407 -10.96 -1.60 31.96
CA ASP C 407 -12.34 -1.18 31.78
C ASP C 407 -13.32 -2.27 32.19
N THR C 408 -13.24 -2.68 33.45
CA THR C 408 -14.16 -3.67 34.00
C THR C 408 -15.20 -3.06 34.93
N TYR C 409 -15.15 -1.75 35.17
CA TYR C 409 -16.12 -1.08 36.02
C TYR C 409 -17.08 -0.28 35.15
N PRO C 410 -18.37 -0.64 35.10
CA PRO C 410 -19.28 0.07 34.20
C PRO C 410 -19.90 1.31 34.82
N ASP C 411 -19.79 1.47 36.13
CA ASP C 411 -20.48 2.55 36.84
C ASP C 411 -19.53 3.68 37.26
N LYS C 412 -18.46 3.90 36.50
CA LYS C 412 -17.56 5.01 36.75
C LYS C 412 -17.42 5.84 35.48
N LEU C 413 -17.24 7.15 35.63
CA LEU C 413 -17.08 8.05 34.49
C LEU C 413 -15.76 8.79 34.64
N PRO C 414 -14.78 8.56 33.77
CA PRO C 414 -13.47 9.18 33.95
C PRO C 414 -13.34 10.53 33.24
N PHE C 415 -12.69 11.47 33.93
CA PHE C 415 -12.32 12.76 33.36
C PHE C 415 -10.80 12.81 33.25
N LYS C 416 -10.29 13.97 32.84
CA LYS C 416 -8.85 14.16 32.74
C LYS C 416 -8.16 14.11 34.10
N ASN C 417 -8.82 14.57 35.16
CA ASN C 417 -8.17 14.70 36.47
C ASN C 417 -8.86 13.85 37.53
N GLY C 418 -9.28 12.64 37.19
CA GLY C 418 -9.87 11.75 38.17
C GLY C 418 -11.02 10.97 37.56
N VAL C 419 -11.80 10.34 38.43
CA VAL C 419 -12.99 9.60 38.02
C VAL C 419 -14.14 9.99 38.93
N LEU C 420 -15.36 9.96 38.40
CA LEU C 420 -16.56 10.21 39.18
C LEU C 420 -17.32 8.90 39.35
N ASP C 421 -17.60 8.55 40.60
CA ASP C 421 -18.38 7.36 40.93
C ASP C 421 -19.85 7.73 40.87
N LEU C 422 -20.62 6.98 40.07
CA LEU C 422 -21.99 7.35 39.73
C LEU C 422 -23.02 6.83 40.72
N VAL C 423 -22.72 5.75 41.43
CA VAL C 423 -23.70 5.20 42.36
C VAL C 423 -24.06 6.22 43.44
N ASP C 424 -23.05 6.90 43.98
CA ASP C 424 -23.28 8.01 44.90
C ASP C 424 -22.70 9.33 44.39
N GLY C 425 -22.04 9.32 43.24
CA GLY C 425 -21.61 10.56 42.61
C GLY C 425 -20.50 11.29 43.34
N MET C 426 -19.39 10.62 43.63
CA MET C 426 -18.27 11.24 44.32
C MET C 426 -17.05 11.29 43.42
N PHE C 427 -16.28 12.37 43.52
CA PHE C 427 -15.11 12.58 42.67
C PHE C 427 -13.86 12.08 43.38
N TYR C 428 -13.13 11.18 42.73
CA TYR C 428 -11.88 10.64 43.26
C TYR C 428 -10.74 11.07 42.35
N SER C 429 -9.65 11.52 42.97
CA SER C 429 -8.45 11.93 42.26
C SER C 429 -7.22 11.34 42.92
N GLY C 430 -6.12 11.29 42.17
CA GLY C 430 -4.91 10.71 42.70
C GLY C 430 -5.02 9.19 42.84
N ASP C 431 -4.29 8.65 43.80
CA ASP C 431 -4.30 7.22 44.03
C ASP C 431 -5.67 6.71 44.46
N ASP C 432 -6.54 7.60 44.95
CA ASP C 432 -7.91 7.21 45.23
C ASP C 432 -8.63 6.72 43.98
N ALA C 433 -8.28 7.27 42.82
CA ALA C 433 -8.80 6.80 41.54
C ALA C 433 -7.63 6.28 40.71
N LYS C 434 -7.25 5.04 40.97
CA LYS C 434 -6.31 4.31 40.12
C LYS C 434 -6.66 2.84 39.94
N LYS C 435 -7.39 2.24 40.89
CA LYS C 435 -7.81 0.85 40.75
C LYS C 435 -8.70 0.67 39.54
N TYR C 436 -9.59 1.63 39.30
CA TYR C 436 -10.47 1.57 38.14
C TYR C 436 -9.67 1.89 36.88
N THR C 437 -9.14 0.85 36.22
CA THR C 437 -8.28 1.03 35.07
C THR C 437 -9.15 1.41 33.87
N CYS C 438 -9.42 2.71 33.76
CA CYS C 438 -10.20 3.28 32.66
C CYS C 438 -9.25 3.94 31.68
N THR C 439 -9.07 3.32 30.52
CA THR C 439 -8.14 3.80 29.51
C THR C 439 -8.69 4.98 28.71
N VAL C 440 -9.98 5.23 28.78
CA VAL C 440 -10.60 6.33 28.05
C VAL C 440 -10.80 7.51 29.00
N SER C 441 -11.02 8.69 28.41
CA SER C 441 -11.23 9.90 29.20
C SER C 441 -12.12 10.84 28.41
N THR C 442 -12.81 11.72 29.14
CA THR C 442 -13.67 12.70 28.49
C THR C 442 -12.88 13.78 27.78
N GLY C 443 -11.63 13.99 28.17
CA GLY C 443 -10.77 14.96 27.52
C GLY C 443 -10.69 16.31 28.18
N PHE C 444 -11.33 16.50 29.33
CA PHE C 444 -11.27 17.78 30.03
C PHE C 444 -11.38 17.54 31.53
N LYS C 445 -11.12 18.60 32.30
CA LYS C 445 -11.12 18.49 33.75
C LYS C 445 -12.53 18.67 34.31
N PHE C 446 -12.73 18.14 35.51
CA PHE C 446 -14.00 18.22 36.21
C PHE C 446 -13.82 19.20 37.38
N ASP C 447 -14.36 20.40 37.24
CA ASP C 447 -14.31 21.41 38.29
C ASP C 447 -15.56 21.26 39.15
N ASP C 448 -15.36 20.91 40.42
CA ASP C 448 -16.42 20.63 41.39
C ASP C 448 -17.29 21.87 41.68
N THR C 449 -16.75 23.08 41.55
CA THR C 449 -17.47 24.29 41.93
C THR C 449 -18.70 24.57 41.08
N LYS C 450 -18.79 24.00 39.88
CA LYS C 450 -19.93 24.21 39.00
C LYS C 450 -20.79 22.96 38.85
N PHE C 451 -20.64 21.98 39.74
CA PHE C 451 -21.41 20.74 39.70
C PHE C 451 -22.55 20.77 40.70
N VAL C 452 -23.15 21.93 40.92
CA VAL C 452 -24.18 22.13 41.93
C VAL C 452 -25.45 22.64 41.24
N GLU C 453 -26.50 22.82 42.04
CA GLU C 453 -27.80 23.27 41.53
C GLU C 453 -27.96 24.78 41.59
N ASP C 454 -27.31 25.44 42.55
CA ASP C 454 -27.44 26.89 42.69
C ASP C 454 -26.59 27.62 41.67
N SER C 455 -27.14 27.83 40.48
CA SER C 455 -26.44 28.52 39.40
C SER C 455 -27.47 29.03 38.41
N PRO C 456 -27.15 30.08 37.65
CA PRO C 456 -28.11 30.58 36.65
C PRO C 456 -28.21 29.66 35.43
N GLU C 457 -27.08 29.04 35.06
CA GLU C 457 -27.08 28.11 33.92
C GLU C 457 -27.97 26.91 34.19
N MET C 458 -28.12 26.53 35.46
CA MET C 458 -28.95 25.38 35.83
C MET C 458 -30.41 25.61 35.43
N GLU C 459 -30.94 26.79 35.74
CA GLU C 459 -32.31 27.13 35.36
C GLU C 459 -32.45 27.25 33.85
N GLU C 460 -31.44 27.78 33.18
CA GLU C 460 -31.49 27.84 31.71
C GLU C 460 -31.54 26.45 31.10
N LEU C 461 -30.77 25.52 31.66
CA LEU C 461 -30.80 24.14 31.17
C LEU C 461 -32.17 23.52 31.39
N MET C 462 -32.77 23.72 32.57
CA MET C 462 -34.12 23.21 32.78
C MET C 462 -35.13 23.85 31.82
N ASN C 463 -35.01 25.15 31.57
CA ASN C 463 -35.89 25.79 30.61
C ASN C 463 -35.73 25.19 29.21
N ILE C 464 -34.51 24.92 28.79
CA ILE C 464 -34.27 24.34 27.47
C ILE C 464 -34.84 22.93 27.40
N ILE C 465 -34.58 22.11 28.43
CA ILE C 465 -35.00 20.72 28.40
C ILE C 465 -36.52 20.60 28.44
N ASN C 466 -37.16 21.34 29.35
CA ASN C 466 -38.61 21.31 29.43
C ASN C 466 -39.29 21.90 28.21
N ASP C 467 -38.56 22.69 27.41
CA ASP C 467 -39.06 23.17 26.13
C ASP C 467 -38.90 22.14 25.02
N ILE C 468 -37.78 21.43 24.99
CA ILE C 468 -37.59 20.38 23.99
C ILE C 468 -38.57 19.24 24.23
N GLN C 469 -38.67 18.79 25.47
CA GLN C 469 -39.64 17.76 25.87
C GLN C 469 -40.51 18.33 26.99
N PRO C 470 -41.75 18.69 26.70
CA PRO C 470 -42.61 19.28 27.73
C PRO C 470 -42.94 18.27 28.83
N LEU C 471 -43.07 18.79 30.05
CA LEU C 471 -43.38 17.97 31.21
C LEU C 471 -44.89 17.87 31.44
N THR C 472 -45.61 17.45 30.40
CA THR C 472 -47.05 17.28 30.49
C THR C 472 -47.39 15.86 30.93
N ASP C 473 -48.68 15.51 30.86
CA ASP C 473 -49.12 14.15 31.14
C ASP C 473 -49.28 13.31 29.89
N GLU C 474 -49.58 13.93 28.74
CA GLU C 474 -49.62 13.21 27.47
C GLU C 474 -48.23 12.83 26.98
N ASN C 475 -47.18 13.38 27.56
CA ASN C 475 -45.81 13.13 27.14
C ASN C 475 -44.96 12.73 28.35
N LYS C 476 -45.48 11.81 29.16
CA LYS C 476 -44.77 11.33 30.33
C LYS C 476 -43.95 10.06 30.04
N LYS C 477 -44.56 9.07 29.37
CA LYS C 477 -43.81 7.88 28.99
C LYS C 477 -42.67 8.24 28.02
N ASN C 478 -42.97 9.12 27.07
CA ASN C 478 -41.92 9.61 26.17
C ASN C 478 -40.81 10.32 26.94
N ARG C 479 -41.19 11.17 27.90
CA ARG C 479 -40.20 11.90 28.68
C ARG C 479 -39.35 10.94 29.52
N GLU C 480 -39.98 9.96 30.15
CA GLU C 480 -39.23 9.01 30.98
C GLU C 480 -38.30 8.16 30.13
N LEU C 481 -38.77 7.68 28.98
CA LEU C 481 -37.91 6.90 28.10
C LEU C 481 -36.77 7.75 27.55
N TYR C 482 -37.04 9.02 27.25
CA TYR C 482 -35.98 9.93 26.81
C TYR C 482 -34.94 10.12 27.89
N GLU C 483 -35.37 10.30 29.14
CA GLU C 483 -34.43 10.45 30.24
C GLU C 483 -33.60 9.18 30.43
N LYS C 484 -34.24 8.01 30.35
CA LYS C 484 -33.51 6.76 30.50
C LYS C 484 -32.48 6.59 29.39
N THR C 485 -32.88 6.87 28.16
CA THR C 485 -31.97 6.73 27.02
C THR C 485 -30.79 7.68 27.15
N LEU C 486 -31.04 8.92 27.56
CA LEU C 486 -29.94 9.87 27.70
C LEU C 486 -29.01 9.49 28.84
N SER C 487 -29.57 9.07 29.98
CA SER C 487 -28.76 8.71 31.14
C SER C 487 -28.00 7.40 30.94
N SER C 488 -28.46 6.54 30.03
CA SER C 488 -27.74 5.31 29.77
C SER C 488 -26.39 5.55 29.09
N CYS C 489 -26.14 6.76 28.61
CA CYS C 489 -24.89 7.07 27.93
C CYS C 489 -23.71 7.21 28.87
N LEU C 490 -23.89 7.01 30.18
CA LEU C 490 -22.80 7.10 31.14
C LEU C 490 -22.33 5.74 31.66
N CYS C 491 -23.14 4.69 31.52
CA CYS C 491 -22.75 3.37 31.98
C CYS C 491 -21.91 2.67 30.92
N GLY C 492 -20.71 2.24 31.31
CA GLY C 492 -19.78 1.65 30.37
C GLY C 492 -19.91 0.15 30.22
N ALA C 493 -21.14 -0.32 30.04
CA ALA C 493 -21.40 -1.74 29.80
C ALA C 493 -22.08 -1.90 28.45
N THR C 494 -22.34 -3.16 28.09
CA THR C 494 -22.92 -3.47 26.78
C THR C 494 -24.44 -3.35 26.87
N LYS C 495 -25.01 -2.54 25.98
CA LYS C 495 -26.46 -2.40 25.89
C LYS C 495 -26.98 -3.17 24.70
N GLY C 496 -28.18 -3.72 24.84
CA GLY C 496 -28.73 -4.58 23.80
C GLY C 496 -29.95 -4.04 23.09
N CYS C 497 -30.05 -2.73 22.92
CA CYS C 497 -31.16 -2.13 22.20
C CYS C 497 -30.67 -0.93 21.40
N LEU C 498 -31.42 -0.59 20.37
CA LEU C 498 -31.13 0.55 19.52
C LEU C 498 -32.22 1.60 19.70
N THR C 499 -31.83 2.87 19.63
CA THR C 499 -32.75 3.99 19.86
C THR C 499 -32.85 4.85 18.61
N PHE C 500 -34.08 5.22 18.26
CA PHE C 500 -34.36 6.06 17.11
C PHE C 500 -34.92 7.39 17.59
N PHE C 501 -34.24 8.49 17.25
CA PHE C 501 -34.69 9.84 17.60
C PHE C 501 -35.58 10.33 16.46
N PHE C 502 -36.85 9.94 16.49
CA PHE C 502 -37.80 10.27 15.44
C PHE C 502 -38.45 11.62 15.73
N GLY C 503 -38.59 12.43 14.68
CA GLY C 503 -39.27 13.71 14.81
C GLY C 503 -39.08 14.51 13.54
N GLU C 504 -39.79 15.64 13.50
CA GLU C 504 -39.70 16.56 12.38
C GLU C 504 -38.42 17.40 12.52
N THR C 505 -38.08 18.15 11.48
CA THR C 505 -36.89 18.98 11.49
C THR C 505 -37.08 20.18 12.41
N ALA C 506 -35.96 20.75 12.84
CA ALA C 506 -35.93 21.92 13.72
C ALA C 506 -36.76 21.69 14.97
N THR C 507 -36.54 20.54 15.59
CA THR C 507 -37.28 20.15 16.79
C THR C 507 -36.40 20.05 18.03
N GLY C 508 -35.08 20.04 17.88
CA GLY C 508 -34.20 20.01 19.03
C GLY C 508 -33.29 18.80 19.13
N LYS C 509 -33.35 17.91 18.13
CA LYS C 509 -32.45 16.76 18.13
C LYS C 509 -31.00 17.20 18.05
N SER C 510 -30.72 18.19 17.19
CA SER C 510 -29.36 18.73 17.12
C SER C 510 -28.94 19.36 18.44
N THR C 511 -29.85 20.07 19.11
CA THR C 511 -29.54 20.67 20.39
C THR C 511 -29.20 19.60 21.43
N THR C 512 -29.98 18.52 21.47
CA THR C 512 -29.68 17.43 22.38
C THR C 512 -28.34 16.80 22.05
N LYS C 513 -28.03 16.63 20.77
CA LYS C 513 -26.76 16.03 20.38
C LYS C 513 -25.58 16.90 20.81
N ARG C 514 -25.68 18.22 20.62
CA ARG C 514 -24.55 19.06 21.01
C ARG C 514 -24.44 19.17 22.52
N LEU C 515 -25.58 19.15 23.24
CA LEU C 515 -25.51 19.11 24.69
C LEU C 515 -24.82 17.84 25.18
N LEU C 516 -25.14 16.70 24.57
CA LEU C 516 -24.47 15.46 24.95
C LEU C 516 -22.98 15.52 24.64
N LYS C 517 -22.63 16.06 23.47
CA LYS C 517 -21.22 16.16 23.10
C LYS C 517 -20.45 17.04 24.07
N SER C 518 -21.04 18.17 24.46
CA SER C 518 -20.39 19.05 25.43
C SER C 518 -20.32 18.40 26.81
N ALA C 519 -21.31 17.56 27.15
CA ALA C 519 -21.33 16.95 28.48
C ALA C 519 -20.30 15.84 28.61
N ILE C 520 -20.41 14.80 27.77
CA ILE C 520 -19.56 13.62 27.91
C ILE C 520 -18.24 13.75 27.19
N GLY C 521 -17.99 14.85 26.48
CA GLY C 521 -16.71 15.10 25.87
C GLY C 521 -16.27 14.10 24.84
N ASP C 522 -15.07 13.52 25.02
CA ASP C 522 -14.46 12.65 24.02
C ASP C 522 -15.16 11.30 23.92
N LEU C 523 -15.94 10.91 24.93
CA LEU C 523 -16.67 9.65 24.86
C LEU C 523 -17.94 9.82 24.05
N PHE C 524 -17.80 10.34 22.83
CA PHE C 524 -18.93 10.60 21.95
C PHE C 524 -18.41 10.69 20.52
N VAL C 525 -18.89 9.79 19.66
CA VAL C 525 -18.43 9.73 18.28
C VAL C 525 -19.63 9.69 17.35
N GLU C 526 -19.56 10.43 16.25
CA GLU C 526 -20.57 10.39 15.21
C GLU C 526 -19.95 9.76 13.97
N THR C 527 -20.61 8.76 13.42
CA THR C 527 -20.09 7.96 12.31
C THR C 527 -21.16 7.86 11.22
N GLY C 528 -20.69 7.72 9.96
CA GLY C 528 -21.60 7.65 8.82
C GLY C 528 -22.52 6.45 8.84
N GLN C 529 -23.33 6.34 7.79
CA GLN C 529 -24.40 5.35 7.73
C GLN C 529 -23.93 3.97 7.31
N THR C 530 -22.66 3.82 6.94
CA THR C 530 -22.15 2.56 6.42
C THR C 530 -22.30 1.41 7.41
N ILE C 531 -22.45 1.70 8.71
CA ILE C 531 -22.60 0.67 9.72
C ILE C 531 -24.00 0.07 9.77
N LEU C 532 -24.92 0.52 8.91
CA LEU C 532 -26.27 -0.06 8.87
C LEU C 532 -26.71 -0.55 7.50
N THR C 533 -25.99 -0.21 6.43
CA THR C 533 -26.40 -0.61 5.08
C THR C 533 -25.44 -1.56 4.40
N ASP C 534 -24.16 -1.55 4.74
CA ASP C 534 -23.15 -2.37 4.09
C ASP C 534 -22.65 -3.47 5.04
N VAL C 535 -21.70 -4.26 4.56
CA VAL C 535 -21.09 -5.32 5.35
C VAL C 535 -19.81 -4.76 5.98
N LEU C 536 -19.49 -5.24 7.18
CA LEU C 536 -18.37 -4.71 7.95
C LEU C 536 -17.18 -5.66 7.96
N ASP C 537 -17.19 -6.62 7.06
CA ASP C 537 -16.15 -7.65 7.03
C ASP C 537 -15.21 -7.51 5.84
N LYS C 538 -15.64 -6.86 4.77
CA LYS C 538 -14.83 -6.78 3.56
C LYS C 538 -13.82 -5.64 3.67
N GLY C 539 -12.55 -5.99 3.77
CA GLY C 539 -11.48 -5.02 3.85
C GLY C 539 -11.49 -4.27 5.18
N PRO C 540 -10.83 -3.12 5.21
CA PRO C 540 -10.83 -2.31 6.44
C PRO C 540 -12.12 -1.52 6.56
N ASN C 541 -12.36 -1.04 7.78
CA ASN C 541 -13.53 -0.23 8.06
C ASN C 541 -13.29 0.57 9.34
N PRO C 542 -12.50 1.65 9.27
CA PRO C 542 -12.22 2.45 10.48
C PRO C 542 -13.45 3.12 11.07
N PHE C 543 -14.54 3.24 10.32
CA PHE C 543 -15.77 3.78 10.87
C PHE C 543 -16.31 2.95 12.03
N ILE C 544 -15.97 1.67 12.08
CA ILE C 544 -16.35 0.81 13.20
C ILE C 544 -15.20 0.63 14.17
N ALA C 545 -13.95 0.73 13.69
CA ALA C 545 -12.79 0.66 14.56
C ALA C 545 -12.68 1.85 15.49
N ASN C 546 -13.46 2.91 15.27
CA ASN C 546 -13.47 4.05 16.17
C ASN C 546 -14.51 3.92 17.27
N MET C 547 -15.36 2.90 17.23
CA MET C 547 -16.38 2.66 18.24
C MET C 547 -15.83 1.88 19.45
N HIS C 548 -14.54 1.55 19.43
CA HIS C 548 -13.93 0.81 20.52
C HIS C 548 -13.94 1.63 21.79
N LEU C 549 -14.73 1.20 22.78
CA LEU C 549 -14.81 1.75 24.13
C LEU C 549 -15.42 3.15 24.17
N LYS C 550 -16.17 3.55 23.15
CA LYS C 550 -16.93 4.78 23.22
C LYS C 550 -18.29 4.50 23.82
N ARG C 551 -18.75 5.42 24.68
CA ARG C 551 -19.94 5.17 25.49
C ARG C 551 -21.24 5.65 24.84
N SER C 552 -21.16 6.29 23.67
CA SER C 552 -22.36 6.70 22.95
C SER C 552 -22.00 7.01 21.51
N VAL C 553 -22.92 6.73 20.60
CA VAL C 553 -22.68 6.93 19.17
C VAL C 553 -23.95 7.49 18.53
N PHE C 554 -23.77 8.36 17.55
CA PHE C 554 -24.86 9.00 16.82
C PHE C 554 -24.76 8.61 15.35
N CYS C 555 -25.92 8.34 14.74
CA CYS C 555 -26.01 7.85 13.37
C CYS C 555 -27.02 8.68 12.58
N SER C 556 -26.84 10.01 12.63
CA SER C 556 -27.78 10.97 12.11
C SER C 556 -27.93 10.87 10.59
N GLU C 557 -28.85 11.65 10.05
CA GLU C 557 -29.09 11.81 8.62
C GLU C 557 -29.49 10.49 7.97
N LEU C 558 -30.63 9.98 8.43
CA LEU C 558 -31.25 8.82 7.77
C LEU C 558 -32.00 9.28 6.52
N PRO C 559 -31.77 8.61 5.38
CA PRO C 559 -32.42 9.03 4.14
C PRO C 559 -33.87 8.57 4.01
N ASP C 560 -34.47 8.83 2.85
CA ASP C 560 -35.85 8.42 2.56
C ASP C 560 -35.83 7.04 1.91
N PHE C 561 -36.35 6.05 2.64
CA PHE C 561 -36.50 4.71 2.08
C PHE C 561 -37.75 4.55 1.24
N ALA C 562 -38.69 5.51 1.31
CA ALA C 562 -39.85 5.50 0.44
C ALA C 562 -39.52 5.95 -0.98
N CYS C 563 -38.34 6.51 -1.19
CA CYS C 563 -37.92 6.93 -2.53
C CYS C 563 -37.42 5.74 -3.33
N SER C 564 -36.82 6.03 -4.48
CA SER C 564 -36.29 5.01 -5.38
C SER C 564 -34.77 4.99 -5.26
N GLY C 565 -34.23 3.85 -4.83
CA GLY C 565 -32.79 3.69 -4.75
C GLY C 565 -32.22 3.95 -3.37
N SER C 566 -32.94 3.54 -2.33
CA SER C 566 -32.50 3.72 -0.95
C SER C 566 -32.19 2.37 -0.33
N LYS C 567 -30.97 2.24 0.21
CA LYS C 567 -30.57 1.01 0.89
C LYS C 567 -31.23 0.94 2.26
N LYS C 568 -31.88 -0.19 2.55
CA LYS C 568 -32.54 -0.37 3.82
C LYS C 568 -31.54 -0.77 4.91
N ILE C 569 -31.95 -0.62 6.16
CA ILE C 569 -31.13 -1.03 7.30
C ILE C 569 -31.15 -2.55 7.36
N ARG C 570 -29.97 -3.16 7.28
CA ARG C 570 -29.88 -4.62 7.32
C ARG C 570 -30.15 -5.13 8.73
N SER C 571 -31.03 -6.12 8.83
CA SER C 571 -31.42 -6.65 10.13
C SER C 571 -30.24 -7.28 10.85
N ASP C 572 -29.39 -8.00 10.11
CA ASP C 572 -28.20 -8.60 10.73
C ASP C 572 -27.29 -7.52 11.29
N ASN C 573 -27.19 -6.37 10.60
CA ASN C 573 -26.39 -5.27 11.11
C ASN C 573 -26.92 -4.78 12.45
N ILE C 574 -28.24 -4.65 12.58
CA ILE C 574 -28.83 -4.27 13.87
C ILE C 574 -28.52 -5.32 14.91
N LYS C 575 -28.64 -6.61 14.56
CA LYS C 575 -28.42 -7.68 15.52
C LYS C 575 -26.98 -7.72 16.04
N LYS C 576 -25.98 -7.55 15.17
CA LYS C 576 -24.61 -7.70 15.62
C LYS C 576 -24.14 -6.51 16.47
N LEU C 577 -24.78 -5.35 16.31
CA LEU C 577 -24.35 -4.17 17.04
C LEU C 577 -24.70 -4.23 18.53
N THR C 578 -25.52 -5.20 18.94
CA THR C 578 -25.91 -5.34 20.35
C THR C 578 -25.22 -6.51 21.02
N GLU C 579 -23.97 -6.77 20.65
CA GLU C 579 -23.20 -7.87 21.19
C GLU C 579 -22.00 -7.34 21.99
N PRO C 580 -21.51 -8.12 22.96
CA PRO C 580 -20.36 -7.64 23.75
C PRO C 580 -19.12 -7.35 22.93
N CYS C 581 -18.94 -8.07 21.82
CA CYS C 581 -17.78 -7.88 20.95
C CYS C 581 -18.25 -7.70 19.52
N VAL C 582 -17.68 -6.71 18.83
CA VAL C 582 -18.00 -6.42 17.44
C VAL C 582 -16.78 -6.76 16.60
N ILE C 583 -17.01 -7.15 15.35
CA ILE C 583 -15.96 -7.61 14.45
C ILE C 583 -15.70 -6.53 13.42
N GLY C 584 -14.45 -6.09 13.33
CA GLY C 584 -14.06 -5.07 12.37
C GLY C 584 -12.65 -4.58 12.62
N ARG C 585 -11.94 -4.21 11.56
CA ARG C 585 -10.53 -3.89 11.73
C ARG C 585 -10.20 -2.52 11.13
N PRO C 586 -9.20 -1.84 11.68
CA PRO C 586 -8.76 -0.58 11.08
C PRO C 586 -7.88 -0.81 9.86
N CYS C 587 -7.35 0.27 9.29
CA CYS C 587 -6.40 0.14 8.19
C CYS C 587 -5.01 -0.17 8.72
N PHE C 588 -4.31 -1.06 8.01
CA PHE C 588 -2.94 -1.44 8.31
C PHE C 588 -2.81 -2.07 9.71
N SER C 589 -3.82 -2.81 10.14
CA SER C 589 -3.83 -3.42 11.46
C SER C 589 -4.43 -4.81 11.38
N ASN C 590 -4.12 -5.63 12.40
CA ASN C 590 -4.65 -6.99 12.50
C ASN C 590 -5.69 -7.16 13.59
N LYS C 591 -6.00 -6.11 14.36
CA LYS C 591 -6.99 -6.22 15.43
C LYS C 591 -8.39 -6.33 14.85
N ILE C 592 -9.05 -7.46 15.11
CA ILE C 592 -10.37 -7.74 14.53
C ILE C 592 -11.52 -7.44 15.49
N ASN C 593 -11.34 -7.66 16.79
CA ASN C 593 -12.44 -7.55 17.75
C ASN C 593 -12.35 -6.23 18.51
N ASN C 594 -13.50 -5.60 18.71
CA ASN C 594 -13.60 -4.37 19.47
C ASN C 594 -14.69 -4.52 20.52
N ARG C 595 -14.49 -3.84 21.66
CA ARG C 595 -15.44 -3.87 22.75
C ARG C 595 -16.55 -2.86 22.47
N ASN C 596 -17.79 -3.28 22.68
CA ASN C 596 -18.97 -2.46 22.37
C ASN C 596 -19.57 -2.00 23.69
N HIS C 597 -19.38 -0.72 24.00
CA HIS C 597 -19.95 -0.09 25.18
C HIS C 597 -20.92 1.03 24.84
N ALA C 598 -21.24 1.21 23.57
CA ALA C 598 -21.91 2.42 23.10
C ALA C 598 -23.43 2.26 23.13
N THR C 599 -24.10 3.35 23.50
CA THR C 599 -25.54 3.50 23.27
C THR C 599 -25.71 4.08 21.87
N ILE C 600 -26.49 3.40 21.04
CA ILE C 600 -26.63 3.76 19.64
C ILE C 600 -27.87 4.63 19.50
N ILE C 601 -27.70 5.82 18.92
CA ILE C 601 -28.81 6.74 18.69
C ILE C 601 -28.88 7.05 17.20
N ILE C 602 -30.05 6.86 16.62
CA ILE C 602 -30.27 7.12 15.20
C ILE C 602 -31.06 8.41 15.10
N ASP C 603 -30.37 9.52 14.81
CA ASP C 603 -31.00 10.82 14.63
C ASP C 603 -31.63 10.83 13.24
N THR C 604 -32.82 10.22 13.15
CA THR C 604 -33.53 10.11 11.89
C THR C 604 -34.56 11.22 11.75
N ASN C 605 -35.22 11.25 10.60
CA ASN C 605 -36.33 12.15 10.34
C ASN C 605 -37.54 11.48 9.73
N TYR C 606 -37.38 10.33 9.08
CA TYR C 606 -38.45 9.59 8.45
C TYR C 606 -38.59 8.22 9.09
N LYS C 607 -39.71 7.55 8.79
CA LYS C 607 -39.94 6.20 9.30
C LYS C 607 -38.91 5.23 8.71
N PRO C 608 -38.15 4.52 9.53
CA PRO C 608 -37.23 3.51 9.00
C PRO C 608 -37.97 2.32 8.42
N VAL C 609 -37.33 1.68 7.43
CA VAL C 609 -37.86 0.48 6.80
C VAL C 609 -36.75 -0.56 6.75
N PHE C 610 -37.01 -1.73 7.31
CA PHE C 610 -36.02 -2.79 7.40
C PHE C 610 -36.21 -3.79 6.26
N ASP C 611 -35.17 -4.58 6.01
CA ASP C 611 -35.24 -5.58 4.95
C ASP C 611 -36.16 -6.74 5.34
N ARG C 612 -36.07 -7.18 6.59
CA ARG C 612 -36.90 -8.29 7.07
C ARG C 612 -37.27 -8.03 8.53
N ILE C 613 -38.46 -8.49 8.90
CA ILE C 613 -39.01 -8.27 10.23
C ILE C 613 -39.14 -9.62 10.94
N ASP C 614 -38.59 -9.69 12.15
CA ASP C 614 -38.78 -10.85 13.02
C ASP C 614 -38.51 -10.40 14.45
N ASN C 615 -38.93 -11.25 15.40
CA ASN C 615 -38.97 -10.86 16.81
C ASN C 615 -37.63 -10.38 17.34
N ALA C 616 -36.52 -10.98 16.88
CA ALA C 616 -35.20 -10.54 17.31
C ALA C 616 -34.91 -9.10 16.92
N LEU C 617 -35.65 -8.56 15.95
CA LEU C 617 -35.49 -7.16 15.57
C LEU C 617 -36.40 -6.22 16.35
N MET C 618 -37.64 -6.61 16.66
CA MET C 618 -38.47 -5.78 17.51
C MET C 618 -38.09 -5.87 18.98
N ARG C 619 -37.19 -6.78 19.36
CA ARG C 619 -36.70 -6.84 20.73
C ARG C 619 -35.43 -6.02 20.93
N ARG C 620 -35.11 -5.10 20.00
CA ARG C 620 -33.92 -4.27 20.14
C ARG C 620 -34.16 -2.82 19.73
N ILE C 621 -35.41 -2.38 19.55
CA ILE C 621 -35.71 -1.05 19.03
C ILE C 621 -36.45 -0.25 20.09
N ALA C 622 -35.94 0.94 20.39
CA ALA C 622 -36.62 1.89 21.26
C ALA C 622 -36.82 3.20 20.50
N VAL C 623 -37.99 3.81 20.66
CA VAL C 623 -38.37 4.99 19.91
C VAL C 623 -38.84 6.07 20.87
N VAL C 624 -38.32 7.28 20.70
CA VAL C 624 -38.78 8.47 21.40
C VAL C 624 -39.10 9.54 20.36
N ARG C 625 -40.13 10.33 20.64
CA ARG C 625 -40.65 11.30 19.68
C ARG C 625 -40.38 12.72 20.13
N PHE C 626 -40.26 13.62 19.15
CA PHE C 626 -39.98 15.04 19.39
C PHE C 626 -41.09 15.85 18.75
N ARG C 627 -41.80 16.63 19.56
CA ARG C 627 -43.03 17.30 19.14
C ARG C 627 -43.04 18.76 19.60
N THR C 628 -41.95 19.49 19.34
CA THR C 628 -41.87 20.90 19.68
C THR C 628 -40.94 21.59 18.69
N HIS C 629 -41.50 22.30 17.72
CA HIS C 629 -40.69 23.06 16.75
C HIS C 629 -40.20 24.37 17.36
N LYS C 647 -46.90 22.16 19.99
CA LYS C 647 -46.51 23.48 20.49
C LYS C 647 -45.27 23.99 19.75
N VAL C 648 -45.24 25.29 19.48
CA VAL C 648 -44.14 25.93 18.77
C VAL C 648 -43.55 27.00 19.68
N LYS C 649 -42.23 26.96 19.87
CA LYS C 649 -41.54 27.97 20.65
C LYS C 649 -40.82 28.94 19.71
N LEU C 650 -40.08 29.87 20.29
CA LEU C 650 -39.32 30.87 19.54
C LEU C 650 -37.86 30.44 19.44
N LEU C 651 -37.28 30.62 18.27
CA LEU C 651 -35.89 30.22 18.06
C LEU C 651 -34.94 31.18 18.78
N ASP C 652 -33.86 30.62 19.32
CA ASP C 652 -32.82 31.38 20.00
C ASP C 652 -31.58 31.35 19.14
N GLU C 653 -31.18 32.52 18.61
CA GLU C 653 -30.02 32.58 17.73
C GLU C 653 -28.71 32.42 18.50
N GLY C 654 -28.64 32.94 19.72
CA GLY C 654 -27.47 32.80 20.55
C GLY C 654 -27.38 31.51 21.32
N LEU C 655 -28.34 30.60 21.13
CA LEU C 655 -28.33 29.34 21.86
C LEU C 655 -27.12 28.50 21.50
N ASP C 656 -26.90 28.29 20.19
CA ASP C 656 -25.78 27.46 19.76
C ASP C 656 -24.43 28.09 20.06
N GLY C 657 -24.37 29.43 20.16
CA GLY C 657 -23.11 30.07 20.47
C GLY C 657 -22.58 29.70 21.83
N LYS C 658 -23.45 29.73 22.86
CA LYS C 658 -23.06 29.30 24.19
C LYS C 658 -23.39 27.83 24.42
N ILE C 659 -22.97 26.99 23.48
CA ILE C 659 -23.00 25.54 23.63
C ILE C 659 -21.64 25.02 23.19
N GLN C 660 -21.20 25.43 22.01
CA GLN C 660 -19.83 25.17 21.58
C GLN C 660 -18.81 25.81 22.50
N ASN C 661 -19.21 26.85 23.23
CA ASN C 661 -18.38 27.44 24.27
C ASN C 661 -18.48 26.70 25.59
N ASN C 662 -19.01 25.47 25.57
CA ASN C 662 -19.19 24.62 26.75
C ASN C 662 -19.67 25.40 27.97
N ARG C 663 -20.79 26.11 27.80
CA ARG C 663 -21.35 26.87 28.91
C ARG C 663 -22.26 26.00 29.78
N TYR C 664 -23.17 25.26 29.15
CA TYR C 664 -23.99 24.29 29.87
C TYR C 664 -23.31 22.92 29.94
N ARG C 665 -22.06 22.90 30.42
CA ARG C 665 -21.29 21.66 30.42
C ARG C 665 -21.55 20.84 31.67
N PHE C 666 -21.37 21.44 32.85
CA PHE C 666 -21.53 20.69 34.09
C PHE C 666 -22.99 20.57 34.52
N ALA C 667 -23.86 21.46 34.04
CA ALA C 667 -25.26 21.39 34.41
C ALA C 667 -25.93 20.15 33.81
N PHE C 668 -25.71 19.91 32.51
CA PHE C 668 -26.26 18.71 31.90
C PHE C 668 -25.63 17.45 32.48
N LEU C 669 -24.35 17.51 32.83
CA LEU C 669 -23.71 16.38 33.50
C LEU C 669 -24.38 16.09 34.84
N TYR C 670 -24.68 17.13 35.62
CA TYR C 670 -25.39 16.95 36.88
C TYR C 670 -26.78 16.37 36.66
N LEU C 671 -27.48 16.85 35.63
CA LEU C 671 -28.80 16.32 35.33
C LEU C 671 -28.73 14.83 34.97
N LEU C 672 -27.74 14.46 34.15
CA LEU C 672 -27.57 13.06 33.78
C LEU C 672 -27.22 12.20 34.99
N VAL C 673 -26.36 12.71 35.87
CA VAL C 673 -26.02 11.98 37.08
C VAL C 673 -27.25 11.79 37.96
N LYS C 674 -28.07 12.84 38.08
CA LYS C 674 -29.29 12.74 38.88
C LYS C 674 -30.25 11.70 38.30
N TRP C 675 -30.38 11.67 36.97
CA TRP C 675 -31.26 10.69 36.36
C TRP C 675 -30.71 9.27 36.50
N TYR C 676 -29.39 9.11 36.38
CA TYR C 676 -28.79 7.80 36.54
C TYR C 676 -28.91 7.30 37.97
N LYS C 677 -28.90 8.22 38.94
CA LYS C 677 -29.15 7.85 40.32
C LYS C 677 -30.58 7.40 40.56
N LYS C 678 -31.48 7.59 39.59
CA LYS C 678 -32.87 7.24 39.76
C LYS C 678 -33.33 6.07 38.89
N TYR C 679 -32.69 5.84 37.74
CA TYR C 679 -33.17 4.82 36.83
C TYR C 679 -32.30 3.58 36.73
N HIS C 680 -30.98 3.69 36.89
CA HIS C 680 -30.10 2.56 36.63
C HIS C 680 -29.17 2.27 37.81
N ILE C 681 -29.68 2.29 39.03
CA ILE C 681 -28.86 1.96 40.19
C ILE C 681 -28.67 0.46 40.32
N PRO C 682 -29.73 -0.38 40.51
CA PRO C 682 -29.47 -1.81 40.74
C PRO C 682 -28.86 -2.49 39.53
N ILE C 683 -29.59 -2.48 38.41
CA ILE C 683 -29.18 -3.11 37.16
C ILE C 683 -29.35 -2.08 36.05
N MET C 684 -28.36 -1.98 35.18
CA MET C 684 -28.47 -1.13 34.00
C MET C 684 -29.02 -1.98 32.85
N LYS C 685 -30.20 -1.63 32.36
CA LYS C 685 -30.84 -2.34 31.27
C LYS C 685 -31.70 -1.37 30.47
N LEU C 686 -31.74 -1.59 29.16
CA LEU C 686 -32.61 -0.84 28.26
C LEU C 686 -33.72 -1.77 27.76
N TYR C 687 -34.88 -1.19 27.46
CA TYR C 687 -35.98 -2.02 27.03
C TYR C 687 -36.55 -1.51 25.70
N PRO C 688 -37.04 -2.42 24.86
CA PRO C 688 -37.60 -2.01 23.58
C PRO C 688 -39.08 -1.64 23.69
N THR C 689 -39.50 -0.75 22.78
CA THR C 689 -40.91 -0.38 22.64
C THR C 689 -41.33 -0.63 21.20
N PRO C 690 -42.13 -1.68 20.97
CA PRO C 690 -42.52 -2.01 19.59
C PRO C 690 -43.74 -1.27 19.08
N GLU C 691 -44.57 -0.69 19.95
CA GLU C 691 -45.79 0.00 19.50
C GLU C 691 -45.49 1.43 19.08
N GLU C 692 -44.48 1.60 18.24
CA GLU C 692 -44.16 2.91 17.66
C GLU C 692 -43.83 2.88 16.18
N ILE C 693 -43.57 1.71 15.60
CA ILE C 693 -43.21 1.57 14.19
C ILE C 693 -44.29 0.75 13.51
N PRO C 694 -44.85 1.20 12.38
CA PRO C 694 -46.05 0.54 11.83
C PRO C 694 -45.87 -0.95 11.51
N ASP C 695 -44.72 -1.34 10.94
CA ASP C 695 -44.54 -2.75 10.62
C ASP C 695 -44.47 -3.59 11.89
N PHE C 696 -43.79 -3.11 12.92
CA PHE C 696 -43.76 -3.81 14.19
C PHE C 696 -45.15 -3.89 14.83
N ALA C 697 -45.92 -2.81 14.74
CA ALA C 697 -47.28 -2.82 15.27
C ALA C 697 -48.15 -3.85 14.56
N PHE C 698 -48.02 -3.94 13.24
CA PHE C 698 -48.74 -4.96 12.48
C PHE C 698 -48.29 -6.35 12.90
N TYR C 699 -46.98 -6.54 13.09
CA TYR C 699 -46.47 -7.83 13.52
C TYR C 699 -46.98 -8.20 14.91
N LEU C 700 -47.14 -7.21 15.78
CA LEU C 700 -47.64 -7.44 17.13
C LEU C 700 -49.05 -8.03 17.11
N GLY D 323 23.81 21.50 37.17
CA GLY D 323 23.56 20.12 36.81
C GLY D 323 23.73 19.85 35.33
N ASN D 324 22.75 19.18 34.73
CA ASN D 324 22.78 18.89 33.30
C ASN D 324 22.56 20.15 32.49
N LYS D 325 23.63 20.69 31.90
CA LYS D 325 23.52 21.90 31.09
C LYS D 325 22.64 21.71 29.86
N LEU D 326 22.57 20.51 29.31
CA LEU D 326 21.67 20.23 28.19
C LEU D 326 20.24 19.97 28.63
N PHE D 327 19.91 20.24 29.89
CA PHE D 327 18.55 20.14 30.41
C PHE D 327 17.97 21.50 30.78
N ASN D 328 18.78 22.37 31.38
CA ASN D 328 18.33 23.74 31.63
C ASN D 328 18.03 24.46 30.33
N ILE D 329 18.79 24.16 29.27
CA ILE D 329 18.52 24.75 27.96
C ILE D 329 17.15 24.32 27.46
N ALA D 330 16.82 23.02 27.60
CA ALA D 330 15.52 22.54 27.19
C ALA D 330 14.41 23.19 28.01
N GLN D 331 14.62 23.32 29.32
CA GLN D 331 13.63 23.98 30.17
C GLN D 331 13.42 25.43 29.77
N ARG D 332 14.50 26.15 29.48
CA ARG D 332 14.39 27.53 29.04
C ARG D 332 13.64 27.65 27.72
N ILE D 333 13.95 26.76 26.77
CA ILE D 333 13.24 26.76 25.49
C ILE D 333 11.76 26.46 25.71
N LEU D 334 11.44 25.55 26.63
CA LEU D 334 10.05 25.22 26.90
C LEU D 334 9.29 26.36 27.58
N ASP D 335 9.95 27.12 28.45
CA ASP D 335 9.23 28.15 29.21
C ASP D 335 8.71 29.27 28.32
N THR D 336 9.34 29.52 27.17
CA THR D 336 8.84 30.52 26.24
C THR D 336 7.57 30.09 25.53
N ASN D 337 7.17 28.82 25.67
CA ASN D 337 5.99 28.28 24.98
C ASN D 337 6.10 28.45 23.47
N SER D 338 7.32 28.27 22.96
CA SER D 338 7.56 28.31 21.52
C SER D 338 7.09 27.04 20.81
N VAL D 339 7.10 25.91 21.49
CA VAL D 339 6.66 24.63 20.92
C VAL D 339 5.48 24.12 21.72
N LEU D 340 4.46 23.59 21.03
CA LEU D 340 3.29 23.05 21.68
C LEU D 340 3.05 21.63 21.16
N LEU D 341 2.03 20.98 21.71
CA LEU D 341 1.61 19.65 21.28
C LEU D 341 0.13 19.72 20.94
N THR D 342 -0.20 19.57 19.67
CA THR D 342 -1.59 19.60 19.24
C THR D 342 -2.26 18.27 19.48
N GLU D 343 -3.59 18.26 19.36
CA GLU D 343 -4.36 17.05 19.62
C GLU D 343 -4.06 15.97 18.59
N ARG D 344 -3.82 16.36 17.34
CA ARG D 344 -3.60 15.39 16.27
C ARG D 344 -2.20 14.78 16.29
N GLY D 345 -1.41 15.01 17.33
CA GLY D 345 -0.12 14.39 17.48
C GLY D 345 1.05 15.12 16.85
N ASP D 346 0.81 16.20 16.13
CA ASP D 346 1.90 16.94 15.52
C ASP D 346 2.60 17.81 16.55
N HIS D 347 3.64 18.52 16.11
CA HIS D 347 4.47 19.36 16.96
C HIS D 347 4.65 20.71 16.26
N ILE D 348 3.75 21.64 16.54
CA ILE D 348 3.83 22.96 15.91
C ILE D 348 4.93 23.77 16.57
N VAL D 349 5.80 24.38 15.75
CA VAL D 349 6.90 25.18 16.23
C VAL D 349 6.68 26.63 15.77
N TRP D 350 7.57 27.52 16.22
CA TRP D 350 7.46 28.95 16.00
C TRP D 350 8.78 29.49 15.47
N ILE D 351 8.92 29.56 14.15
CA ILE D 351 10.10 30.09 13.50
C ILE D 351 9.67 31.22 12.57
N ASN D 352 10.30 32.39 12.73
CA ASN D 352 10.08 33.53 11.85
C ASN D 352 8.62 33.95 11.80
N ASN D 353 8.01 34.04 12.98
CA ASN D 353 6.64 34.51 13.14
C ASN D 353 5.66 33.70 12.30
N SER D 354 5.61 32.40 12.58
CA SER D 354 4.69 31.50 11.90
C SER D 354 4.66 30.17 12.64
N TRP D 355 3.46 29.62 12.84
CA TRP D 355 3.30 28.30 13.44
C TRP D 355 3.39 27.26 12.33
N LYS D 356 4.61 26.80 12.08
CA LYS D 356 4.86 25.76 11.08
C LYS D 356 4.81 24.38 11.75
N PHE D 357 4.50 23.38 10.94
CA PHE D 357 4.45 22.01 11.43
C PHE D 357 4.69 21.06 10.25
N ASN D 358 5.28 19.91 10.56
CA ASN D 358 5.59 18.90 9.55
C ASN D 358 5.47 17.53 10.18
N SER D 359 4.52 16.72 9.70
CA SER D 359 4.34 15.39 10.24
C SER D 359 5.50 14.47 9.86
N GLU D 360 6.05 14.65 8.66
CA GLU D 360 7.12 13.80 8.15
C GLU D 360 8.40 13.95 8.96
N GLU D 361 8.92 15.18 9.03
CA GLU D 361 10.17 15.45 9.72
C GLU D 361 9.96 16.57 10.73
N PRO D 362 10.66 16.59 11.87
CA PRO D 362 10.40 17.61 12.87
C PRO D 362 11.28 18.85 12.75
N LEU D 363 10.68 20.00 13.08
CA LEU D 363 11.33 21.29 12.98
C LEU D 363 11.87 21.77 14.33
N ILE D 364 11.80 20.94 15.36
CA ILE D 364 12.29 21.36 16.68
C ILE D 364 13.77 21.69 16.63
N THR D 365 14.54 20.95 15.83
CA THR D 365 15.96 21.24 15.69
C THR D 365 16.21 22.57 14.98
N LYS D 366 15.33 22.98 14.07
CA LYS D 366 15.43 24.33 13.52
C LYS D 366 15.20 25.38 14.59
N LEU D 367 14.18 25.19 15.41
CA LEU D 367 13.85 26.16 16.46
C LEU D 367 14.97 26.24 17.49
N ILE D 368 15.62 25.10 17.78
CA ILE D 368 16.68 25.09 18.78
C ILE D 368 17.83 25.99 18.35
N LEU D 369 18.21 25.92 17.07
CA LEU D 369 19.28 26.77 16.56
C LEU D 369 18.80 28.21 16.36
N SER D 370 17.51 28.40 16.04
CA SER D 370 17.00 29.75 15.86
C SER D 370 16.96 30.53 17.18
N ILE D 371 16.64 29.84 18.28
CA ILE D 371 16.54 30.50 19.58
C ILE D 371 17.88 30.70 20.24
N ARG D 372 18.98 30.41 19.53
CA ARG D 372 20.32 30.49 20.10
C ARG D 372 20.66 31.86 20.67
N HIS D 373 20.16 32.94 20.06
CA HIS D 373 20.49 34.29 20.50
C HIS D 373 19.83 34.67 21.83
N GLN D 374 18.61 34.20 22.09
CA GLN D 374 17.93 34.57 23.32
C GLN D 374 18.67 34.05 24.55
N LEU D 375 19.20 32.82 24.47
CA LEU D 375 19.93 32.25 25.59
C LEU D 375 21.25 33.00 25.79
N PRO D 376 21.78 33.00 27.03
CA PRO D 376 23.05 33.68 27.28
C PRO D 376 24.21 33.09 26.49
N LYS D 377 25.35 33.79 26.49
CA LYS D 377 26.46 33.40 25.64
C LYS D 377 27.07 32.07 26.07
N GLU D 378 26.92 31.71 27.34
CA GLU D 378 27.46 30.44 27.81
C GLU D 378 26.82 29.25 27.13
N TYR D 379 25.52 29.33 26.81
CA TYR D 379 24.81 28.26 26.13
C TYR D 379 24.88 28.38 24.61
N SER D 380 25.22 29.57 24.09
CA SER D 380 25.23 29.77 22.64
C SER D 380 26.28 28.92 21.96
N SER D 381 27.47 28.80 22.54
CA SER D 381 28.54 28.02 21.92
C SER D 381 28.29 26.53 21.98
N GLU D 382 27.27 26.09 22.71
CA GLU D 382 27.02 24.66 22.87
C GLU D 382 26.03 24.13 21.85
N LEU D 383 25.10 24.96 21.38
CA LEU D 383 24.04 24.51 20.48
C LEU D 383 24.50 24.45 19.03
N LEU D 384 25.79 24.51 18.72
CA LEU D 384 26.23 24.41 17.33
C LEU D 384 26.39 22.97 16.87
N CYS D 385 26.86 22.08 17.73
CA CYS D 385 27.03 20.68 17.36
C CYS D 385 25.67 20.03 17.16
N PRO D 386 25.42 19.37 16.02
CA PRO D 386 24.10 18.74 15.81
C PRO D 386 23.77 17.67 16.82
N ARG D 387 24.76 16.94 17.33
CA ARG D 387 24.50 15.88 18.29
C ARG D 387 23.95 16.41 19.60
N LYS D 388 24.36 17.61 20.03
CA LYS D 388 23.81 18.22 21.22
C LYS D 388 22.40 18.76 20.99
N ARG D 389 22.11 19.30 19.81
CA ARG D 389 20.75 19.70 19.48
C ARG D 389 19.82 18.49 19.41
N LYS D 390 20.32 17.33 18.98
CA LYS D 390 19.51 16.12 19.04
C LYS D 390 19.17 15.75 20.48
N THR D 391 20.14 15.87 21.39
CA THR D 391 19.88 15.60 22.80
C THR D 391 18.85 16.57 23.37
N VAL D 392 18.99 17.86 23.04
CA VAL D 392 18.02 18.83 23.53
C VAL D 392 16.62 18.56 22.97
N GLU D 393 16.51 18.18 21.71
CA GLU D 393 15.23 17.78 21.15
C GLU D 393 14.65 16.56 21.85
N ALA D 394 15.49 15.57 22.14
CA ALA D 394 15.01 14.39 22.88
C ALA D 394 14.53 14.75 24.27
N ASN D 395 15.22 15.66 24.96
CA ASN D 395 14.73 16.15 26.25
C ASN D 395 13.40 16.88 26.10
N ILE D 396 13.28 17.72 25.08
CA ILE D 396 12.06 18.52 24.91
C ILE D 396 10.86 17.62 24.63
N ARG D 397 11.04 16.61 23.78
CA ARG D 397 9.91 15.75 23.42
C ARG D 397 9.39 14.92 24.58
N ASP D 398 10.11 14.85 25.70
CA ASP D 398 9.66 14.11 26.87
C ASP D 398 9.04 15.00 27.93
N MET D 399 8.77 16.27 27.64
CA MET D 399 8.13 17.17 28.58
C MET D 399 6.76 17.65 28.14
N LEU D 400 6.37 17.41 26.89
CA LEU D 400 5.09 17.88 26.38
C LEU D 400 4.04 16.83 26.69
N VAL D 401 3.46 16.93 27.88
CA VAL D 401 2.51 15.93 28.37
C VAL D 401 1.09 16.21 27.89
N ASP D 402 0.63 17.45 28.03
CA ASP D 402 -0.75 17.80 27.74
C ASP D 402 -0.87 18.52 26.41
N SER D 403 -1.93 18.18 25.69
CA SER D 403 -2.21 18.75 24.37
C SER D 403 -2.99 20.06 24.51
N VAL D 404 -2.84 20.91 23.50
CA VAL D 404 -3.52 22.21 23.48
C VAL D 404 -4.44 22.28 22.26
N GLU D 405 -5.27 23.32 22.20
CA GLU D 405 -6.22 23.51 21.12
C GLU D 405 -5.77 24.66 20.22
N THR D 406 -5.98 24.49 18.92
CA THR D 406 -5.55 25.45 17.92
C THR D 406 -6.76 26.00 17.17
N ASP D 407 -6.62 27.25 16.69
CA ASP D 407 -7.61 27.92 15.87
C ASP D 407 -8.96 28.01 16.59
N THR D 408 -8.92 28.73 17.71
CA THR D 408 -10.12 29.01 18.50
C THR D 408 -10.57 30.47 18.38
N TYR D 409 -9.86 31.29 17.63
CA TYR D 409 -10.20 32.69 17.45
C TYR D 409 -10.80 32.90 16.06
N PRO D 410 -12.07 33.27 15.96
CA PRO D 410 -12.67 33.44 14.63
C PRO D 410 -12.30 34.74 13.95
N ASP D 411 -12.17 35.82 14.73
CA ASP D 411 -11.95 37.16 14.16
C ASP D 411 -10.47 37.49 14.11
N LYS D 412 -9.71 36.64 13.41
CA LYS D 412 -8.28 36.85 13.21
C LYS D 412 -7.92 36.34 11.83
N LEU D 413 -7.10 37.10 11.09
CA LEU D 413 -6.65 36.65 9.78
C LEU D 413 -5.14 36.49 9.80
N PRO D 414 -4.61 35.27 9.64
CA PRO D 414 -3.15 35.10 9.76
C PRO D 414 -2.41 35.26 8.45
N PHE D 415 -1.36 36.08 8.43
CA PHE D 415 -0.48 36.20 7.29
C PHE D 415 0.89 35.62 7.66
N LYS D 416 1.81 35.65 6.69
CA LYS D 416 3.11 35.03 6.88
C LYS D 416 4.01 35.82 7.84
N ASN D 417 3.61 37.04 8.23
CA ASN D 417 4.44 37.84 9.12
C ASN D 417 3.61 38.51 10.20
N GLY D 418 2.52 37.89 10.63
CA GLY D 418 1.73 38.44 11.70
C GLY D 418 0.29 37.95 11.63
N VAL D 419 -0.53 38.50 12.52
CA VAL D 419 -1.95 38.20 12.57
C VAL D 419 -2.72 39.51 12.53
N LEU D 420 -3.50 39.72 11.48
CA LEU D 420 -4.36 40.88 11.37
C LEU D 420 -5.57 40.69 12.27
N ASP D 421 -5.68 41.54 13.30
CA ASP D 421 -6.88 41.60 14.11
C ASP D 421 -7.99 42.23 13.28
N LEU D 422 -9.13 41.56 13.21
CA LEU D 422 -10.13 41.89 12.21
C LEU D 422 -11.29 42.71 12.78
N VAL D 423 -11.41 42.83 14.09
CA VAL D 423 -12.52 43.59 14.67
C VAL D 423 -12.23 45.08 14.65
N ASP D 424 -10.95 45.46 14.62
CA ASP D 424 -10.57 46.87 14.61
C ASP D 424 -9.45 47.16 13.62
N GLY D 425 -8.99 46.14 12.91
CA GLY D 425 -8.04 46.31 11.82
C GLY D 425 -6.64 46.77 12.17
N MET D 426 -6.09 46.28 13.28
CA MET D 426 -4.68 46.46 13.57
C MET D 426 -3.87 45.36 12.89
N PHE D 427 -2.56 45.33 13.16
CA PHE D 427 -1.70 44.27 12.65
C PHE D 427 -0.64 43.98 13.71
N TYR D 428 -0.76 42.85 14.38
CA TYR D 428 0.20 42.43 15.38
C TYR D 428 1.29 41.58 14.76
N SER D 429 2.41 41.45 15.48
CA SER D 429 3.52 40.64 15.04
C SER D 429 4.30 40.16 16.26
N GLY D 430 5.11 39.13 16.05
CA GLY D 430 5.92 38.60 17.12
C GLY D 430 5.07 37.98 18.23
N ASP D 431 5.49 38.23 19.47
CA ASP D 431 4.81 37.65 20.63
C ASP D 431 3.34 38.04 20.67
N ASP D 432 3.00 39.26 20.24
CA ASP D 432 1.61 39.69 20.22
C ASP D 432 0.77 38.80 19.31
N ALA D 433 1.36 38.34 18.20
CA ALA D 433 0.70 37.40 17.31
C ALA D 433 0.86 35.95 17.74
N LYS D 434 1.67 35.70 18.77
CA LYS D 434 1.92 34.32 19.20
C LYS D 434 0.74 33.75 19.97
N LYS D 435 0.09 34.58 20.79
CA LYS D 435 -0.96 34.07 21.68
C LYS D 435 -2.13 33.48 20.90
N TYR D 436 -2.50 34.11 19.78
CA TYR D 436 -3.55 33.57 18.94
C TYR D 436 -2.98 32.38 18.17
N THR D 437 -3.20 31.17 18.70
CA THR D 437 -2.60 29.95 18.16
C THR D 437 -3.35 29.58 16.89
N CYS D 438 -2.86 30.11 15.77
CA CYS D 438 -3.41 29.83 14.45
C CYS D 438 -2.39 29.02 13.65
N THR D 439 -2.86 27.94 13.03
CA THR D 439 -1.97 27.04 12.31
C THR D 439 -1.92 27.30 10.81
N VAL D 440 -3.07 27.53 10.19
CA VAL D 440 -3.12 27.76 8.75
C VAL D 440 -2.79 29.23 8.47
N SER D 441 -2.29 29.52 7.26
CA SER D 441 -1.85 30.87 6.93
C SER D 441 -2.34 31.22 5.54
N THR D 442 -2.38 32.52 5.26
CA THR D 442 -2.83 33.00 3.96
C THR D 442 -1.88 32.59 2.83
N GLY D 443 -0.58 32.54 3.10
CA GLY D 443 0.39 32.12 2.10
C GLY D 443 1.44 33.15 1.77
N PHE D 444 1.06 34.43 1.78
CA PHE D 444 1.95 35.51 1.43
C PHE D 444 2.10 36.47 2.62
N LYS D 445 2.84 37.55 2.41
CA LYS D 445 3.14 38.53 3.45
C LYS D 445 2.17 39.69 3.40
N PHE D 446 2.17 40.48 4.47
CA PHE D 446 1.32 41.65 4.60
C PHE D 446 2.17 42.92 4.59
N ASP D 447 1.79 43.88 3.77
CA ASP D 447 2.50 45.16 3.63
C ASP D 447 1.59 46.28 4.11
N ASP D 448 1.93 46.87 5.25
CA ASP D 448 1.11 47.95 5.79
C ASP D 448 1.13 49.20 4.91
N THR D 449 2.18 49.40 4.13
CA THR D 449 2.26 50.59 3.28
C THR D 449 1.24 50.57 2.16
N LYS D 450 0.94 49.40 1.60
CA LYS D 450 -0.03 49.28 0.52
C LYS D 450 -1.46 49.08 1.01
N PHE D 451 -1.64 48.63 2.25
CA PHE D 451 -2.97 48.42 2.81
C PHE D 451 -3.56 49.76 3.25
N VAL D 452 -3.84 50.59 2.25
CA VAL D 452 -4.38 51.93 2.47
C VAL D 452 -5.55 52.15 1.52
N GLU D 453 -6.43 53.07 1.90
CA GLU D 453 -7.61 53.36 1.10
C GLU D 453 -7.33 54.35 -0.02
N ASP D 454 -6.31 55.20 0.12
CA ASP D 454 -6.00 56.23 -0.86
C ASP D 454 -4.92 55.70 -1.80
N SER D 455 -5.33 55.18 -2.95
CA SER D 455 -4.43 54.66 -3.96
C SER D 455 -5.19 54.51 -5.26
N PRO D 456 -4.52 54.68 -6.41
CA PRO D 456 -5.22 54.49 -7.69
C PRO D 456 -5.76 53.08 -7.88
N GLU D 457 -5.08 52.06 -7.35
CA GLU D 457 -5.59 50.70 -7.46
C GLU D 457 -6.91 50.56 -6.71
N MET D 458 -7.09 51.30 -5.61
CA MET D 458 -8.36 51.27 -4.91
C MET D 458 -9.48 51.79 -5.79
N GLU D 459 -9.25 52.91 -6.49
CA GLU D 459 -10.25 53.44 -7.41
C GLU D 459 -10.52 52.49 -8.56
N GLU D 460 -9.48 51.88 -9.12
CA GLU D 460 -9.66 50.90 -10.19
C GLU D 460 -10.56 49.76 -9.73
N LEU D 461 -10.24 49.18 -8.57
CA LEU D 461 -11.02 48.05 -8.06
C LEU D 461 -12.44 48.46 -7.71
N MET D 462 -12.60 49.68 -7.18
CA MET D 462 -13.91 50.19 -6.81
C MET D 462 -14.76 50.30 -8.07
N ASN D 463 -14.14 50.75 -9.16
CA ASN D 463 -14.82 50.78 -10.46
C ASN D 463 -15.19 49.38 -10.95
N ILE D 464 -14.28 48.42 -10.80
CA ILE D 464 -14.58 47.05 -11.24
C ILE D 464 -15.77 46.49 -10.47
N ILE D 465 -15.82 46.72 -9.16
CA ILE D 465 -16.91 46.19 -8.33
C ILE D 465 -18.24 46.81 -8.76
N ASN D 466 -18.25 48.12 -9.00
CA ASN D 466 -19.47 48.78 -9.45
C ASN D 466 -19.89 48.32 -10.83
N ASP D 467 -18.95 48.08 -11.74
CA ASP D 467 -19.30 47.52 -13.04
C ASP D 467 -19.91 46.14 -12.91
N ILE D 468 -19.31 45.27 -12.11
CA ILE D 468 -19.86 43.93 -11.89
C ILE D 468 -21.19 44.02 -11.15
N GLN D 469 -21.24 44.84 -10.10
CA GLN D 469 -22.44 44.98 -9.27
C GLN D 469 -22.76 46.45 -9.10
N PRO D 470 -23.76 46.95 -9.83
CA PRO D 470 -24.14 48.36 -9.69
C PRO D 470 -24.81 48.64 -8.35
N LEU D 471 -24.79 49.92 -7.97
CA LEU D 471 -25.36 50.37 -6.71
C LEU D 471 -26.74 50.99 -6.90
N THR D 472 -27.41 50.69 -8.01
CA THR D 472 -28.75 51.22 -8.25
C THR D 472 -29.73 50.68 -7.21
N ASP D 473 -30.79 51.46 -6.97
CA ASP D 473 -31.77 51.09 -5.97
C ASP D 473 -32.55 49.83 -6.38
N GLU D 474 -32.57 49.48 -7.66
CA GLU D 474 -33.14 48.21 -8.08
C GLU D 474 -32.27 47.04 -7.65
N ASN D 475 -31.04 47.33 -7.22
CA ASN D 475 -30.07 46.32 -6.78
C ASN D 475 -29.64 46.59 -5.35
N LYS D 476 -30.61 46.88 -4.46
CA LYS D 476 -30.28 47.22 -3.09
C LYS D 476 -30.00 45.99 -2.25
N LYS D 477 -30.98 45.10 -2.11
CA LYS D 477 -30.78 43.89 -1.32
C LYS D 477 -29.74 42.98 -1.97
N ASN D 478 -29.78 42.85 -3.30
CA ASN D 478 -28.85 41.99 -4.02
C ASN D 478 -27.40 42.43 -3.88
N ARG D 479 -27.16 43.70 -3.54
CA ARG D 479 -25.80 44.21 -3.35
C ARG D 479 -25.30 44.03 -1.93
N GLU D 480 -26.15 44.34 -0.93
CA GLU D 480 -25.74 44.15 0.45
C GLU D 480 -25.63 42.66 0.81
N LEU D 481 -26.48 41.81 0.23
CA LEU D 481 -26.32 40.38 0.43
C LEU D 481 -25.00 39.89 -0.18
N TYR D 482 -24.65 40.38 -1.36
CA TYR D 482 -23.37 40.05 -1.98
C TYR D 482 -22.21 40.51 -1.11
N GLU D 483 -22.29 41.73 -0.56
CA GLU D 483 -21.26 42.25 0.32
C GLU D 483 -21.11 41.39 1.56
N LYS D 484 -22.24 41.00 2.18
CA LYS D 484 -22.18 40.16 3.37
C LYS D 484 -21.58 38.79 3.05
N THR D 485 -21.98 38.21 1.92
CA THR D 485 -21.45 36.90 1.55
C THR D 485 -19.95 36.94 1.32
N LEU D 486 -19.46 37.99 0.65
CA LEU D 486 -18.03 38.12 0.43
C LEU D 486 -17.29 38.42 1.73
N SER D 487 -17.89 39.23 2.61
CA SER D 487 -17.23 39.58 3.85
C SER D 487 -17.17 38.41 4.82
N SER D 488 -18.10 37.47 4.71
CA SER D 488 -18.09 36.29 5.58
C SER D 488 -16.90 35.38 5.32
N CYS D 489 -16.13 35.60 4.26
CA CYS D 489 -15.02 34.73 3.90
C CYS D 489 -13.75 35.02 4.71
N LEU D 490 -13.86 35.75 5.82
CA LEU D 490 -12.70 36.04 6.66
C LEU D 490 -12.85 35.52 8.09
N CYS D 491 -14.07 35.33 8.58
CA CYS D 491 -14.29 34.89 9.95
C CYS D 491 -13.96 33.41 10.08
N GLY D 492 -13.23 33.06 11.13
CA GLY D 492 -12.82 31.68 11.36
C GLY D 492 -13.79 30.90 12.23
N ALA D 493 -15.08 30.95 11.91
CA ALA D 493 -16.10 30.23 12.65
C ALA D 493 -17.03 29.53 11.66
N THR D 494 -17.68 28.47 12.14
CA THR D 494 -18.57 27.69 11.30
C THR D 494 -19.76 28.53 10.85
N LYS D 495 -20.05 28.50 9.56
CA LYS D 495 -21.20 29.18 9.00
C LYS D 495 -22.31 28.18 8.69
N GLY D 496 -23.55 28.60 8.94
CA GLY D 496 -24.68 27.68 8.81
C GLY D 496 -25.62 27.99 7.67
N CYS D 497 -25.08 28.34 6.51
CA CYS D 497 -25.91 28.61 5.34
C CYS D 497 -25.07 28.44 4.09
N LEU D 498 -25.75 28.23 2.96
CA LEU D 498 -25.08 28.10 1.67
C LEU D 498 -25.45 29.27 0.77
N THR D 499 -24.58 29.55 -0.20
CA THR D 499 -24.78 30.66 -1.12
C THR D 499 -24.60 30.19 -2.55
N PHE D 500 -25.39 30.77 -3.45
CA PHE D 500 -25.39 30.43 -4.87
C PHE D 500 -25.06 31.68 -5.69
N PHE D 501 -23.93 31.64 -6.38
CA PHE D 501 -23.62 32.67 -7.38
C PHE D 501 -24.25 32.24 -8.71
N PHE D 502 -25.41 32.81 -8.99
CA PHE D 502 -26.19 32.46 -10.17
C PHE D 502 -26.21 33.63 -11.14
N GLY D 503 -25.83 33.35 -12.39
CA GLY D 503 -25.81 34.39 -13.40
C GLY D 503 -25.49 33.80 -14.76
N GLU D 504 -25.62 34.64 -15.78
CA GLU D 504 -25.30 34.22 -17.14
C GLU D 504 -23.79 34.22 -17.35
N THR D 505 -23.36 33.60 -18.45
CA THR D 505 -21.95 33.52 -18.77
C THR D 505 -21.37 34.92 -18.99
N ALA D 506 -20.12 35.10 -18.56
CA ALA D 506 -19.40 36.37 -18.69
C ALA D 506 -20.14 37.51 -18.00
N THR D 507 -20.30 37.35 -16.69
CA THR D 507 -20.98 38.34 -15.86
C THR D 507 -20.14 38.86 -14.70
N GLY D 508 -19.17 38.09 -14.20
CA GLY D 508 -18.38 38.54 -13.07
C GLY D 508 -18.19 37.50 -12.00
N LYS D 509 -18.92 36.38 -12.10
CA LYS D 509 -18.73 35.28 -11.16
C LYS D 509 -17.30 34.75 -11.24
N SER D 510 -16.86 34.44 -12.46
CA SER D 510 -15.47 34.02 -12.66
C SER D 510 -14.48 35.13 -12.36
N THR D 511 -14.86 36.38 -12.57
CA THR D 511 -13.99 37.49 -12.21
C THR D 511 -13.93 37.68 -10.69
N THR D 512 -15.08 37.56 -10.02
CA THR D 512 -15.10 37.61 -8.56
C THR D 512 -14.27 36.50 -7.96
N LYS D 513 -14.28 35.32 -8.57
CA LYS D 513 -13.53 34.19 -8.01
C LYS D 513 -12.03 34.48 -8.01
N ARG D 514 -11.51 35.00 -9.12
CA ARG D 514 -10.08 35.29 -9.16
C ARG D 514 -9.73 36.51 -8.33
N LEU D 515 -10.64 37.48 -8.23
CA LEU D 515 -10.40 38.62 -7.35
C LEU D 515 -10.32 38.18 -5.90
N LEU D 516 -11.21 37.30 -5.47
CA LEU D 516 -11.21 36.83 -4.08
C LEU D 516 -10.01 35.93 -3.81
N LYS D 517 -9.70 35.01 -4.73
CA LYS D 517 -8.61 34.08 -4.48
C LYS D 517 -7.25 34.79 -4.45
N SER D 518 -7.16 35.97 -5.04
CA SER D 518 -5.93 36.75 -4.98
C SER D 518 -5.80 37.51 -3.67
N ALA D 519 -6.86 37.60 -2.87
CA ALA D 519 -6.85 38.36 -1.63
C ALA D 519 -6.50 37.51 -0.42
N ILE D 520 -7.10 36.32 -0.29
CA ILE D 520 -6.89 35.48 0.88
C ILE D 520 -5.78 34.47 0.66
N GLY D 521 -5.67 33.89 -0.54
CA GLY D 521 -4.58 33.00 -0.85
C GLY D 521 -4.84 31.53 -0.54
N ASP D 522 -4.08 30.97 0.41
CA ASP D 522 -4.21 29.56 0.73
C ASP D 522 -5.58 29.22 1.32
N LEU D 523 -6.23 30.19 1.97
CA LEU D 523 -7.55 29.96 2.56
C LEU D 523 -8.63 30.01 1.46
N PHE D 524 -8.42 29.21 0.43
CA PHE D 524 -9.31 29.16 -0.72
C PHE D 524 -8.96 27.95 -1.58
N VAL D 525 -9.92 27.08 -1.83
CA VAL D 525 -9.72 25.89 -2.68
C VAL D 525 -10.88 25.78 -3.66
N GLU D 526 -10.55 25.45 -4.90
CA GLU D 526 -11.54 25.25 -5.95
C GLU D 526 -11.91 23.78 -6.06
N THR D 527 -12.73 23.33 -5.11
CA THR D 527 -13.13 21.94 -5.05
C THR D 527 -14.05 21.59 -6.21
N GLY D 528 -14.09 20.31 -6.55
CA GLY D 528 -14.86 19.87 -7.68
C GLY D 528 -16.35 19.85 -7.41
N GLN D 529 -17.11 19.61 -8.48
CA GLN D 529 -18.56 19.47 -8.42
C GLN D 529 -18.99 18.30 -7.53
N THR D 530 -18.10 17.33 -7.28
CA THR D 530 -18.51 16.03 -6.76
C THR D 530 -19.39 16.13 -5.53
N ILE D 531 -18.98 16.99 -4.58
CA ILE D 531 -19.72 17.10 -3.28
C ILE D 531 -21.00 17.92 -3.46
N LEU D 532 -22.11 17.25 -3.77
CA LEU D 532 -23.43 17.89 -3.97
C LEU D 532 -24.29 16.79 -4.56
N THR D 533 -23.62 15.82 -5.18
CA THR D 533 -24.31 14.71 -5.84
C THR D 533 -23.65 13.36 -5.54
N ASP D 534 -22.89 13.26 -4.44
CA ASP D 534 -22.27 11.99 -4.10
C ASP D 534 -22.35 11.78 -2.60
N VAL D 535 -22.33 10.51 -2.19
CA VAL D 535 -22.37 10.15 -0.78
C VAL D 535 -20.94 10.18 -0.26
N LEU D 536 -20.65 11.17 0.59
CA LEU D 536 -19.29 11.38 1.10
C LEU D 536 -19.03 10.57 2.35
N ASP D 537 -19.41 9.29 2.34
CA ASP D 537 -19.15 8.40 3.48
C ASP D 537 -18.26 7.23 3.12
N LYS D 538 -18.57 6.51 2.03
CA LYS D 538 -17.81 5.32 1.70
C LYS D 538 -16.49 5.68 1.02
N GLY D 539 -15.45 4.91 1.37
CA GLY D 539 -14.15 5.08 0.78
C GLY D 539 -13.47 6.36 1.19
N PRO D 540 -12.36 6.69 0.54
CA PRO D 540 -11.65 7.93 0.84
C PRO D 540 -12.17 9.11 0.03
N ASN D 541 -12.21 10.26 0.69
CA ASN D 541 -12.62 11.50 0.04
C ASN D 541 -11.58 12.59 0.30
N PRO D 542 -10.46 12.58 -0.43
CA PRO D 542 -9.48 13.66 -0.27
C PRO D 542 -10.02 15.03 -0.62
N PHE D 543 -11.02 15.10 -1.50
CA PHE D 543 -11.72 16.35 -1.78
C PHE D 543 -12.59 16.80 -0.62
N ILE D 544 -12.77 15.96 0.40
CA ILE D 544 -13.38 16.37 1.66
C ILE D 544 -12.33 16.73 2.70
N ALA D 545 -11.24 15.97 2.77
CA ALA D 545 -10.16 16.26 3.71
C ALA D 545 -9.41 17.54 3.39
N ASN D 546 -9.60 18.10 2.19
CA ASN D 546 -8.94 19.35 1.81
C ASN D 546 -9.52 20.56 2.55
N MET D 547 -10.82 20.54 2.83
CA MET D 547 -11.47 21.66 3.47
C MET D 547 -11.29 21.60 5.00
N HIS D 548 -10.06 21.34 5.42
CA HIS D 548 -9.67 21.39 6.83
C HIS D 548 -9.21 22.81 7.15
N LEU D 549 -10.04 23.56 7.89
CA LEU D 549 -9.76 24.92 8.31
C LEU D 549 -9.57 25.88 7.16
N LYS D 550 -10.22 25.63 6.02
CA LYS D 550 -10.17 26.58 4.91
C LYS D 550 -11.32 27.57 5.04
N ARG D 551 -10.99 28.87 4.97
CA ARG D 551 -11.98 29.90 5.21
C ARG D 551 -13.09 29.89 4.16
N SER D 552 -12.74 29.71 2.89
CA SER D 552 -13.72 29.71 1.82
C SER D 552 -13.44 28.57 0.86
N VAL D 553 -14.51 27.95 0.38
CA VAL D 553 -14.43 26.92 -0.65
C VAL D 553 -15.35 27.34 -1.79
N PHE D 554 -14.93 27.10 -3.03
CA PHE D 554 -15.63 27.56 -4.21
C PHE D 554 -15.95 26.36 -5.09
N CYS D 555 -17.20 26.28 -5.53
CA CYS D 555 -17.66 25.20 -6.39
C CYS D 555 -18.17 25.79 -7.70
N SER D 556 -17.65 25.29 -8.82
CA SER D 556 -18.00 25.77 -10.14
C SER D 556 -18.48 24.61 -11.01
N GLU D 557 -18.75 24.90 -12.28
CA GLU D 557 -19.15 23.91 -13.27
C GLU D 557 -20.41 23.16 -12.81
N LEU D 558 -21.52 23.90 -12.78
CA LEU D 558 -22.82 23.30 -12.54
C LEU D 558 -23.48 23.03 -13.90
N PRO D 559 -23.58 21.77 -14.32
CA PRO D 559 -24.08 21.48 -15.67
C PRO D 559 -25.60 21.50 -15.74
N ASP D 560 -26.10 21.37 -16.96
CA ASP D 560 -27.53 21.33 -17.18
C ASP D 560 -28.13 20.07 -16.56
N PHE D 561 -29.34 20.20 -16.03
CA PHE D 561 -30.03 19.12 -15.35
C PHE D 561 -31.14 18.53 -16.22
N ALA D 562 -30.90 18.47 -17.53
CA ALA D 562 -31.86 17.89 -18.45
C ALA D 562 -31.17 16.89 -19.39
N CYS D 563 -29.88 17.08 -19.62
CA CYS D 563 -29.14 16.21 -20.52
C CYS D 563 -28.73 14.91 -19.82
N SER D 564 -28.11 14.01 -20.58
CA SER D 564 -27.61 12.75 -20.04
C SER D 564 -26.55 13.01 -18.98
N GLY D 565 -26.77 12.50 -17.77
CA GLY D 565 -25.87 12.76 -16.68
C GLY D 565 -26.43 13.78 -15.70
N SER D 566 -27.73 14.05 -15.82
CA SER D 566 -28.39 15.05 -14.99
C SER D 566 -28.64 14.53 -13.58
N LYS D 567 -27.59 14.52 -12.76
CA LYS D 567 -27.75 14.13 -11.37
C LYS D 567 -28.46 15.25 -10.60
N LYS D 568 -29.08 14.88 -9.48
CA LYS D 568 -29.85 15.82 -8.68
C LYS D 568 -29.03 16.24 -7.46
N ILE D 569 -29.17 17.51 -7.08
CA ILE D 569 -28.52 18.02 -5.88
C ILE D 569 -29.19 17.37 -4.67
N ARG D 570 -28.48 16.45 -4.02
CA ARG D 570 -29.07 15.67 -2.94
C ARG D 570 -29.36 16.56 -1.73
N SER D 571 -30.59 16.46 -1.21
CA SER D 571 -31.02 17.36 -0.13
C SER D 571 -30.20 17.14 1.14
N ASP D 572 -29.97 15.86 1.49
CA ASP D 572 -29.24 15.59 2.72
C ASP D 572 -27.77 15.97 2.60
N ASN D 573 -27.24 16.01 1.38
CA ASN D 573 -25.84 16.36 1.18
C ASN D 573 -25.52 17.78 1.64
N ILE D 574 -26.36 18.75 1.32
CA ILE D 574 -26.12 20.12 1.79
C ILE D 574 -26.32 20.20 3.29
N LYS D 575 -27.15 19.33 3.87
CA LYS D 575 -27.35 19.29 5.31
C LYS D 575 -26.08 18.91 6.07
N LYS D 576 -25.19 18.12 5.47
CA LYS D 576 -23.97 17.70 6.14
C LYS D 576 -22.88 18.77 6.10
N LEU D 577 -22.89 19.65 5.10
CA LEU D 577 -21.88 20.70 5.04
C LEU D 577 -22.36 21.97 5.73
N THR D 578 -22.91 21.83 6.94
CA THR D 578 -23.28 22.98 7.77
C THR D 578 -22.90 22.82 9.24
N GLU D 579 -22.59 21.61 9.70
CA GLU D 579 -22.24 21.38 11.09
C GLU D 579 -20.79 21.77 11.35
N PRO D 580 -20.44 22.04 12.61
CA PRO D 580 -19.03 22.37 12.92
C PRO D 580 -18.06 21.24 12.62
N CYS D 581 -18.53 20.00 12.49
CA CYS D 581 -17.66 18.85 12.21
C CYS D 581 -18.22 18.09 11.03
N VAL D 582 -17.38 17.81 10.04
CA VAL D 582 -17.75 17.01 8.88
C VAL D 582 -17.05 15.67 8.98
N ILE D 583 -17.67 14.65 8.37
CA ILE D 583 -17.20 13.28 8.45
C ILE D 583 -16.56 12.90 7.13
N GLY D 584 -15.33 12.40 7.18
CA GLY D 584 -14.61 12.00 5.99
C GLY D 584 -13.13 11.82 6.27
N ARG D 585 -12.51 10.86 5.60
CA ARG D 585 -11.12 10.54 5.82
C ARG D 585 -10.37 10.56 4.49
N PRO D 586 -9.08 10.92 4.51
CA PRO D 586 -8.30 10.91 3.27
C PRO D 586 -7.86 9.50 2.88
N CYS D 587 -7.09 9.39 1.81
CA CYS D 587 -6.54 8.11 1.40
C CYS D 587 -5.47 7.67 2.38
N PHE D 588 -5.54 6.40 2.79
CA PHE D 588 -4.53 5.78 3.66
C PHE D 588 -4.44 6.47 5.02
N SER D 589 -5.58 6.88 5.58
CA SER D 589 -5.59 7.57 6.86
C SER D 589 -6.81 7.14 7.66
N ASN D 590 -6.81 7.51 8.94
CA ASN D 590 -7.89 7.15 9.85
C ASN D 590 -8.61 8.36 10.45
N LYS D 591 -8.08 9.56 10.27
CA LYS D 591 -8.75 10.75 10.77
C LYS D 591 -10.03 10.99 10.00
N ILE D 592 -11.16 10.90 10.68
CA ILE D 592 -12.46 10.98 10.02
C ILE D 592 -13.23 12.25 10.34
N ASN D 593 -12.77 13.05 11.30
CA ASN D 593 -13.45 14.28 11.68
C ASN D 593 -12.65 15.49 11.20
N ASN D 594 -13.34 16.42 10.55
CA ASN D 594 -12.70 17.63 10.04
C ASN D 594 -13.49 18.85 10.46
N ARG D 595 -12.79 19.85 10.98
CA ARG D 595 -13.45 21.11 11.33
C ARG D 595 -13.88 21.84 10.07
N ASN D 596 -15.04 22.47 10.12
CA ASN D 596 -15.66 23.09 8.94
C ASN D 596 -15.70 24.60 9.13
N HIS D 597 -14.69 25.28 8.59
CA HIS D 597 -14.67 26.73 8.53
C HIS D 597 -15.01 27.26 7.13
N ALA D 598 -15.59 26.41 6.28
CA ALA D 598 -15.81 26.78 4.89
C ALA D 598 -16.94 27.80 4.76
N THR D 599 -16.97 28.45 3.61
CA THR D 599 -18.00 29.43 3.23
C THR D 599 -18.53 29.05 1.85
N ILE D 600 -19.04 27.82 1.77
CA ILE D 600 -19.41 27.18 0.51
C ILE D 600 -20.18 28.12 -0.40
N ILE D 601 -19.66 28.33 -1.60
CA ILE D 601 -20.30 29.15 -2.63
C ILE D 601 -20.40 28.27 -3.86
N ILE D 602 -21.61 28.07 -4.37
CA ILE D 602 -21.80 27.25 -5.56
C ILE D 602 -22.04 28.17 -6.75
N ASP D 603 -21.16 28.10 -7.74
CA ASP D 603 -21.22 28.95 -8.93
C ASP D 603 -21.99 28.19 -9.99
N THR D 604 -23.18 28.68 -10.33
CA THR D 604 -24.04 28.04 -11.30
C THR D 604 -24.41 29.01 -12.42
N ASN D 605 -24.72 28.44 -13.58
CA ASN D 605 -25.19 29.20 -14.73
C ASN D 605 -26.68 28.97 -14.98
N TYR D 606 -27.17 27.76 -14.75
CA TYR D 606 -28.58 27.46 -14.88
C TYR D 606 -29.20 27.33 -13.49
N LYS D 607 -30.53 27.40 -13.44
CA LYS D 607 -31.22 27.23 -12.18
C LYS D 607 -31.10 25.78 -11.72
N PRO D 608 -30.57 25.52 -10.53
CA PRO D 608 -30.36 24.14 -10.10
C PRO D 608 -31.65 23.44 -9.72
N VAL D 609 -31.65 22.11 -9.89
CA VAL D 609 -32.78 21.27 -9.51
C VAL D 609 -32.31 20.36 -8.38
N PHE D 610 -33.05 20.37 -7.28
CA PHE D 610 -32.69 19.64 -6.08
C PHE D 610 -33.32 18.25 -6.07
N ASP D 611 -32.82 17.39 -5.18
CA ASP D 611 -33.35 16.03 -5.06
C ASP D 611 -34.79 16.06 -4.56
N ARG D 612 -35.01 16.67 -3.41
CA ARG D 612 -36.35 16.78 -2.84
C ARG D 612 -36.38 18.01 -1.95
N ILE D 613 -37.51 18.72 -1.95
CA ILE D 613 -37.59 19.99 -1.25
C ILE D 613 -38.41 19.83 0.03
N ASP D 614 -37.75 20.04 1.16
CA ASP D 614 -38.40 20.07 2.47
C ASP D 614 -38.00 21.38 3.15
N ASN D 615 -38.70 21.73 4.22
CA ASN D 615 -38.48 22.99 4.93
C ASN D 615 -37.07 23.10 5.51
N ALA D 616 -36.41 21.98 5.79
CA ALA D 616 -35.07 22.03 6.37
C ALA D 616 -34.02 22.54 5.40
N LEU D 617 -34.35 22.60 4.10
CA LEU D 617 -33.37 23.06 3.11
C LEU D 617 -33.36 24.58 3.00
N MET D 618 -34.55 25.19 2.88
CA MET D 618 -34.66 26.63 2.65
C MET D 618 -34.04 27.46 3.76
N ARG D 619 -33.72 26.86 4.91
CA ARG D 619 -33.05 27.59 5.97
C ARG D 619 -31.56 27.78 5.73
N ARG D 620 -31.01 27.16 4.68
CA ARG D 620 -29.57 27.20 4.41
C ARG D 620 -29.31 27.41 2.92
N ILE D 621 -30.10 28.28 2.29
CA ILE D 621 -29.93 28.57 0.87
C ILE D 621 -29.91 30.08 0.68
N ALA D 622 -29.00 30.55 -0.18
CA ALA D 622 -28.93 31.95 -0.56
C ALA D 622 -28.42 32.05 -2.00
N VAL D 623 -28.93 33.05 -2.72
CA VAL D 623 -28.59 33.26 -4.13
C VAL D 623 -28.19 34.72 -4.33
N VAL D 624 -27.17 34.94 -5.15
CA VAL D 624 -26.73 36.28 -5.51
C VAL D 624 -26.78 36.37 -7.04
N ARG D 625 -27.79 37.06 -7.56
CA ARG D 625 -27.99 37.16 -8.99
C ARG D 625 -26.97 38.12 -9.62
N PHE D 626 -26.47 37.75 -10.80
CA PHE D 626 -25.50 38.54 -11.54
C PHE D 626 -26.11 38.87 -12.90
N ARG D 627 -26.33 40.16 -13.17
CA ARG D 627 -26.85 40.64 -14.46
C ARG D 627 -26.01 41.83 -14.93
N THR D 628 -24.97 41.54 -15.70
CA THR D 628 -24.14 42.59 -16.30
C THR D 628 -23.25 41.95 -17.37
N HIS D 629 -23.27 42.51 -18.57
CA HIS D 629 -22.44 42.01 -19.65
C HIS D 629 -21.67 43.14 -20.32
N TYR D 645 -29.48 40.54 -19.82
CA TYR D 645 -28.65 41.31 -18.90
C TYR D 645 -29.27 42.67 -18.61
N ASP D 646 -28.56 43.46 -17.79
CA ASP D 646 -28.95 44.84 -17.52
C ASP D 646 -27.89 45.85 -17.93
N LYS D 647 -26.64 45.44 -18.07
CA LYS D 647 -25.57 46.33 -18.51
C LYS D 647 -24.75 45.63 -19.60
N VAL D 648 -24.18 46.44 -20.48
CA VAL D 648 -23.48 45.93 -21.66
C VAL D 648 -22.03 46.42 -21.66
N LYS D 649 -21.43 46.53 -20.47
CA LYS D 649 -20.08 47.07 -20.33
C LYS D 649 -19.08 46.38 -21.24
N LEU D 650 -18.01 47.10 -21.60
CA LEU D 650 -17.01 46.62 -22.55
C LEU D 650 -16.07 45.65 -21.84
N LEU D 651 -15.62 44.63 -22.57
CA LEU D 651 -14.74 43.62 -22.00
C LEU D 651 -13.30 44.13 -21.96
N ASP D 652 -12.72 44.12 -20.77
CA ASP D 652 -11.34 44.54 -20.59
C ASP D 652 -10.39 43.37 -20.80
N GLU D 653 -9.20 43.67 -21.30
CA GLU D 653 -8.17 42.67 -21.53
C GLU D 653 -7.09 42.65 -20.47
N GLY D 654 -6.70 43.81 -19.93
CA GLY D 654 -5.71 43.84 -18.87
C GLY D 654 -6.22 43.36 -17.54
N LEU D 655 -7.54 43.21 -17.39
CA LEU D 655 -8.16 42.78 -16.13
C LEU D 655 -7.58 41.45 -15.67
N ASP D 656 -7.60 40.44 -16.54
CA ASP D 656 -7.02 39.15 -16.21
C ASP D 656 -5.50 39.18 -16.14
N GLY D 657 -4.87 40.19 -16.73
CA GLY D 657 -3.44 40.34 -16.63
C GLY D 657 -3.03 40.82 -15.25
N LYS D 658 -3.55 41.99 -14.85
CA LYS D 658 -3.24 42.55 -13.54
C LYS D 658 -4.23 42.09 -12.46
N ILE D 659 -4.44 40.77 -12.40
CA ILE D 659 -5.13 40.15 -11.28
C ILE D 659 -4.29 38.97 -10.80
N GLN D 660 -3.91 38.09 -11.73
CA GLN D 660 -3.10 36.92 -11.40
C GLN D 660 -1.73 37.28 -10.86
N ASN D 661 -1.21 38.46 -11.18
CA ASN D 661 -0.01 38.98 -10.54
C ASN D 661 -0.33 39.90 -9.37
N ASN D 662 -1.41 39.59 -8.64
CA ASN D 662 -1.80 40.20 -7.36
C ASN D 662 -1.55 41.71 -7.29
N ARG D 663 -2.15 42.45 -8.23
CA ARG D 663 -2.17 43.90 -8.09
C ARG D 663 -3.26 44.33 -7.11
N TYR D 664 -4.51 43.96 -7.36
CA TYR D 664 -5.60 44.20 -6.41
C TYR D 664 -5.65 43.13 -5.32
N ARG D 665 -4.55 42.96 -4.60
CA ARG D 665 -4.55 42.00 -3.50
C ARG D 665 -4.94 42.68 -2.19
N PHE D 666 -4.21 43.72 -1.78
CA PHE D 666 -4.53 44.42 -0.55
C PHE D 666 -5.72 45.35 -0.72
N ALA D 667 -5.94 45.87 -1.94
CA ALA D 667 -7.06 46.76 -2.18
C ALA D 667 -8.39 46.05 -1.95
N PHE D 668 -8.50 44.79 -2.37
CA PHE D 668 -9.70 44.01 -2.07
C PHE D 668 -9.78 43.67 -0.60
N LEU D 669 -8.63 43.49 0.05
CA LEU D 669 -8.60 43.20 1.48
C LEU D 669 -9.20 44.35 2.28
N TYR D 670 -8.85 45.59 1.92
CA TYR D 670 -9.41 46.73 2.64
C TYR D 670 -10.92 46.80 2.48
N LEU D 671 -11.42 46.55 1.27
CA LEU D 671 -12.87 46.57 1.05
C LEU D 671 -13.55 45.47 1.86
N LEU D 672 -12.95 44.27 1.88
CA LEU D 672 -13.55 43.18 2.65
C LEU D 672 -13.55 43.47 4.14
N VAL D 673 -12.46 44.05 4.66
CA VAL D 673 -12.41 44.41 6.08
C VAL D 673 -13.45 45.48 6.40
N LYS D 674 -13.60 46.47 5.52
CA LYS D 674 -14.59 47.52 5.76
C LYS D 674 -16.01 46.94 5.76
N TRP D 675 -16.29 46.03 4.83
CA TRP D 675 -17.62 45.42 4.80
C TRP D 675 -17.86 44.56 6.04
N TYR D 676 -16.85 43.81 6.48
CA TYR D 676 -16.99 43.03 7.71
C TYR D 676 -17.26 43.94 8.90
N LYS D 677 -16.57 45.07 8.96
CA LYS D 677 -16.83 46.06 10.00
C LYS D 677 -18.26 46.58 9.91
N LYS D 678 -18.75 46.78 8.69
CA LYS D 678 -20.09 47.30 8.50
C LYS D 678 -21.16 46.31 8.91
N TYR D 679 -20.92 45.01 8.71
CA TYR D 679 -21.99 44.02 8.81
C TYR D 679 -21.94 43.15 10.06
N HIS D 680 -20.79 42.58 10.45
CA HIS D 680 -20.77 41.63 11.57
C HIS D 680 -19.73 42.05 12.61
N ILE D 681 -20.10 42.98 13.50
CA ILE D 681 -19.37 43.19 14.74
C ILE D 681 -19.83 42.24 15.85
N PRO D 682 -21.13 42.21 16.22
CA PRO D 682 -21.51 41.46 17.44
C PRO D 682 -21.31 39.95 17.30
N ILE D 683 -21.96 39.37 16.29
CA ILE D 683 -21.88 37.93 16.02
C ILE D 683 -21.88 37.73 14.51
N MET D 684 -21.12 36.74 14.05
CA MET D 684 -21.14 36.41 12.63
C MET D 684 -22.32 35.48 12.36
N LYS D 685 -23.05 35.78 11.27
CA LYS D 685 -24.20 34.97 10.90
C LYS D 685 -24.57 35.29 9.46
N LEU D 686 -24.94 34.26 8.70
CA LEU D 686 -25.37 34.43 7.32
C LEU D 686 -26.80 33.90 7.19
N TYR D 687 -27.69 34.73 6.65
CA TYR D 687 -29.11 34.44 6.63
C TYR D 687 -29.55 33.89 5.27
N PRO D 688 -30.56 33.04 5.25
CA PRO D 688 -31.02 32.46 3.98
C PRO D 688 -31.96 33.39 3.23
N THR D 689 -32.01 33.18 1.92
CA THR D 689 -32.90 33.91 1.02
C THR D 689 -33.69 32.89 0.20
N PRO D 690 -34.69 32.25 0.80
CA PRO D 690 -35.43 31.19 0.09
C PRO D 690 -36.45 31.70 -0.91
N GLU D 691 -36.93 32.94 -0.78
CA GLU D 691 -37.93 33.42 -1.73
C GLU D 691 -37.24 33.96 -2.98
N GLU D 692 -36.30 33.20 -3.53
CA GLU D 692 -35.57 33.62 -4.72
C GLU D 692 -35.42 32.53 -5.77
N ILE D 693 -35.52 31.25 -5.41
CA ILE D 693 -35.50 30.14 -6.36
C ILE D 693 -36.95 29.79 -6.69
N PRO D 694 -37.29 29.58 -7.97
CA PRO D 694 -38.69 29.29 -8.31
C PRO D 694 -39.27 28.08 -7.59
N ASP D 695 -38.49 27.02 -7.38
CA ASP D 695 -39.00 25.85 -6.68
C ASP D 695 -39.35 26.19 -5.24
N PHE D 696 -38.47 26.88 -4.53
CA PHE D 696 -38.75 27.31 -3.17
C PHE D 696 -39.91 28.30 -3.11
N ALA D 697 -39.99 29.20 -4.09
CA ALA D 697 -41.14 30.11 -4.15
C ALA D 697 -42.44 29.34 -4.30
N PHE D 698 -42.42 28.28 -5.11
CA PHE D 698 -43.59 27.41 -5.24
C PHE D 698 -43.91 26.74 -3.91
N TYR D 699 -42.89 26.24 -3.22
CA TYR D 699 -43.13 25.59 -1.93
C TYR D 699 -43.66 26.58 -0.90
N LEU D 700 -43.11 27.78 -0.86
CA LEU D 700 -43.55 28.81 0.08
C LEU D 700 -44.95 29.29 -0.26
N GLY E 323 35.10 28.74 18.31
CA GLY E 323 33.85 28.34 17.70
C GLY E 323 33.97 27.07 16.88
N ASN E 324 32.84 26.39 16.69
CA ASN E 324 32.81 25.15 15.92
C ASN E 324 33.17 25.47 14.46
N LYS E 325 34.27 24.91 13.99
CA LYS E 325 34.74 25.24 12.64
C LYS E 325 33.85 24.64 11.56
N LEU E 326 33.22 23.49 11.85
CA LEU E 326 32.28 22.92 10.89
C LEU E 326 31.10 23.84 10.65
N PHE E 327 30.62 24.52 11.70
CA PHE E 327 29.56 25.50 11.54
C PHE E 327 30.02 26.67 10.67
N ASN E 328 31.28 27.09 10.83
CA ASN E 328 31.82 28.15 9.99
C ASN E 328 31.86 27.72 8.53
N ILE E 329 32.28 26.47 8.28
CA ILE E 329 32.32 25.96 6.91
C ILE E 329 30.92 25.91 6.33
N ALA E 330 29.94 25.47 7.13
CA ALA E 330 28.56 25.44 6.67
C ALA E 330 28.06 26.84 6.33
N GLN E 331 28.38 27.83 7.17
CA GLN E 331 27.99 29.21 6.88
C GLN E 331 28.62 29.72 5.58
N ARG E 332 29.91 29.45 5.39
CA ARG E 332 30.60 29.89 4.18
C ARG E 332 29.99 29.25 2.94
N ILE E 333 29.66 27.96 3.02
CA ILE E 333 29.02 27.29 1.90
C ILE E 333 27.63 27.85 1.66
N LEU E 334 26.88 28.16 2.72
CA LEU E 334 25.51 28.63 2.57
C LEU E 334 25.45 30.06 2.03
N ASP E 335 26.47 30.87 2.27
CA ASP E 335 26.40 32.26 1.84
C ASP E 335 26.46 32.42 0.32
N THR E 336 26.85 31.39 -0.41
CA THR E 336 26.94 31.45 -1.87
C THR E 336 25.61 31.16 -2.56
N ASN E 337 24.56 30.86 -1.80
CA ASN E 337 23.24 30.55 -2.35
C ASN E 337 23.30 29.40 -3.35
N SER E 338 24.14 28.41 -3.05
CA SER E 338 24.22 27.23 -3.90
C SER E 338 23.16 26.20 -3.54
N VAL E 339 22.70 26.20 -2.29
CA VAL E 339 21.65 25.31 -1.83
C VAL E 339 20.37 26.12 -1.71
N LEU E 340 19.25 25.54 -2.16
CA LEU E 340 17.97 26.23 -2.05
C LEU E 340 16.89 25.22 -1.69
N LEU E 341 15.83 25.74 -1.05
CA LEU E 341 14.71 24.94 -0.61
C LEU E 341 13.46 25.32 -1.40
N THR E 342 12.79 24.33 -1.95
CA THR E 342 11.57 24.57 -2.72
C THR E 342 10.37 24.67 -1.78
N GLU E 343 9.19 24.91 -2.37
CA GLU E 343 7.97 25.00 -1.60
C GLU E 343 7.47 23.63 -1.17
N ARG E 344 7.71 22.60 -1.99
CA ARG E 344 7.23 21.25 -1.73
C ARG E 344 8.16 20.44 -0.87
N GLY E 345 9.05 21.09 -0.12
CA GLY E 345 9.95 20.41 0.79
C GLY E 345 11.20 19.83 0.17
N ASP E 346 11.44 20.08 -1.11
CA ASP E 346 12.57 19.50 -1.82
C ASP E 346 13.77 20.46 -1.77
N HIS E 347 14.96 19.89 -1.99
CA HIS E 347 16.21 20.64 -1.99
C HIS E 347 16.78 20.66 -3.39
N ILE E 348 17.33 21.80 -3.80
CA ILE E 348 18.02 21.92 -5.08
C ILE E 348 19.43 22.44 -4.82
N VAL E 349 20.35 22.03 -5.69
CA VAL E 349 21.77 22.29 -5.53
C VAL E 349 22.36 22.67 -6.89
N TRP E 350 23.22 23.68 -6.86
CA TRP E 350 23.90 24.20 -8.05
C TRP E 350 25.21 23.45 -8.21
N ILE E 351 25.18 22.38 -9.00
CA ILE E 351 26.36 21.54 -9.24
C ILE E 351 26.53 21.36 -10.75
N ASN E 352 27.79 21.44 -11.19
CA ASN E 352 28.16 21.23 -12.59
C ASN E 352 27.34 22.11 -13.54
N ASN E 353 27.21 23.39 -13.16
CA ASN E 353 26.54 24.39 -13.97
C ASN E 353 25.11 23.98 -14.29
N SER E 354 24.39 23.45 -13.30
CA SER E 354 23.01 23.04 -13.50
C SER E 354 22.33 22.92 -12.14
N TRP E 355 21.15 23.54 -12.02
CA TRP E 355 20.38 23.47 -10.78
C TRP E 355 19.70 22.11 -10.67
N LYS E 356 20.41 21.13 -10.13
CA LYS E 356 19.92 19.76 -10.07
C LYS E 356 19.23 19.54 -8.73
N PHE E 357 18.11 18.83 -8.74
CA PHE E 357 17.40 18.44 -7.52
C PHE E 357 17.22 16.93 -7.53
N ASN E 358 17.31 16.32 -6.35
CA ASN E 358 17.18 14.87 -6.22
C ASN E 358 16.69 14.57 -4.81
N SER E 359 15.38 14.33 -4.67
CA SER E 359 14.84 13.92 -3.39
C SER E 359 15.09 12.44 -3.11
N GLU E 360 15.19 11.62 -4.16
CA GLU E 360 15.47 10.20 -3.97
C GLU E 360 16.88 9.97 -3.48
N GLU E 361 17.81 10.89 -3.81
CA GLU E 361 19.16 10.80 -3.28
C GLU E 361 19.80 12.19 -3.27
N PRO E 362 19.93 12.83 -2.11
CA PRO E 362 20.46 14.20 -2.08
C PRO E 362 21.90 14.28 -2.53
N LEU E 363 22.25 15.43 -3.12
CA LEU E 363 23.58 15.66 -3.67
C LEU E 363 24.40 16.65 -2.83
N ILE E 364 23.92 17.00 -1.64
CA ILE E 364 24.56 18.05 -0.86
C ILE E 364 26.01 17.69 -0.56
N THR E 365 26.30 16.41 -0.29
CA THR E 365 27.67 15.99 -0.05
C THR E 365 28.54 16.18 -1.28
N LYS E 366 28.00 15.89 -2.47
CA LYS E 366 28.73 16.16 -3.70
C LYS E 366 29.04 17.64 -3.85
N LEU E 367 28.05 18.49 -3.51
CA LEU E 367 28.26 19.92 -3.60
C LEU E 367 29.37 20.38 -2.65
N ILE E 368 29.38 19.85 -1.43
CA ILE E 368 30.41 20.20 -0.47
C ILE E 368 31.78 19.78 -0.97
N LEU E 369 31.87 18.55 -1.50
CA LEU E 369 33.14 18.05 -2.01
C LEU E 369 33.63 18.89 -3.18
N SER E 370 32.73 19.33 -4.05
CA SER E 370 33.12 20.19 -5.16
C SER E 370 33.58 21.56 -4.67
N ILE E 371 32.82 22.15 -3.74
CA ILE E 371 33.12 23.47 -3.21
C ILE E 371 34.42 23.49 -2.40
N ARG E 372 34.88 22.33 -1.94
CA ARG E 372 36.09 22.22 -1.14
C ARG E 372 37.25 23.08 -1.64
N HIS E 373 37.33 23.29 -2.95
CA HIS E 373 38.41 24.09 -3.52
C HIS E 373 38.30 25.58 -3.18
N GLN E 374 37.08 26.09 -3.02
CA GLN E 374 36.84 27.51 -2.83
C GLN E 374 36.91 27.94 -1.37
N LEU E 375 37.62 27.19 -0.53
CA LEU E 375 37.72 27.46 0.89
C LEU E 375 39.18 27.56 1.28
N PRO E 376 39.48 28.27 2.38
CA PRO E 376 40.87 28.37 2.84
C PRO E 376 41.48 27.01 3.15
N LYS E 377 42.80 26.99 3.21
CA LYS E 377 43.54 25.73 3.31
C LYS E 377 43.22 24.99 4.60
N GLU E 378 43.09 25.71 5.72
CA GLU E 378 42.85 25.06 7.01
C GLU E 378 41.47 24.42 7.09
N TYR E 379 40.56 24.72 6.17
CA TYR E 379 39.23 24.13 6.17
C TYR E 379 39.07 23.00 5.18
N SER E 380 39.65 23.13 3.98
CA SER E 380 39.47 22.13 2.93
C SER E 380 40.14 20.80 3.26
N SER E 381 41.15 20.78 4.13
CA SER E 381 41.82 19.54 4.48
C SER E 381 41.00 18.68 5.44
N GLU E 382 40.04 19.26 6.14
CA GLU E 382 39.17 18.54 7.05
C GLU E 382 37.89 18.06 6.38
N LEU E 383 37.73 18.32 5.09
CA LEU E 383 36.48 18.05 4.38
C LEU E 383 36.50 16.73 3.63
N LEU E 384 37.56 15.94 3.78
CA LEU E 384 37.69 14.68 3.05
C LEU E 384 37.02 13.51 3.76
N CYS E 385 37.09 13.48 5.09
CA CYS E 385 36.49 12.40 5.86
C CYS E 385 34.97 12.42 5.67
N PRO E 386 34.35 11.29 5.32
CA PRO E 386 32.92 11.31 4.93
C PRO E 386 31.96 11.50 6.09
N ARG E 387 32.43 11.75 7.31
CA ARG E 387 31.55 12.05 8.43
C ARG E 387 31.47 13.54 8.72
N LYS E 388 32.57 14.27 8.55
CA LYS E 388 32.53 15.73 8.66
C LYS E 388 31.58 16.31 7.61
N ARG E 389 31.55 15.71 6.41
CA ARG E 389 30.64 16.18 5.39
C ARG E 389 29.19 15.95 5.79
N LYS E 390 28.90 14.82 6.43
CA LYS E 390 27.54 14.60 6.93
C LYS E 390 27.18 15.60 8.03
N THR E 391 28.13 15.92 8.91
CA THR E 391 27.88 16.95 9.92
C THR E 391 27.58 18.30 9.27
N VAL E 392 28.35 18.67 8.26
CA VAL E 392 28.12 19.93 7.56
C VAL E 392 26.77 19.92 6.86
N GLU E 393 26.39 18.77 6.27
CA GLU E 393 25.08 18.67 5.63
C GLU E 393 23.97 18.81 6.65
N ALA E 394 24.13 18.23 7.84
CA ALA E 394 23.12 18.39 8.88
C ALA E 394 23.00 19.86 9.29
N ASN E 395 24.12 20.54 9.44
CA ASN E 395 24.08 21.97 9.78
C ASN E 395 23.37 22.77 8.68
N ILE E 396 23.68 22.47 7.42
CA ILE E 396 23.08 23.20 6.31
C ILE E 396 21.57 22.97 6.27
N ARG E 397 21.15 21.71 6.43
CA ARG E 397 19.73 21.40 6.51
C ARG E 397 19.08 22.07 7.71
N ASP E 398 19.85 22.38 8.75
CA ASP E 398 19.33 23.02 9.94
C ASP E 398 19.36 24.54 9.88
N MET E 399 20.00 25.13 8.86
CA MET E 399 20.05 26.57 8.71
C MET E 399 19.19 27.10 7.57
N LEU E 400 18.45 26.24 6.87
CA LEU E 400 17.60 26.67 5.76
C LEU E 400 16.15 26.68 6.25
N VAL E 401 15.56 27.86 6.31
CA VAL E 401 14.24 28.01 6.92
C VAL E 401 13.17 28.40 5.90
N ASP E 402 13.47 29.32 4.98
CA ASP E 402 12.47 29.86 4.07
C ASP E 402 12.67 29.32 2.65
N SER E 403 11.56 29.05 1.97
CA SER E 403 11.61 28.51 0.62
C SER E 403 11.76 29.63 -0.41
N VAL E 404 11.94 29.23 -1.67
CA VAL E 404 12.13 30.15 -2.77
C VAL E 404 11.25 29.72 -3.95
N GLU E 405 11.03 30.65 -4.87
CA GLU E 405 10.22 30.43 -6.05
C GLU E 405 11.11 29.99 -7.22
N THR E 406 10.60 29.04 -8.00
CA THR E 406 11.34 28.46 -9.11
C THR E 406 10.69 28.84 -10.43
N ASP E 407 11.53 29.14 -11.42
CA ASP E 407 11.10 29.48 -12.78
C ASP E 407 10.16 30.67 -12.78
N THR E 408 10.69 31.81 -12.33
CA THR E 408 9.96 33.06 -12.30
C THR E 408 10.15 33.88 -13.58
N TYR E 409 10.95 33.40 -14.51
CA TYR E 409 11.23 34.12 -15.75
C TYR E 409 10.69 33.35 -16.94
N PRO E 410 9.66 33.83 -17.61
CA PRO E 410 9.10 33.09 -18.74
C PRO E 410 9.88 33.28 -20.03
N ASP E 411 10.85 34.18 -20.02
CA ASP E 411 11.60 34.56 -21.21
C ASP E 411 13.05 34.06 -21.17
N LYS E 412 13.26 32.85 -20.65
CA LYS E 412 14.58 32.25 -20.57
C LYS E 412 14.49 30.79 -20.98
N LEU E 413 15.46 30.32 -21.77
CA LEU E 413 15.49 28.94 -22.21
C LEU E 413 16.61 28.20 -21.52
N PRO E 414 16.34 27.24 -20.65
CA PRO E 414 17.43 26.55 -19.93
C PRO E 414 18.04 25.40 -20.71
N PHE E 415 19.34 25.49 -21.02
CA PHE E 415 20.09 24.41 -21.64
C PHE E 415 20.82 23.61 -20.56
N LYS E 416 21.62 22.65 -21.00
CA LYS E 416 22.43 21.87 -20.07
C LYS E 416 23.74 22.56 -19.70
N ASN E 417 24.02 23.73 -20.28
CA ASN E 417 25.24 24.46 -19.96
C ASN E 417 24.99 25.94 -19.69
N GLY E 418 23.75 26.33 -19.43
CA GLY E 418 23.45 27.71 -19.12
C GLY E 418 22.02 28.05 -19.52
N VAL E 419 21.82 29.33 -19.84
CA VAL E 419 20.51 29.84 -20.18
C VAL E 419 20.62 30.70 -21.43
N LEU E 420 19.56 30.70 -22.23
CA LEU E 420 19.45 31.55 -23.41
C LEU E 420 18.45 32.66 -23.12
N ASP E 421 18.92 33.90 -23.19
CA ASP E 421 18.06 35.08 -23.08
C ASP E 421 17.59 35.47 -24.47
N LEU E 422 16.28 35.33 -24.69
CA LEU E 422 15.67 35.52 -26.01
C LEU E 422 15.50 36.98 -26.36
N VAL E 423 15.24 37.84 -25.37
CA VAL E 423 15.01 39.25 -25.63
C VAL E 423 16.23 39.87 -26.29
N ASP E 424 17.42 39.57 -25.79
CA ASP E 424 18.65 39.95 -26.45
C ASP E 424 19.31 38.78 -27.18
N GLY E 425 19.02 37.54 -26.79
CA GLY E 425 19.60 36.40 -27.46
C GLY E 425 21.03 36.08 -27.09
N MET E 426 21.37 36.16 -25.80
CA MET E 426 22.70 35.80 -25.32
C MET E 426 22.66 34.55 -24.45
N PHE E 427 23.72 33.76 -24.52
CA PHE E 427 23.86 32.55 -23.72
C PHE E 427 24.73 32.85 -22.51
N TYR E 428 24.16 32.64 -21.33
CA TYR E 428 24.84 32.84 -20.06
C TYR E 428 25.25 31.50 -19.49
N SER E 429 26.49 31.40 -19.02
CA SER E 429 27.03 30.17 -18.46
C SER E 429 27.70 30.49 -17.14
N GLY E 430 27.93 29.46 -16.33
CA GLY E 430 28.54 29.68 -15.04
C GLY E 430 27.57 30.32 -14.06
N ASP E 431 28.16 30.97 -13.04
CA ASP E 431 27.35 31.66 -12.03
C ASP E 431 26.55 32.82 -12.63
N ASP E 432 26.90 33.25 -13.85
CA ASP E 432 26.07 34.23 -14.55
C ASP E 432 24.65 33.72 -14.76
N ALA E 433 24.44 32.40 -14.72
CA ALA E 433 23.11 31.81 -14.75
C ALA E 433 22.91 31.10 -13.41
N LYS E 434 22.54 31.87 -12.39
CA LYS E 434 22.21 31.30 -11.09
C LYS E 434 21.01 32.03 -10.51
N LYS E 435 20.77 33.25 -10.99
CA LYS E 435 19.61 34.02 -10.55
C LYS E 435 18.32 33.40 -11.06
N TYR E 436 18.36 32.80 -12.24
CA TYR E 436 17.19 32.12 -12.80
C TYR E 436 17.18 30.68 -12.29
N THR E 437 16.35 30.41 -11.29
CA THR E 437 16.24 29.08 -10.70
C THR E 437 15.29 28.25 -11.55
N CYS E 438 15.80 27.70 -12.64
CA CYS E 438 15.03 26.87 -13.56
C CYS E 438 15.34 25.41 -13.29
N THR E 439 14.35 24.68 -12.77
CA THR E 439 14.53 23.26 -12.49
C THR E 439 14.46 22.39 -13.73
N VAL E 440 13.89 22.88 -14.82
CA VAL E 440 13.78 22.14 -16.05
C VAL E 440 14.89 22.58 -17.00
N SER E 441 15.12 21.79 -18.05
CA SER E 441 16.17 22.10 -19.01
C SER E 441 15.79 21.49 -20.36
N THR E 442 16.38 22.05 -21.42
CA THR E 442 16.11 21.55 -22.76
C THR E 442 16.57 20.10 -22.91
N GLY E 443 17.55 19.69 -22.12
CA GLY E 443 18.01 18.33 -22.10
C GLY E 443 19.20 18.02 -22.99
N PHE E 444 19.82 19.03 -23.61
CA PHE E 444 20.96 18.81 -24.49
C PHE E 444 21.92 19.97 -24.33
N LYS E 445 23.12 19.79 -24.88
CA LYS E 445 24.15 20.81 -24.81
C LYS E 445 23.92 21.87 -25.88
N PHE E 446 24.22 23.11 -25.53
CA PHE E 446 24.12 24.23 -26.44
C PHE E 446 25.51 24.62 -26.95
N ASP E 447 25.59 24.89 -28.25
CA ASP E 447 26.83 25.33 -28.88
C ASP E 447 26.56 26.63 -29.62
N ASP E 448 27.33 27.67 -29.30
CA ASP E 448 27.23 28.92 -30.03
C ASP E 448 27.87 28.83 -31.41
N THR E 449 28.65 27.77 -31.68
CA THR E 449 29.26 27.59 -32.99
C THR E 449 28.23 27.31 -34.06
N LYS E 450 27.19 26.53 -33.74
CA LYS E 450 26.13 26.19 -34.68
C LYS E 450 24.91 27.09 -34.52
N PHE E 451 25.00 28.13 -33.70
CA PHE E 451 23.93 29.11 -33.53
C PHE E 451 24.13 30.33 -34.42
N VAL E 452 24.80 30.15 -35.55
CA VAL E 452 25.14 31.25 -36.45
C VAL E 452 24.31 31.13 -37.72
N GLU E 453 24.22 32.24 -38.46
CA GLU E 453 23.39 32.28 -39.65
C GLU E 453 24.14 31.80 -40.89
N ASP E 454 25.45 31.61 -40.79
CA ASP E 454 26.25 31.14 -41.92
C ASP E 454 26.49 29.64 -41.76
N SER E 455 25.75 28.83 -42.53
CA SER E 455 25.85 27.38 -42.48
C SER E 455 25.08 26.78 -43.65
N PRO E 456 25.39 25.55 -44.08
CA PRO E 456 24.53 24.92 -45.11
C PRO E 456 23.17 24.55 -44.56
N GLU E 457 23.13 24.10 -43.30
CA GLU E 457 21.89 23.62 -42.71
C GLU E 457 20.79 24.69 -42.72
N MET E 458 21.17 25.96 -42.62
CA MET E 458 20.13 26.98 -42.52
C MET E 458 19.49 27.27 -43.88
N GLU E 459 20.27 27.23 -44.97
CA GLU E 459 19.62 27.28 -46.28
C GLU E 459 18.75 26.05 -46.52
N GLU E 460 19.25 24.85 -46.18
CA GLU E 460 18.39 23.68 -46.29
C GLU E 460 17.08 23.90 -45.51
N LEU E 461 17.19 24.41 -44.30
CA LEU E 461 16.04 24.51 -43.40
C LEU E 461 15.02 25.53 -43.90
N MET E 462 15.47 26.73 -44.30
CA MET E 462 14.45 27.70 -44.70
C MET E 462 13.88 27.32 -46.06
N ASN E 463 14.65 26.58 -46.87
CA ASN E 463 14.06 26.01 -48.07
C ASN E 463 12.92 25.05 -47.74
N ILE E 464 13.14 24.13 -46.78
CA ILE E 464 12.05 23.21 -46.40
C ILE E 464 10.86 23.97 -45.86
N ILE E 465 11.10 24.94 -44.97
CA ILE E 465 9.97 25.61 -44.33
C ILE E 465 9.20 26.46 -45.33
N ASN E 466 9.89 27.07 -46.30
CA ASN E 466 9.19 27.77 -47.37
C ASN E 466 8.44 26.80 -48.27
N ASP E 467 8.95 25.58 -48.44
CA ASP E 467 8.16 24.56 -49.14
C ASP E 467 6.89 24.24 -48.37
N ILE E 468 6.97 24.12 -47.04
CA ILE E 468 5.80 23.84 -46.24
C ILE E 468 4.85 25.03 -46.24
N GLN E 469 5.40 26.25 -46.22
CA GLN E 469 4.59 27.47 -46.25
C GLN E 469 5.22 28.45 -47.22
N PRO E 470 4.68 28.61 -48.43
CA PRO E 470 5.30 29.50 -49.42
C PRO E 470 5.17 30.96 -49.03
N LEU E 471 6.03 31.77 -49.63
CA LEU E 471 6.09 33.21 -49.37
C LEU E 471 5.26 33.99 -50.38
N THR E 472 3.95 33.78 -50.37
CA THR E 472 3.02 34.47 -51.24
C THR E 472 1.98 35.23 -50.41
N ASP E 473 1.22 36.09 -51.09
CA ASP E 473 0.19 36.90 -50.44
C ASP E 473 -0.90 36.03 -49.85
N GLU E 474 -1.34 35.00 -50.58
CA GLU E 474 -2.43 34.15 -50.11
C GLU E 474 -2.08 33.40 -48.83
N ASN E 475 -0.80 33.14 -48.58
CA ASN E 475 -0.35 32.41 -47.40
C ASN E 475 0.44 33.31 -46.47
N LYS E 476 0.03 34.57 -46.37
CA LYS E 476 0.75 35.56 -45.58
C LYS E 476 0.25 35.64 -44.14
N LYS E 477 -1.08 35.71 -43.96
CA LYS E 477 -1.64 35.65 -42.62
C LYS E 477 -1.38 34.29 -41.98
N ASN E 478 -1.51 33.22 -42.76
CA ASN E 478 -1.24 31.88 -42.26
C ASN E 478 0.22 31.76 -41.82
N ARG E 479 1.15 32.28 -42.62
CA ARG E 479 2.56 32.20 -42.26
C ARG E 479 2.85 32.95 -40.98
N GLU E 480 2.31 34.17 -40.85
CA GLU E 480 2.60 34.98 -39.67
C GLU E 480 1.98 34.36 -38.42
N LEU E 481 0.76 33.84 -38.55
CA LEU E 481 0.14 33.15 -37.42
C LEU E 481 0.92 31.90 -37.03
N TYR E 482 1.39 31.13 -38.01
CA TYR E 482 2.22 29.96 -37.72
C TYR E 482 3.50 30.36 -37.01
N GLU E 483 4.14 31.44 -37.48
CA GLU E 483 5.37 31.90 -36.86
C GLU E 483 5.15 32.32 -35.42
N LYS E 484 4.07 33.08 -35.17
CA LYS E 484 3.76 33.51 -33.81
C LYS E 484 3.45 32.30 -32.92
N THR E 485 2.69 31.34 -33.43
CA THR E 485 2.35 30.16 -32.65
C THR E 485 3.59 29.35 -32.29
N LEU E 486 4.50 29.18 -33.25
CA LEU E 486 5.74 28.45 -32.96
C LEU E 486 6.62 29.20 -31.98
N SER E 487 6.74 30.52 -32.15
CA SER E 487 7.56 31.30 -31.22
C SER E 487 6.95 31.32 -29.82
N SER E 488 5.63 31.12 -29.71
CA SER E 488 5.00 31.02 -28.41
C SER E 488 5.50 29.83 -27.61
N CYS E 489 6.05 28.81 -28.27
CA CYS E 489 6.50 27.61 -27.59
C CYS E 489 7.77 27.87 -26.79
N LEU E 490 8.36 29.05 -26.97
CA LEU E 490 9.58 29.42 -26.24
C LEU E 490 9.30 30.14 -24.94
N CYS E 491 8.17 30.86 -24.84
CA CYS E 491 7.83 31.57 -23.62
C CYS E 491 7.41 30.59 -22.53
N GLY E 492 7.96 30.76 -21.33
CA GLY E 492 7.61 29.91 -20.21
C GLY E 492 6.51 30.47 -19.33
N ALA E 493 5.40 30.87 -19.95
CA ALA E 493 4.25 31.39 -19.22
C ALA E 493 2.98 30.70 -19.72
N THR E 494 1.83 31.19 -19.25
CA THR E 494 0.53 30.64 -19.60
C THR E 494 -0.01 31.36 -20.83
N LYS E 495 -0.47 30.60 -21.81
CA LYS E 495 -1.06 31.12 -23.03
C LYS E 495 -2.53 30.76 -23.08
N GLY E 496 -3.33 31.71 -23.56
CA GLY E 496 -4.78 31.59 -23.44
C GLY E 496 -5.52 31.24 -24.71
N CYS E 497 -4.84 30.60 -25.66
CA CYS E 497 -5.49 30.20 -26.90
C CYS E 497 -5.01 28.81 -27.31
N LEU E 498 -5.89 28.08 -27.97
CA LEU E 498 -5.59 26.75 -28.49
C LEU E 498 -5.65 26.80 -30.02
N THR E 499 -4.59 26.32 -30.66
CA THR E 499 -4.47 26.36 -32.10
C THR E 499 -4.69 24.97 -32.70
N PHE E 500 -5.22 24.94 -33.91
CA PHE E 500 -5.45 23.71 -34.64
C PHE E 500 -4.52 23.66 -35.84
N PHE E 501 -3.72 22.59 -35.94
CA PHE E 501 -2.86 22.39 -37.10
C PHE E 501 -3.66 21.66 -38.17
N PHE E 502 -4.59 22.40 -38.78
CA PHE E 502 -5.49 21.85 -39.78
C PHE E 502 -4.73 21.68 -41.10
N GLY E 503 -4.79 20.48 -41.67
CA GLY E 503 -4.15 20.19 -42.92
C GLY E 503 -4.28 18.72 -43.28
N GLU E 504 -4.36 18.41 -44.57
CA GLU E 504 -4.57 17.03 -44.99
C GLU E 504 -3.29 16.22 -44.75
N THR E 505 -3.37 14.93 -45.09
CA THR E 505 -2.21 14.06 -44.93
C THR E 505 -1.13 14.42 -45.94
N ALA E 506 0.12 14.08 -45.58
CA ALA E 506 1.29 14.37 -46.40
C ALA E 506 1.39 15.87 -46.71
N THR E 507 1.30 16.67 -45.66
CA THR E 507 1.41 18.12 -45.78
C THR E 507 2.48 18.74 -44.88
N GLY E 508 3.16 17.95 -44.06
CA GLY E 508 4.30 18.43 -43.29
C GLY E 508 4.05 18.75 -41.84
N LYS E 509 2.84 18.50 -41.33
CA LYS E 509 2.56 18.78 -39.93
C LYS E 509 3.46 17.96 -39.01
N SER E 510 3.58 16.66 -39.29
CA SER E 510 4.46 15.81 -38.49
C SER E 510 5.92 16.21 -38.65
N THR E 511 6.30 16.73 -39.82
CA THR E 511 7.67 17.17 -40.03
C THR E 511 8.01 18.32 -39.09
N THR E 512 7.16 19.35 -39.04
CA THR E 512 7.41 20.46 -38.13
C THR E 512 7.29 20.03 -36.67
N LYS E 513 6.40 19.06 -36.39
CA LYS E 513 6.29 18.54 -35.03
C LYS E 513 7.60 17.91 -34.58
N ARG E 514 8.19 17.05 -35.44
CA ARG E 514 9.46 16.42 -35.09
C ARG E 514 10.59 17.44 -35.07
N LEU E 515 10.54 18.45 -35.94
CA LEU E 515 11.53 19.52 -35.90
C LEU E 515 11.49 20.25 -34.56
N LEU E 516 10.29 20.57 -34.08
CA LEU E 516 10.15 21.21 -32.77
C LEU E 516 10.64 20.30 -31.66
N LYS E 517 10.30 19.01 -31.73
CA LYS E 517 10.76 18.07 -30.72
C LYS E 517 12.28 18.03 -30.66
N SER E 518 12.94 18.00 -31.81
CA SER E 518 14.40 18.01 -31.84
C SER E 518 14.96 19.35 -31.40
N ALA E 519 14.24 20.44 -31.65
CA ALA E 519 14.75 21.76 -31.31
C ALA E 519 14.72 22.05 -29.82
N ILE E 520 13.63 21.67 -29.14
CA ILE E 520 13.46 22.06 -27.75
C ILE E 520 13.76 20.94 -26.75
N GLY E 521 13.80 19.69 -27.19
CA GLY E 521 14.16 18.60 -26.28
C GLY E 521 12.99 18.19 -25.42
N ASP E 522 13.28 17.85 -24.16
CA ASP E 522 12.22 17.39 -23.26
C ASP E 522 11.28 18.52 -22.83
N LEU E 523 11.48 19.73 -23.33
CA LEU E 523 10.45 20.76 -23.18
C LEU E 523 9.40 20.54 -24.26
N PHE E 524 8.92 19.31 -24.37
CA PHE E 524 7.99 18.89 -25.41
C PHE E 524 7.46 17.50 -25.06
N VAL E 525 6.14 17.35 -24.95
CA VAL E 525 5.52 16.08 -24.65
C VAL E 525 4.38 15.86 -25.63
N GLU E 526 4.31 14.63 -26.15
CA GLU E 526 3.25 14.27 -27.12
C GLU E 526 2.21 13.41 -26.39
N THR E 527 1.02 13.94 -26.17
CA THR E 527 -0.05 13.24 -25.47
C THR E 527 -1.09 12.77 -26.47
N GLY E 528 -2.09 12.04 -25.96
CA GLY E 528 -3.15 11.51 -26.79
C GLY E 528 -4.32 12.47 -26.92
N GLN E 529 -5.28 12.07 -27.75
CA GLN E 529 -6.50 12.83 -27.96
C GLN E 529 -7.43 12.81 -26.74
N THR E 530 -7.18 11.90 -25.79
CA THR E 530 -8.10 11.66 -24.68
C THR E 530 -8.33 12.93 -23.86
N ILE E 531 -7.39 13.88 -23.93
CA ILE E 531 -7.53 15.14 -23.21
C ILE E 531 -8.81 15.85 -23.63
N LEU E 532 -9.12 15.83 -24.92
CA LEU E 532 -10.29 16.52 -25.46
C LEU E 532 -11.54 15.65 -25.49
N THR E 533 -11.46 14.42 -24.98
CA THR E 533 -12.60 13.51 -25.00
C THR E 533 -13.10 13.09 -23.63
N ASP E 534 -12.41 13.40 -22.55
CA ASP E 534 -12.80 12.97 -21.21
C ASP E 534 -12.89 14.17 -20.27
N VAL E 535 -13.22 13.88 -19.01
CA VAL E 535 -13.24 14.87 -17.95
C VAL E 535 -11.94 14.75 -17.17
N LEU E 536 -11.28 15.90 -16.96
CA LEU E 536 -9.94 15.92 -16.38
C LEU E 536 -9.93 15.92 -14.86
N ASP E 537 -11.08 16.00 -14.20
CA ASP E 537 -11.13 16.07 -12.74
C ASP E 537 -11.88 14.89 -12.13
N LYS E 538 -12.08 13.81 -12.88
CA LYS E 538 -12.67 12.59 -12.36
C LYS E 538 -11.57 11.53 -12.19
N GLY E 539 -11.31 11.16 -10.94
CA GLY E 539 -10.28 10.20 -10.64
C GLY E 539 -8.89 10.71 -10.99
N PRO E 540 -7.96 9.78 -11.25
CA PRO E 540 -6.60 10.20 -11.61
C PRO E 540 -6.48 10.56 -13.08
N ASN E 541 -5.38 11.20 -13.45
CA ASN E 541 -5.12 11.53 -14.85
C ASN E 541 -3.63 11.50 -15.10
N PRO E 542 -3.09 10.51 -15.88
CA PRO E 542 -1.65 10.40 -16.04
C PRO E 542 -1.06 11.54 -16.88
N PHE E 543 -1.88 12.21 -17.70
CA PHE E 543 -1.27 13.20 -18.58
C PHE E 543 -0.90 14.49 -17.87
N ILE E 544 -1.65 14.86 -16.83
CA ILE E 544 -1.41 16.13 -16.14
C ILE E 544 -0.09 16.15 -15.39
N ALA E 545 0.38 15.00 -14.89
CA ALA E 545 1.60 14.96 -14.11
C ALA E 545 2.81 15.38 -14.93
N ASN E 546 2.92 14.87 -16.16
CA ASN E 546 4.06 15.21 -17.00
C ASN E 546 3.94 16.60 -17.61
N MET E 547 2.72 17.14 -17.70
CA MET E 547 2.48 18.45 -18.27
C MET E 547 3.16 19.55 -17.44
N HIS E 548 3.41 19.24 -16.17
CA HIS E 548 4.00 20.20 -15.25
C HIS E 548 5.36 20.68 -15.77
N LEU E 549 5.49 22.00 -15.97
CA LEU E 549 6.69 22.64 -16.51
C LEU E 549 7.09 22.11 -17.88
N LYS E 550 6.13 21.90 -18.78
CA LYS E 550 6.44 21.68 -20.18
C LYS E 550 6.21 22.98 -20.96
N ARG E 551 6.82 23.07 -22.15
CA ARG E 551 6.69 24.26 -22.96
C ARG E 551 5.94 24.02 -24.27
N SER E 552 5.59 22.78 -24.59
CA SER E 552 4.84 22.50 -25.81
C SER E 552 4.18 21.14 -25.69
N VAL E 553 2.85 21.11 -25.78
CA VAL E 553 2.08 19.87 -25.71
C VAL E 553 1.43 19.66 -27.07
N PHE E 554 1.85 18.60 -27.76
CA PHE E 554 1.37 18.31 -29.11
C PHE E 554 0.28 17.25 -29.03
N CYS E 555 -0.97 17.67 -29.09
CA CYS E 555 -2.12 16.76 -29.12
C CYS E 555 -2.37 16.37 -30.57
N SER E 556 -1.92 15.18 -30.95
CA SER E 556 -2.04 14.67 -32.31
C SER E 556 -2.87 13.38 -32.31
N GLU E 557 -2.84 12.68 -33.44
CA GLU E 557 -3.55 11.42 -33.67
C GLU E 557 -5.05 11.56 -33.48
N LEU E 558 -5.63 12.67 -33.89
CA LEU E 558 -7.07 12.85 -33.81
C LEU E 558 -7.76 12.02 -34.89
N PRO E 559 -8.65 11.09 -34.54
CA PRO E 559 -9.30 10.24 -35.54
C PRO E 559 -10.20 11.06 -36.45
N ASP E 560 -10.84 10.36 -37.40
CA ASP E 560 -11.78 11.01 -38.30
C ASP E 560 -13.02 11.41 -37.50
N PHE E 561 -13.32 12.70 -37.48
CA PHE E 561 -14.37 13.22 -36.60
C PHE E 561 -15.76 13.15 -37.20
N ALA E 562 -15.89 12.74 -38.46
CA ALA E 562 -17.19 12.55 -39.09
C ALA E 562 -17.76 11.17 -38.86
N CYS E 563 -17.02 10.28 -38.19
CA CYS E 563 -17.44 8.91 -37.95
C CYS E 563 -17.81 8.75 -36.48
N SER E 564 -18.90 8.04 -36.22
CA SER E 564 -19.34 7.76 -34.86
C SER E 564 -18.34 6.83 -34.17
N GLY E 565 -18.27 6.95 -32.84
CA GLY E 565 -17.32 6.20 -32.04
C GLY E 565 -16.24 7.05 -31.40
N SER E 566 -16.00 8.25 -31.94
CA SER E 566 -15.05 9.19 -31.37
C SER E 566 -15.83 10.27 -30.62
N LYS E 567 -15.53 10.44 -29.34
CA LYS E 567 -16.24 11.42 -28.53
C LYS E 567 -16.00 12.82 -29.05
N LYS E 568 -17.06 13.61 -29.12
CA LYS E 568 -16.99 14.97 -29.64
C LYS E 568 -16.19 15.86 -28.70
N ILE E 569 -15.78 17.01 -29.22
CA ILE E 569 -14.93 17.92 -28.46
C ILE E 569 -15.74 18.56 -27.35
N ARG E 570 -15.25 18.43 -26.12
CA ARG E 570 -15.92 19.00 -24.96
C ARG E 570 -15.46 20.44 -24.77
N SER E 571 -16.41 21.38 -24.75
CA SER E 571 -16.07 22.79 -24.63
C SER E 571 -15.39 23.10 -23.31
N ASP E 572 -15.84 22.44 -22.23
CA ASP E 572 -15.25 22.69 -20.92
C ASP E 572 -13.77 22.31 -20.90
N ASN E 573 -13.41 21.20 -21.54
CA ASN E 573 -12.00 20.81 -21.62
C ASN E 573 -11.17 21.88 -22.31
N ILE E 574 -11.70 22.48 -23.38
CA ILE E 574 -11.04 23.61 -24.02
C ILE E 574 -10.90 24.77 -23.05
N LYS E 575 -11.94 25.03 -22.26
CA LYS E 575 -11.90 26.14 -21.32
C LYS E 575 -10.91 25.93 -20.18
N LYS E 576 -10.62 24.68 -19.81
CA LYS E 576 -9.69 24.45 -18.71
C LYS E 576 -8.24 24.66 -19.13
N LEU E 577 -7.92 24.43 -20.41
CA LEU E 577 -6.55 24.56 -20.89
C LEU E 577 -6.15 26.01 -21.13
N THR E 578 -7.00 26.98 -20.79
CA THR E 578 -6.68 28.40 -20.90
C THR E 578 -6.31 29.00 -19.56
N GLU E 579 -6.38 28.23 -18.47
CA GLU E 579 -6.12 28.68 -17.12
C GLU E 579 -4.71 28.30 -16.69
N PRO E 580 -4.11 29.03 -15.74
CA PRO E 580 -2.74 28.71 -15.33
C PRO E 580 -2.63 27.58 -14.32
N CYS E 581 -3.71 26.85 -14.08
CA CYS E 581 -3.66 25.72 -13.15
C CYS E 581 -4.59 24.60 -13.62
N ASN E 594 -1.23 22.37 -10.88
CA ASN E 594 -0.36 22.09 -12.03
C ASN E 594 -0.16 23.34 -12.88
N ARG E 595 1.05 23.90 -12.82
CA ARG E 595 1.36 25.12 -13.57
C ARG E 595 1.38 24.82 -15.07
N ASN E 596 0.69 25.65 -15.83
CA ASN E 596 0.60 25.51 -17.28
C ASN E 596 1.58 26.48 -17.93
N HIS E 597 2.69 25.95 -18.42
CA HIS E 597 3.69 26.74 -19.14
C HIS E 597 3.81 26.34 -20.61
N ALA E 598 2.99 25.40 -21.07
CA ALA E 598 3.13 24.87 -22.41
C ALA E 598 2.11 25.48 -23.36
N THR E 599 2.41 25.38 -24.66
CA THR E 599 1.49 25.78 -25.72
C THR E 599 0.81 24.52 -26.25
N ILE E 600 -0.51 24.56 -26.34
CA ILE E 600 -1.28 23.43 -26.82
C ILE E 600 -1.35 23.50 -28.34
N ILE E 601 -0.84 22.48 -29.02
CA ILE E 601 -0.84 22.41 -30.47
C ILE E 601 -1.65 21.21 -30.88
N ILE E 602 -2.81 21.44 -31.47
CA ILE E 602 -3.73 20.37 -31.87
C ILE E 602 -3.54 20.09 -33.35
N ASP E 603 -3.25 18.84 -33.67
CA ASP E 603 -3.03 18.40 -35.05
C ASP E 603 -4.26 17.65 -35.54
N THR E 604 -4.75 18.02 -36.72
CA THR E 604 -5.94 17.41 -37.29
C THR E 604 -5.87 17.50 -38.81
N ASN E 605 -6.71 16.70 -39.47
CA ASN E 605 -6.86 16.73 -40.92
C ASN E 605 -8.28 17.00 -41.37
N TYR E 606 -9.23 17.10 -40.45
CA TYR E 606 -10.65 17.26 -40.75
C TYR E 606 -11.22 18.41 -39.93
N LYS E 607 -12.44 18.81 -40.27
CA LYS E 607 -13.07 19.92 -39.58
C LYS E 607 -13.65 19.47 -38.25
N PRO E 608 -13.24 20.09 -37.14
CA PRO E 608 -13.74 19.66 -35.83
C PRO E 608 -15.07 20.31 -35.47
N VAL E 609 -15.85 19.57 -34.69
CA VAL E 609 -17.12 20.05 -34.15
C VAL E 609 -17.13 19.76 -32.66
N PHE E 610 -17.80 20.60 -31.88
CA PHE E 610 -17.72 20.55 -30.43
C PHE E 610 -19.00 19.97 -29.84
N ASP E 611 -18.94 19.70 -28.54
CA ASP E 611 -20.15 19.30 -27.81
C ASP E 611 -21.19 20.41 -27.85
N ARG E 612 -20.78 21.65 -27.61
CA ARG E 612 -21.66 22.80 -27.71
C ARG E 612 -20.91 23.92 -28.41
N ILE E 613 -21.66 24.81 -29.05
CA ILE E 613 -21.11 25.95 -29.78
C ILE E 613 -21.60 27.23 -29.13
N ASP E 614 -20.66 28.13 -28.84
CA ASP E 614 -20.99 29.41 -28.21
C ASP E 614 -19.83 30.36 -28.47
N ASN E 615 -19.99 31.61 -27.99
CA ASN E 615 -18.94 32.60 -28.18
C ASN E 615 -17.79 32.41 -27.21
N ALA E 616 -17.98 31.62 -26.15
CA ALA E 616 -16.89 31.33 -25.23
C ALA E 616 -15.78 30.51 -25.85
N LEU E 617 -16.03 29.86 -26.98
CA LEU E 617 -15.02 29.07 -27.68
C LEU E 617 -14.31 29.85 -28.78
N MET E 618 -15.05 30.66 -29.55
CA MET E 618 -14.46 31.39 -30.67
C MET E 618 -13.52 32.50 -30.22
N ARG E 619 -13.54 32.88 -28.94
CA ARG E 619 -12.63 33.90 -28.42
C ARG E 619 -11.31 33.31 -27.93
N ARG E 620 -11.07 32.02 -28.18
CA ARG E 620 -9.80 31.41 -27.79
C ARG E 620 -9.23 30.43 -28.80
N ILE E 621 -9.81 30.31 -30.00
CA ILE E 621 -9.40 29.29 -30.96
C ILE E 621 -8.94 29.98 -32.24
N ALA E 622 -7.77 29.57 -32.72
CA ALA E 622 -7.26 29.95 -34.03
C ALA E 622 -6.85 28.69 -34.80
N VAL E 623 -6.89 28.78 -36.12
CA VAL E 623 -6.66 27.63 -36.99
C VAL E 623 -5.66 28.01 -38.07
N VAL E 624 -4.66 27.17 -38.27
CA VAL E 624 -3.73 27.33 -39.38
C VAL E 624 -4.10 26.33 -40.47
N ARG E 625 -3.69 26.64 -41.69
CA ARG E 625 -4.04 25.82 -42.86
C ARG E 625 -2.78 25.32 -43.55
N PHE E 626 -2.87 24.10 -44.08
CA PHE E 626 -1.79 23.50 -44.85
C PHE E 626 -2.33 23.18 -46.25
N ARG E 627 -1.64 23.66 -47.27
CA ARG E 627 -2.04 23.43 -48.67
C ARG E 627 -0.81 23.10 -49.52
N THR E 628 0.09 22.29 -48.97
CA THR E 628 1.27 21.84 -49.69
C THR E 628 1.37 20.33 -49.57
N HIS E 629 1.30 19.63 -50.70
CA HIS E 629 1.38 18.18 -50.71
C HIS E 629 2.75 17.70 -51.19
N ASP E 656 12.99 12.82 -43.24
CA ASP E 656 12.81 12.20 -41.94
C ASP E 656 14.11 11.63 -41.42
N GLY E 657 14.95 11.14 -42.33
CA GLY E 657 16.23 10.56 -41.96
C GLY E 657 17.16 11.56 -41.29
N LYS E 658 17.23 12.77 -41.84
CA LYS E 658 18.07 13.82 -41.26
C LYS E 658 17.28 14.67 -40.27
N ILE E 659 16.62 14.01 -39.33
CA ILE E 659 15.86 14.70 -38.29
C ILE E 659 16.23 14.11 -36.93
N GLN E 660 16.17 12.78 -36.81
CA GLN E 660 16.45 12.13 -35.54
C GLN E 660 17.89 12.36 -35.09
N ASN E 661 18.80 12.58 -36.04
CA ASN E 661 20.17 12.93 -35.71
C ASN E 661 20.37 14.42 -35.47
N ASN E 662 19.30 15.21 -35.59
CA ASN E 662 19.29 16.63 -35.21
C ASN E 662 20.25 17.46 -36.07
N ARG E 663 20.11 17.32 -37.39
CA ARG E 663 20.87 18.17 -38.29
C ARG E 663 20.34 19.61 -38.25
N TYR E 664 19.03 19.77 -38.37
CA TYR E 664 18.39 21.09 -38.28
C TYR E 664 17.89 21.37 -36.87
N ARG E 665 18.78 21.27 -35.88
CA ARG E 665 18.39 21.52 -34.50
C ARG E 665 18.63 22.97 -34.09
N PHE E 666 19.88 23.43 -34.17
CA PHE E 666 20.21 24.78 -33.76
C PHE E 666 19.78 25.84 -34.77
N ALA E 667 19.74 25.50 -36.06
CA ALA E 667 19.24 26.45 -37.06
C ALA E 667 17.76 26.74 -36.82
N PHE E 668 16.99 25.71 -36.49
CA PHE E 668 15.58 25.91 -36.18
C PHE E 668 15.41 26.73 -34.91
N LEU E 669 16.30 26.52 -33.93
CA LEU E 669 16.27 27.35 -32.72
C LEU E 669 16.57 28.81 -33.04
N TYR E 670 17.54 29.06 -33.93
CA TYR E 670 17.85 30.43 -34.33
C TYR E 670 16.67 31.07 -35.05
N LEU E 671 16.03 30.31 -35.95
CA LEU E 671 14.82 30.81 -36.61
C LEU E 671 13.73 31.13 -35.61
N LEU E 672 13.53 30.25 -34.61
CA LEU E 672 12.48 30.46 -33.63
C LEU E 672 12.77 31.68 -32.76
N VAL E 673 14.02 31.87 -32.35
CA VAL E 673 14.35 33.03 -31.51
C VAL E 673 14.25 34.31 -32.32
N LYS E 674 14.59 34.26 -33.61
CA LYS E 674 14.39 35.42 -34.46
C LYS E 674 12.92 35.77 -34.57
N TRP E 675 12.06 34.77 -34.75
CA TRP E 675 10.62 35.03 -34.81
C TRP E 675 10.11 35.59 -33.48
N TYR E 676 10.57 35.04 -32.36
CA TYR E 676 10.15 35.54 -31.05
C TYR E 676 10.57 36.98 -30.85
N LYS E 677 11.81 37.32 -31.22
CA LYS E 677 12.27 38.70 -31.18
C LYS E 677 11.47 39.61 -32.11
N LYS E 678 11.02 39.09 -33.23
CA LYS E 678 10.18 39.85 -34.16
C LYS E 678 8.78 40.10 -33.61
N TYR E 679 8.21 39.16 -32.85
CA TYR E 679 6.78 39.20 -32.55
C TYR E 679 6.44 39.48 -31.08
N HIS E 680 7.36 39.25 -30.14
CA HIS E 680 6.96 39.21 -28.74
C HIS E 680 7.84 39.99 -27.77
N ILE E 681 8.71 40.89 -28.25
CA ILE E 681 9.57 41.64 -27.32
C ILE E 681 8.78 42.50 -26.35
N PRO E 682 7.82 43.34 -26.78
CA PRO E 682 7.09 44.16 -25.80
C PRO E 682 6.34 43.33 -24.78
N ILE E 683 5.39 42.50 -25.24
CA ILE E 683 4.65 41.56 -24.39
C ILE E 683 4.45 40.28 -25.16
N MET E 684 4.08 39.22 -24.44
CA MET E 684 3.85 37.90 -25.03
C MET E 684 2.36 37.59 -24.94
N LYS E 685 1.69 37.53 -26.08
CA LYS E 685 0.27 37.20 -26.12
C LYS E 685 -0.09 36.77 -27.54
N LEU E 686 -1.00 35.81 -27.63
CA LEU E 686 -1.48 35.28 -28.90
C LEU E 686 -2.97 35.51 -29.01
N TYR E 687 -3.44 35.77 -30.23
CA TYR E 687 -4.81 36.21 -30.45
C TYR E 687 -5.54 35.21 -31.34
N PRO E 688 -6.75 34.80 -30.98
CA PRO E 688 -7.49 33.84 -31.81
C PRO E 688 -8.03 34.50 -33.07
N THR E 689 -8.39 33.65 -34.04
CA THR E 689 -8.97 34.14 -35.29
C THR E 689 -10.08 33.20 -35.78
N GLY F 323 45.19 14.59 4.40
CA GLY F 323 46.07 13.43 4.34
C GLY F 323 45.34 12.11 4.49
N ASN F 324 44.06 12.09 4.10
CA ASN F 324 43.25 10.89 4.20
C ASN F 324 43.73 9.82 3.23
N LYS F 325 44.28 8.74 3.78
CA LYS F 325 44.74 7.63 2.97
C LYS F 325 43.58 6.92 2.27
N LEU F 326 42.42 6.85 2.91
CA LEU F 326 41.24 6.26 2.29
C LEU F 326 40.75 7.10 1.12
N PHE F 327 40.81 8.43 1.24
CA PHE F 327 40.43 9.29 0.12
C PHE F 327 41.38 9.10 -1.06
N ASN F 328 42.68 8.93 -0.77
CA ASN F 328 43.62 8.64 -1.84
C ASN F 328 43.34 7.28 -2.48
N ILE F 329 42.94 6.30 -1.66
CA ILE F 329 42.52 5.01 -2.20
C ILE F 329 41.35 5.19 -3.17
N ALA F 330 40.35 5.99 -2.75
CA ALA F 330 39.19 6.23 -3.61
C ALA F 330 39.58 6.94 -4.89
N GLN F 331 40.46 7.93 -4.81
CA GLN F 331 40.92 8.64 -6.00
C GLN F 331 41.66 7.71 -6.95
N ARG F 332 42.55 6.88 -6.43
CA ARG F 332 43.28 5.95 -7.29
C ARG F 332 42.34 4.95 -7.94
N ILE F 333 41.37 4.43 -7.20
CA ILE F 333 40.42 3.48 -7.79
C ILE F 333 39.58 4.16 -8.87
N LEU F 334 39.09 5.37 -8.59
CA LEU F 334 38.30 6.10 -9.58
C LEU F 334 39.10 6.48 -10.80
N ASP F 335 40.42 6.62 -10.67
CA ASP F 335 41.26 6.96 -11.82
C ASP F 335 41.27 5.85 -12.87
N THR F 336 41.17 4.59 -12.45
CA THR F 336 41.24 3.46 -13.36
C THR F 336 40.02 3.32 -14.25
N ASN F 337 39.01 4.19 -14.09
CA ASN F 337 37.83 4.19 -14.95
C ASN F 337 37.08 2.86 -14.88
N SER F 338 36.79 2.42 -13.65
CA SER F 338 36.10 1.15 -13.43
C SER F 338 34.65 1.31 -13.02
N VAL F 339 34.33 2.30 -12.20
CA VAL F 339 32.97 2.52 -11.72
C VAL F 339 32.41 3.77 -12.41
N LEU F 340 31.30 3.59 -13.11
CA LEU F 340 30.70 4.64 -13.91
C LEU F 340 29.26 4.87 -13.47
N LEU F 341 28.81 6.11 -13.64
CA LEU F 341 27.43 6.48 -13.37
C LEU F 341 26.69 6.65 -14.69
N THR F 342 25.60 5.92 -14.86
CA THR F 342 24.81 5.98 -16.09
C THR F 342 23.66 6.96 -15.92
N GLU F 343 23.05 7.34 -17.05
CA GLU F 343 21.97 8.31 -17.02
C GLU F 343 20.77 7.77 -16.25
N ARG F 344 20.60 6.45 -16.22
CA ARG F 344 19.47 5.84 -15.53
C ARG F 344 19.62 5.83 -14.00
N GLY F 345 20.63 6.52 -13.46
CA GLY F 345 20.80 6.58 -12.03
C GLY F 345 21.39 5.35 -11.38
N ASP F 346 22.24 4.61 -12.10
CA ASP F 346 22.83 3.37 -11.59
C ASP F 346 24.34 3.43 -11.67
N HIS F 347 24.99 2.60 -10.86
CA HIS F 347 26.45 2.50 -10.84
C HIS F 347 26.86 1.20 -11.49
N ILE F 348 27.52 1.29 -12.64
CA ILE F 348 28.03 0.13 -13.35
C ILE F 348 29.48 -0.09 -12.93
N VAL F 349 29.81 -1.33 -12.57
CA VAL F 349 31.13 -1.69 -12.09
C VAL F 349 31.73 -2.74 -13.01
N TRP F 350 33.06 -2.85 -12.98
CA TRP F 350 33.82 -3.71 -13.89
C TRP F 350 34.50 -4.80 -13.08
N ILE F 351 33.90 -5.99 -13.08
CA ILE F 351 34.43 -7.14 -12.36
C ILE F 351 34.49 -8.33 -13.31
N ASN F 352 35.66 -8.98 -13.37
CA ASN F 352 35.85 -10.23 -14.09
C ASN F 352 35.45 -10.10 -15.56
N ASN F 353 36.05 -9.10 -16.23
CA ASN F 353 35.89 -8.89 -17.67
C ASN F 353 34.43 -8.80 -18.07
N SER F 354 33.66 -7.98 -17.34
CA SER F 354 32.25 -7.77 -17.64
C SER F 354 31.73 -6.50 -16.98
N TRP F 355 30.90 -5.75 -17.70
CA TRP F 355 30.32 -4.51 -17.17
C TRP F 355 29.01 -4.84 -16.46
N LYS F 356 29.15 -5.39 -15.26
CA LYS F 356 28.01 -5.75 -14.45
C LYS F 356 27.33 -4.51 -13.87
N PHE F 357 26.12 -4.71 -13.35
CA PHE F 357 25.38 -3.68 -12.64
C PHE F 357 24.21 -4.34 -11.92
N ASN F 358 23.92 -3.86 -10.71
CA ASN F 358 22.85 -4.42 -9.89
C ASN F 358 22.26 -3.30 -9.04
N SER F 359 21.04 -2.89 -9.39
CA SER F 359 20.37 -1.83 -8.63
C SER F 359 20.03 -2.28 -7.22
N GLU F 360 19.79 -3.58 -7.03
CA GLU F 360 19.42 -4.10 -5.72
C GLU F 360 20.59 -4.03 -4.74
N GLU F 361 21.70 -4.70 -5.06
CA GLU F 361 22.85 -4.72 -4.16
C GLU F 361 24.07 -4.16 -4.88
N PRO F 362 24.61 -3.02 -4.44
CA PRO F 362 25.77 -2.45 -5.12
C PRO F 362 27.00 -3.34 -5.00
N LEU F 363 27.81 -3.34 -6.05
CA LEU F 363 29.03 -4.13 -6.11
C LEU F 363 30.28 -3.29 -5.89
N ILE F 364 30.14 -2.07 -5.39
CA ILE F 364 31.31 -1.20 -5.23
C ILE F 364 32.29 -1.80 -4.24
N THR F 365 31.80 -2.39 -3.15
CA THR F 365 32.69 -3.03 -2.20
C THR F 365 33.40 -4.24 -2.81
N LYS F 366 32.68 -5.05 -3.60
CA LYS F 366 33.30 -6.14 -4.30
C LYS F 366 34.35 -5.63 -5.29
N LEU F 367 34.05 -4.51 -5.95
CA LEU F 367 35.00 -3.90 -6.86
C LEU F 367 36.28 -3.49 -6.13
N ILE F 368 36.13 -2.89 -4.95
CA ILE F 368 37.30 -2.49 -4.17
C ILE F 368 38.10 -3.71 -3.76
N LEU F 369 37.42 -4.75 -3.27
CA LEU F 369 38.11 -5.95 -2.81
C LEU F 369 38.85 -6.63 -3.95
N SER F 370 38.28 -6.63 -5.16
CA SER F 370 38.93 -7.24 -6.30
C SER F 370 40.11 -6.40 -6.79
N ILE F 371 39.95 -5.08 -6.80
CA ILE F 371 41.00 -4.18 -7.26
C ILE F 371 42.16 -4.10 -6.27
N ARG F 372 41.95 -4.50 -5.01
CA ARG F 372 42.95 -4.42 -3.95
C ARG F 372 44.35 -4.84 -4.38
N HIS F 373 44.45 -5.80 -5.30
CA HIS F 373 45.75 -6.32 -5.72
C HIS F 373 46.61 -5.31 -6.46
N GLN F 374 46.00 -4.42 -7.24
CA GLN F 374 46.75 -3.49 -8.09
C GLN F 374 47.15 -2.21 -7.38
N LEU F 375 47.24 -2.21 -6.05
CA LEU F 375 47.60 -1.03 -5.29
C LEU F 375 48.86 -1.28 -4.48
N PRO F 376 49.60 -0.23 -4.12
CA PRO F 376 50.82 -0.42 -3.32
C PRO F 376 50.54 -1.10 -2.00
N LYS F 377 51.60 -1.64 -1.38
CA LYS F 377 51.44 -2.52 -0.24
C LYS F 377 50.80 -1.80 0.94
N GLU F 378 51.23 -0.58 1.23
CA GLU F 378 50.63 0.16 2.35
C GLU F 378 49.18 0.51 2.08
N TYR F 379 48.81 0.68 0.81
CA TYR F 379 47.43 1.00 0.46
C TYR F 379 46.54 -0.25 0.44
N SER F 380 47.09 -1.38 0.03
CA SER F 380 46.31 -2.60 -0.13
C SER F 380 46.06 -3.32 1.19
N SER F 381 46.66 -2.88 2.29
CA SER F 381 46.56 -3.60 3.55
C SER F 381 45.38 -3.16 4.41
N GLU F 382 44.68 -2.09 4.06
CA GLU F 382 43.51 -1.68 4.81
C GLU F 382 42.19 -2.15 4.20
N LEU F 383 42.19 -2.56 2.95
CA LEU F 383 40.96 -2.97 2.29
C LEU F 383 40.42 -4.30 2.82
N LEU F 384 41.02 -4.89 3.86
CA LEU F 384 40.51 -6.13 4.42
C LEU F 384 39.43 -5.90 5.47
N CYS F 385 39.39 -4.72 6.07
CA CYS F 385 38.37 -4.43 7.08
C CYS F 385 37.04 -4.13 6.40
N PRO F 386 35.91 -4.59 6.96
CA PRO F 386 34.62 -4.39 6.28
C PRO F 386 34.05 -2.99 6.38
N ARG F 387 34.69 -2.08 7.11
CA ARG F 387 34.18 -0.72 7.26
C ARG F 387 35.02 0.33 6.56
N LYS F 388 36.33 0.12 6.43
CA LYS F 388 37.14 0.98 5.58
C LYS F 388 36.65 0.92 4.14
N ARG F 389 36.23 -0.26 3.69
CA ARG F 389 35.67 -0.39 2.34
C ARG F 389 34.37 0.39 2.22
N LYS F 390 33.55 0.42 3.27
CA LYS F 390 32.34 1.25 3.23
C LYS F 390 32.68 2.73 3.17
N THR F 391 33.71 3.16 3.90
CA THR F 391 34.13 4.56 3.82
C THR F 391 34.60 4.91 2.41
N VAL F 392 35.40 4.02 1.81
CA VAL F 392 35.88 4.27 0.45
C VAL F 392 34.71 4.27 -0.54
N GLU F 393 33.72 3.40 -0.32
CA GLU F 393 32.53 3.41 -1.16
C GLU F 393 31.79 4.73 -1.05
N ALA F 394 31.67 5.26 0.16
CA ALA F 394 31.02 6.56 0.34
C ALA F 394 31.78 7.64 -0.41
N ASN F 395 33.11 7.65 -0.29
CA ASN F 395 33.91 8.63 -1.01
C ASN F 395 33.72 8.51 -2.52
N ILE F 396 33.73 7.28 -3.03
CA ILE F 396 33.65 7.05 -4.47
C ILE F 396 32.28 7.48 -5.00
N ARG F 397 31.21 7.06 -4.32
CA ARG F 397 29.87 7.43 -4.76
C ARG F 397 29.59 8.91 -4.54
N ASP F 398 30.39 9.59 -3.69
CA ASP F 398 30.26 11.03 -3.57
C ASP F 398 31.07 11.76 -4.64
N MET F 399 32.08 11.10 -5.20
CA MET F 399 32.96 11.74 -6.17
C MET F 399 32.49 11.58 -7.61
N LEU F 400 31.43 10.82 -7.87
CA LEU F 400 30.89 10.65 -9.23
C LEU F 400 29.82 11.72 -9.44
N VAL F 401 30.13 12.68 -10.30
CA VAL F 401 29.24 13.83 -10.50
C VAL F 401 28.44 13.70 -11.80
N ASP F 402 29.08 13.28 -12.89
CA ASP F 402 28.48 13.33 -14.21
C ASP F 402 28.21 11.92 -14.75
N SER F 403 27.17 11.81 -15.56
CA SER F 403 26.79 10.56 -16.19
C SER F 403 27.60 10.33 -17.46
N VAL F 404 27.57 9.08 -17.94
CA VAL F 404 28.30 8.68 -19.12
C VAL F 404 27.35 7.97 -20.08
N GLU F 405 27.69 8.00 -21.37
CA GLU F 405 26.89 7.37 -22.41
C GLU F 405 27.46 5.99 -22.70
N THR F 406 26.62 4.96 -22.59
CA THR F 406 27.03 3.58 -22.83
C THR F 406 26.31 3.01 -24.05
N ASP F 407 26.83 1.89 -24.55
CA ASP F 407 26.26 1.18 -25.70
C ASP F 407 26.15 2.10 -26.92
N THR F 408 27.23 2.83 -27.18
CA THR F 408 27.28 3.77 -28.28
C THR F 408 27.87 3.18 -29.55
N TYR F 409 28.55 2.04 -29.47
CA TYR F 409 29.19 1.45 -30.64
C TYR F 409 28.31 0.36 -31.21
N PRO F 410 27.83 0.51 -32.46
CA PRO F 410 26.88 -0.48 -33.00
C PRO F 410 27.54 -1.68 -33.66
N ASP F 411 28.80 -1.55 -34.05
CA ASP F 411 29.48 -2.57 -34.84
C ASP F 411 30.24 -3.57 -33.98
N LYS F 412 29.83 -3.77 -32.73
CA LYS F 412 30.49 -4.70 -31.83
C LYS F 412 29.46 -5.67 -31.25
N LEU F 413 29.85 -6.93 -31.15
CA LEU F 413 28.96 -7.98 -30.65
C LEU F 413 29.47 -8.50 -29.31
N PRO F 414 28.68 -8.44 -28.24
CA PRO F 414 29.22 -8.78 -26.92
C PRO F 414 29.30 -10.27 -26.63
N PHE F 415 30.14 -10.64 -25.67
CA PHE F 415 30.23 -11.99 -25.12
C PHE F 415 30.49 -11.88 -23.62
N LYS F 416 30.64 -13.03 -22.96
CA LYS F 416 30.89 -13.02 -21.53
C LYS F 416 32.36 -12.90 -21.18
N ASN F 417 33.26 -12.94 -22.17
CA ASN F 417 34.68 -12.76 -21.89
C ASN F 417 35.33 -11.86 -22.94
N GLY F 418 34.55 -11.02 -23.60
CA GLY F 418 35.10 -10.11 -24.59
C GLY F 418 34.03 -9.70 -25.57
N VAL F 419 34.47 -9.02 -26.64
CA VAL F 419 33.60 -8.55 -27.70
C VAL F 419 34.18 -8.95 -29.04
N LEU F 420 33.34 -8.88 -30.08
CA LEU F 420 33.71 -9.20 -31.43
C LEU F 420 33.58 -7.95 -32.30
N ASP F 421 34.65 -7.58 -32.99
CA ASP F 421 34.63 -6.49 -33.95
C ASP F 421 34.43 -7.10 -35.34
N LEU F 422 33.40 -6.64 -36.04
CA LEU F 422 32.89 -7.33 -37.22
C LEU F 422 33.53 -6.84 -38.52
N VAL F 423 33.68 -5.53 -38.70
CA VAL F 423 34.20 -5.00 -39.96
C VAL F 423 35.62 -5.51 -40.21
N ASP F 424 36.41 -5.62 -39.15
CA ASP F 424 37.69 -6.31 -39.20
C ASP F 424 37.62 -7.73 -38.65
N GLY F 425 36.74 -8.00 -37.70
CA GLY F 425 36.40 -9.37 -37.33
C GLY F 425 37.38 -10.09 -36.42
N MET F 426 37.75 -9.48 -35.29
CA MET F 426 38.53 -10.18 -34.27
C MET F 426 37.96 -9.95 -32.88
N PHE F 427 38.41 -10.78 -31.94
CA PHE F 427 37.85 -10.87 -30.60
C PHE F 427 38.76 -10.17 -29.61
N TYR F 428 38.18 -9.27 -28.81
CA TYR F 428 38.91 -8.51 -27.80
C TYR F 428 38.49 -8.98 -26.42
N SER F 429 39.44 -8.97 -25.48
CA SER F 429 39.18 -9.34 -24.09
C SER F 429 39.94 -8.40 -23.17
N GLY F 430 39.48 -8.33 -21.92
CA GLY F 430 40.12 -7.55 -20.88
C GLY F 430 40.10 -6.04 -21.16
N ASP F 431 41.18 -5.38 -20.77
CA ASP F 431 41.28 -3.92 -21.01
C ASP F 431 41.10 -3.67 -22.51
N ASP F 432 41.71 -4.51 -23.35
CA ASP F 432 41.59 -4.29 -24.79
C ASP F 432 40.14 -4.14 -25.23
N ALA F 433 39.19 -4.72 -24.47
CA ALA F 433 37.77 -4.42 -24.65
C ALA F 433 37.22 -3.96 -23.30
N LYS F 434 37.44 -2.70 -22.98
CA LYS F 434 36.79 -2.03 -21.85
C LYS F 434 36.19 -0.69 -22.26
N LYS F 435 36.84 0.04 -23.16
CA LYS F 435 36.28 1.28 -23.69
C LYS F 435 34.96 1.00 -24.40
N TYR F 436 34.78 -0.23 -24.88
CA TYR F 436 33.52 -0.64 -25.48
C TYR F 436 32.49 -0.86 -24.38
N THR F 437 31.91 0.23 -23.88
CA THR F 437 31.02 0.15 -22.71
C THR F 437 29.68 -0.40 -23.15
N CYS F 438 29.54 -1.72 -23.14
CA CYS F 438 28.29 -2.40 -23.46
C CYS F 438 27.92 -3.25 -22.25
N THR F 439 26.68 -3.10 -21.78
CA THR F 439 26.25 -3.77 -20.57
C THR F 439 25.59 -5.12 -20.82
N VAL F 440 24.83 -5.27 -21.90
CA VAL F 440 24.15 -6.52 -22.21
C VAL F 440 25.13 -7.46 -22.89
N SER F 441 24.88 -8.76 -22.76
CA SER F 441 25.79 -9.77 -23.29
C SER F 441 24.97 -10.78 -24.09
N THR F 442 25.62 -11.87 -24.49
CA THR F 442 24.98 -12.92 -25.29
C THR F 442 24.57 -14.13 -24.49
N GLY F 443 25.27 -14.45 -23.40
CA GLY F 443 24.92 -15.57 -22.55
C GLY F 443 25.82 -16.79 -22.69
N PHE F 444 26.87 -16.75 -23.51
CA PHE F 444 27.79 -17.86 -23.61
C PHE F 444 29.18 -17.31 -23.89
N LYS F 445 30.19 -18.05 -23.45
CA LYS F 445 31.57 -17.61 -23.60
C LYS F 445 32.01 -17.74 -25.05
N PHE F 446 33.22 -17.27 -25.34
CA PHE F 446 33.78 -17.29 -26.69
C PHE F 446 35.12 -18.00 -26.66
N ASP F 447 35.25 -19.06 -27.46
CA ASP F 447 36.50 -19.79 -27.62
C ASP F 447 36.70 -19.96 -29.13
N ASP F 448 37.78 -19.39 -29.65
CA ASP F 448 37.94 -19.17 -31.08
C ASP F 448 38.46 -20.37 -31.84
N THR F 449 38.81 -21.48 -31.18
CA THR F 449 39.36 -22.61 -31.92
C THR F 449 38.31 -23.29 -32.79
N LYS F 450 37.02 -23.14 -32.45
CA LYS F 450 35.93 -23.69 -33.23
C LYS F 450 35.20 -22.63 -34.04
N PHE F 451 35.76 -21.42 -34.13
CA PHE F 451 35.17 -20.32 -34.88
C PHE F 451 35.86 -20.19 -36.24
N VAL F 452 36.24 -21.32 -36.83
CA VAL F 452 36.91 -21.37 -38.11
C VAL F 452 36.13 -22.32 -39.01
N GLU F 453 36.20 -22.07 -40.33
CA GLU F 453 35.39 -22.83 -41.28
C GLU F 453 35.74 -24.31 -41.28
N ASP F 454 36.97 -24.69 -40.95
CA ASP F 454 37.41 -26.07 -41.11
C ASP F 454 36.79 -26.95 -40.03
N SER F 455 35.58 -27.42 -40.31
CA SER F 455 34.84 -28.30 -39.41
C SER F 455 33.75 -29.02 -40.20
N PRO F 456 33.36 -30.24 -39.80
CA PRO F 456 32.20 -30.89 -40.42
C PRO F 456 30.90 -30.18 -40.08
N GLU F 457 30.88 -29.55 -38.90
CA GLU F 457 29.65 -28.94 -38.41
C GLU F 457 29.17 -27.83 -39.32
N MET F 458 30.09 -27.01 -39.86
CA MET F 458 29.66 -26.00 -40.83
C MET F 458 29.12 -26.64 -42.10
N GLU F 459 29.69 -27.78 -42.51
CA GLU F 459 29.14 -28.50 -43.66
C GLU F 459 27.68 -28.84 -43.42
N GLU F 460 27.38 -29.42 -42.25
CA GLU F 460 26.00 -29.75 -41.91
C GLU F 460 25.15 -28.49 -41.86
N LEU F 461 25.67 -27.42 -41.29
CA LEU F 461 24.87 -26.22 -41.07
C LEU F 461 24.49 -25.54 -42.38
N MET F 462 25.46 -25.33 -43.29
CA MET F 462 25.09 -24.68 -44.54
C MET F 462 24.31 -25.64 -45.42
N ASN F 463 24.48 -26.94 -45.23
CA ASN F 463 23.61 -27.89 -45.92
C ASN F 463 22.15 -27.70 -45.47
N ILE F 464 21.94 -27.57 -44.17
CA ILE F 464 20.59 -27.30 -43.64
C ILE F 464 20.08 -25.96 -44.18
N ILE F 465 20.96 -24.96 -44.24
CA ILE F 465 20.56 -23.64 -44.74
C ILE F 465 20.11 -23.74 -46.19
N ASN F 466 20.86 -24.46 -47.01
CA ASN F 466 20.50 -24.58 -48.42
C ASN F 466 19.25 -25.41 -48.63
N ASP F 467 18.98 -26.39 -47.77
CA ASP F 467 17.69 -27.07 -47.87
C ASP F 467 16.54 -26.15 -47.46
N ILE F 468 16.70 -25.37 -46.39
CA ILE F 468 15.61 -24.50 -45.98
C ILE F 468 15.48 -23.29 -46.90
N GLN F 469 16.58 -22.89 -47.53
CA GLN F 469 16.57 -21.82 -48.54
C GLN F 469 17.52 -22.20 -49.67
N PRO F 470 17.00 -22.64 -50.82
CA PRO F 470 17.90 -23.09 -51.90
C PRO F 470 18.80 -21.97 -52.39
N LEU F 471 20.05 -22.31 -52.67
CA LEU F 471 21.02 -21.37 -53.21
C LEU F 471 20.98 -21.45 -54.73
N THR F 472 19.90 -20.91 -55.29
CA THR F 472 19.66 -20.98 -56.73
C THR F 472 19.37 -19.60 -57.30
N ASP F 473 19.05 -19.54 -58.60
CA ASP F 473 18.73 -18.28 -59.25
C ASP F 473 17.25 -17.91 -59.15
N GLU F 474 16.35 -18.90 -59.16
CA GLU F 474 14.93 -18.60 -58.99
C GLU F 474 14.64 -18.10 -57.59
N ASN F 475 15.51 -18.40 -56.63
CA ASN F 475 15.35 -17.92 -55.26
C ASN F 475 16.56 -17.10 -54.85
N LYS F 476 17.10 -16.31 -55.78
CA LYS F 476 18.29 -15.52 -55.49
C LYS F 476 17.95 -14.29 -54.66
N LYS F 477 16.92 -13.54 -55.09
CA LYS F 477 16.54 -12.32 -54.38
C LYS F 477 16.05 -12.64 -52.97
N ASN F 478 15.23 -13.68 -52.83
CA ASN F 478 14.76 -14.08 -51.51
C ASN F 478 15.91 -14.51 -50.61
N ARG F 479 16.84 -15.28 -51.16
CA ARG F 479 17.98 -15.73 -50.37
C ARG F 479 18.85 -14.57 -49.92
N GLU F 480 19.11 -13.62 -50.82
CA GLU F 480 19.96 -12.48 -50.45
C GLU F 480 19.26 -11.57 -49.44
N LEU F 481 17.95 -11.36 -49.59
CA LEU F 481 17.22 -10.57 -48.60
C LEU F 481 17.20 -11.26 -47.24
N TYR F 482 17.05 -12.59 -47.23
CA TYR F 482 17.16 -13.35 -45.99
C TYR F 482 18.53 -13.17 -45.36
N GLU F 483 19.58 -13.24 -46.17
CA GLU F 483 20.94 -13.09 -45.65
C GLU F 483 21.15 -11.72 -45.03
N LYS F 484 20.73 -10.66 -45.72
CA LYS F 484 20.88 -9.31 -45.19
C LYS F 484 20.06 -9.12 -43.92
N THR F 485 18.83 -9.64 -43.91
CA THR F 485 17.97 -9.47 -42.75
C THR F 485 18.55 -10.16 -41.53
N LEU F 486 19.06 -11.39 -41.70
CA LEU F 486 19.61 -12.10 -40.56
C LEU F 486 20.96 -11.53 -40.14
N SER F 487 21.71 -10.95 -41.07
CA SER F 487 22.94 -10.25 -40.71
C SER F 487 22.68 -8.95 -39.99
N SER F 488 21.55 -8.29 -40.26
CA SER F 488 21.24 -7.03 -39.61
C SER F 488 21.02 -7.18 -38.11
N CYS F 489 20.75 -8.39 -37.64
CA CYS F 489 20.51 -8.61 -36.21
C CYS F 489 21.75 -8.38 -35.36
N LEU F 490 22.95 -8.33 -35.95
CA LEU F 490 24.17 -8.08 -35.21
C LEU F 490 24.49 -6.60 -35.01
N CYS F 491 23.80 -5.71 -35.72
CA CYS F 491 24.07 -4.28 -35.60
C CYS F 491 23.53 -3.77 -34.27
N GLY F 492 24.38 -3.09 -33.51
CA GLY F 492 23.97 -2.53 -32.24
C GLY F 492 23.42 -1.12 -32.35
N ALA F 493 22.45 -0.94 -33.25
CA ALA F 493 21.84 0.38 -33.43
C ALA F 493 20.37 0.24 -33.80
N THR F 494 19.73 1.37 -34.10
CA THR F 494 18.32 1.37 -34.45
C THR F 494 18.11 1.00 -35.90
N LYS F 495 17.13 0.14 -36.14
CA LYS F 495 16.80 -0.35 -37.47
C LYS F 495 15.44 0.18 -37.89
N GLY F 496 15.36 0.64 -39.14
CA GLY F 496 14.16 1.32 -39.59
C GLY F 496 13.39 0.59 -40.67
N CYS F 497 13.25 -0.73 -40.55
CA CYS F 497 12.49 -1.50 -41.52
C CYS F 497 11.93 -2.76 -40.85
N LEU F 498 10.63 -2.98 -41.02
CA LEU F 498 9.97 -4.17 -40.50
C LEU F 498 10.18 -5.32 -41.47
N THR F 499 10.30 -6.54 -40.94
CA THR F 499 10.44 -7.72 -41.79
C THR F 499 9.39 -8.76 -41.40
N PHE F 500 8.89 -9.48 -42.41
CA PHE F 500 7.99 -10.61 -42.20
C PHE F 500 8.57 -11.88 -42.81
N PHE F 501 8.53 -12.96 -42.04
CA PHE F 501 8.72 -14.32 -42.57
C PHE F 501 7.35 -14.90 -42.88
N PHE F 502 7.00 -14.94 -44.16
CA PHE F 502 5.73 -15.48 -44.61
C PHE F 502 5.97 -16.85 -45.24
N GLY F 503 5.18 -17.84 -44.84
CA GLY F 503 5.36 -19.19 -45.33
C GLY F 503 4.24 -20.08 -44.85
N GLU F 504 4.48 -21.38 -44.95
CA GLU F 504 3.51 -22.39 -44.57
C GLU F 504 3.94 -23.05 -43.26
N THR F 505 3.17 -24.04 -42.82
CA THR F 505 3.47 -24.74 -41.57
C THR F 505 4.72 -25.58 -41.73
N ALA F 506 5.57 -25.56 -40.70
CA ALA F 506 6.80 -26.35 -40.63
C ALA F 506 7.68 -26.13 -41.87
N THR F 507 7.82 -24.85 -42.22
CA THR F 507 8.59 -24.43 -43.37
C THR F 507 9.88 -23.71 -42.97
N GLY F 508 10.40 -24.02 -41.77
CA GLY F 508 11.68 -23.50 -41.33
C GLY F 508 11.60 -22.36 -40.34
N LYS F 509 10.42 -21.81 -40.08
CA LYS F 509 10.28 -20.71 -39.13
C LYS F 509 10.78 -21.10 -37.74
N SER F 510 10.32 -22.23 -37.23
CA SER F 510 10.83 -22.72 -35.95
C SER F 510 12.31 -23.02 -36.02
N THR F 511 12.75 -23.66 -37.10
CA THR F 511 14.17 -23.94 -37.26
C THR F 511 14.99 -22.66 -37.29
N THR F 512 14.52 -21.65 -38.03
CA THR F 512 15.27 -20.40 -38.12
C THR F 512 15.32 -19.67 -36.79
N LYS F 513 14.20 -19.59 -36.08
CA LYS F 513 14.21 -18.89 -34.79
C LYS F 513 15.12 -19.61 -33.80
N ARG F 514 15.11 -20.95 -33.81
CA ARG F 514 15.97 -21.69 -32.88
C ARG F 514 17.43 -21.56 -33.26
N LEU F 515 17.74 -21.57 -34.56
CA LEU F 515 19.12 -21.33 -35.00
C LEU F 515 19.60 -19.96 -34.55
N LEU F 516 18.74 -18.93 -34.69
CA LEU F 516 19.13 -17.60 -34.26
C LEU F 516 19.36 -17.56 -32.76
N LYS F 517 18.40 -18.03 -31.96
CA LYS F 517 18.53 -17.92 -30.51
C LYS F 517 19.67 -18.80 -29.99
N SER F 518 20.05 -19.83 -30.73
CA SER F 518 21.25 -20.57 -30.37
C SER F 518 22.51 -19.81 -30.77
N ALA F 519 22.44 -19.02 -31.84
CA ALA F 519 23.61 -18.29 -32.32
C ALA F 519 23.96 -17.12 -31.41
N ILE F 520 22.98 -16.31 -31.04
CA ILE F 520 23.22 -15.10 -30.27
C ILE F 520 22.86 -15.27 -28.80
N GLY F 521 21.73 -15.91 -28.49
CA GLY F 521 21.43 -16.23 -27.12
C GLY F 521 20.63 -15.20 -26.36
N ASP F 522 21.21 -14.65 -25.28
CA ASP F 522 20.49 -13.68 -24.46
C ASP F 522 20.21 -12.40 -25.23
N LEU F 523 20.96 -12.13 -26.30
CA LEU F 523 20.68 -10.98 -27.15
C LEU F 523 19.48 -11.27 -28.04
N PHE F 524 18.38 -11.70 -27.42
CA PHE F 524 17.21 -12.17 -28.15
C PHE F 524 16.04 -12.32 -27.17
N VAL F 525 14.88 -11.77 -27.53
CA VAL F 525 13.67 -11.90 -26.73
C VAL F 525 12.52 -12.24 -27.68
N GLU F 526 11.72 -13.23 -27.30
CA GLU F 526 10.59 -13.65 -28.11
C GLU F 526 9.29 -13.20 -27.46
N THR F 527 8.50 -12.44 -28.22
CA THR F 527 7.26 -11.87 -27.70
C THR F 527 6.06 -12.41 -28.46
N GLY F 528 4.87 -11.87 -28.17
CA GLY F 528 3.64 -12.33 -28.78
C GLY F 528 2.96 -11.27 -29.61
N GLN F 529 1.68 -11.54 -29.91
CA GLN F 529 0.86 -10.68 -30.73
C GLN F 529 0.61 -9.32 -30.09
N THR F 530 0.74 -9.21 -28.77
CA THR F 530 0.30 -8.00 -28.06
C THR F 530 1.02 -6.75 -28.54
N ILE F 531 2.22 -6.89 -29.11
CA ILE F 531 3.01 -5.73 -29.51
C ILE F 531 2.42 -5.08 -30.75
N LEU F 532 1.48 -5.76 -31.40
CA LEU F 532 0.90 -5.29 -32.65
C LEU F 532 -0.60 -5.02 -32.54
N THR F 533 -1.15 -4.99 -31.33
CA THR F 533 -2.58 -4.77 -31.14
C THR F 533 -2.93 -3.74 -30.09
N ASP F 534 -2.03 -3.40 -29.17
CA ASP F 534 -2.32 -2.48 -28.08
C ASP F 534 -1.35 -1.31 -28.09
N VAL F 535 -1.79 -0.20 -27.51
CA VAL F 535 -0.94 0.97 -27.36
C VAL F 535 0.20 0.65 -26.41
N LEU F 536 1.39 1.11 -26.76
CA LEU F 536 2.63 0.74 -26.08
C LEU F 536 2.91 1.59 -24.85
N ASP F 537 1.92 2.34 -24.34
CA ASP F 537 2.17 3.18 -23.18
C ASP F 537 1.00 3.16 -22.20
N LYS F 538 0.28 2.04 -22.11
CA LYS F 538 -0.81 1.88 -21.15
C LYS F 538 -0.48 0.74 -20.21
N GLY F 539 -0.71 0.96 -18.91
CA GLY F 539 -0.49 -0.05 -17.91
C GLY F 539 0.96 -0.48 -17.77
N PRO F 540 1.24 -1.34 -16.78
CA PRO F 540 2.59 -1.90 -16.67
C PRO F 540 2.84 -2.90 -17.79
N ASN F 541 3.67 -2.51 -18.75
CA ASN F 541 3.97 -3.36 -19.88
C ASN F 541 5.48 -3.56 -20.02
N PRO F 542 6.01 -4.72 -19.66
CA PRO F 542 7.44 -4.96 -19.84
C PRO F 542 7.84 -5.24 -21.28
N PHE F 543 6.89 -5.53 -22.17
CA PHE F 543 7.23 -5.83 -23.55
C PHE F 543 7.90 -4.67 -24.26
N ILE F 544 7.74 -3.46 -23.75
CA ILE F 544 8.48 -2.30 -24.27
C ILE F 544 9.80 -2.21 -23.52
N ALA F 545 9.80 -2.68 -22.27
CA ALA F 545 10.99 -2.63 -21.44
C ALA F 545 11.89 -3.85 -21.62
N ASN F 546 11.32 -5.01 -21.97
CA ASN F 546 12.14 -6.18 -22.24
C ASN F 546 12.91 -6.08 -23.55
N MET F 547 12.55 -5.13 -24.42
CA MET F 547 13.25 -4.85 -25.65
C MET F 547 14.53 -4.04 -25.43
N HIS F 548 14.70 -3.49 -24.23
CA HIS F 548 15.80 -2.58 -23.90
C HIS F 548 17.16 -3.21 -24.14
N LEU F 549 17.89 -2.68 -25.13
CA LEU F 549 19.20 -3.15 -25.61
C LEU F 549 19.20 -4.60 -26.07
N LYS F 550 18.11 -5.08 -26.66
CA LYS F 550 18.14 -6.39 -27.31
C LYS F 550 18.26 -6.21 -28.81
N ARG F 551 19.13 -7.01 -29.43
CA ARG F 551 19.45 -6.87 -30.84
C ARG F 551 18.60 -7.76 -31.73
N SER F 552 17.60 -8.43 -31.17
CA SER F 552 16.72 -9.28 -31.96
C SER F 552 15.42 -9.50 -31.19
N VAL F 553 14.31 -9.28 -31.89
CA VAL F 553 12.97 -9.52 -31.34
C VAL F 553 12.20 -10.30 -32.40
N PHE F 554 11.74 -11.51 -32.05
CA PHE F 554 10.98 -12.35 -32.96
C PHE F 554 9.53 -12.37 -32.47
N CYS F 555 8.62 -11.90 -33.32
CA CYS F 555 7.20 -11.85 -32.97
C CYS F 555 6.48 -13.00 -33.66
N SER F 556 6.00 -13.95 -32.86
CA SER F 556 5.26 -15.10 -33.36
C SER F 556 3.80 -15.00 -32.93
N GLU F 557 3.04 -16.04 -33.23
CA GLU F 557 1.61 -16.12 -32.89
C GLU F 557 0.83 -14.95 -33.48
N ARG F 570 -1.82 -2.76 -36.46
CA ARG F 570 -1.92 -1.32 -36.26
C ARG F 570 -0.79 -0.58 -36.97
N SER F 571 -1.14 0.38 -37.83
CA SER F 571 -0.14 1.19 -38.51
C SER F 571 0.65 2.05 -37.54
N ASP F 572 0.00 2.57 -36.50
CA ASP F 572 0.70 3.38 -35.51
C ASP F 572 1.79 2.57 -34.81
N ASN F 573 1.51 1.31 -34.49
CA ASN F 573 2.54 0.44 -33.92
C ASN F 573 3.70 0.25 -34.90
N ILE F 574 3.37 0.08 -36.18
CA ILE F 574 4.40 -0.09 -37.21
C ILE F 574 5.31 1.12 -37.27
N LYS F 575 4.74 2.33 -37.26
CA LYS F 575 5.56 3.53 -37.24
C LYS F 575 6.27 3.74 -35.91
N LYS F 576 5.76 3.16 -34.82
CA LYS F 576 6.39 3.27 -33.51
C LYS F 576 7.64 2.41 -33.40
N LEU F 577 7.59 1.16 -33.87
CA LEU F 577 8.72 0.25 -33.68
C LEU F 577 9.97 0.68 -34.44
N THR F 578 9.84 1.60 -35.40
CA THR F 578 10.97 2.04 -36.21
C THR F 578 11.56 3.36 -35.73
N GLU F 579 11.48 3.65 -34.44
CA GLU F 579 12.06 4.86 -33.86
C GLU F 579 13.27 4.52 -33.00
N PRO F 580 14.20 5.46 -32.83
CA PRO F 580 15.40 5.17 -32.03
C PRO F 580 15.11 4.88 -30.56
N CYS F 581 13.96 5.28 -30.04
CA CYS F 581 13.62 5.02 -28.65
C CYS F 581 12.13 4.76 -28.48
N ASN F 596 16.63 1.23 -28.35
CA ASN F 596 15.96 0.40 -29.34
C ASN F 596 16.94 -0.12 -30.38
N HIS F 597 17.53 -1.28 -30.11
CA HIS F 597 18.50 -1.90 -31.01
C HIS F 597 17.93 -3.16 -31.66
N ALA F 598 16.61 -3.31 -31.69
CA ALA F 598 15.98 -4.55 -32.10
C ALA F 598 15.67 -4.55 -33.60
N THR F 599 16.10 -5.60 -34.28
CA THR F 599 15.67 -5.87 -35.65
C THR F 599 14.30 -6.53 -35.59
N ILE F 600 13.28 -5.85 -36.09
CA ILE F 600 11.89 -6.28 -35.88
C ILE F 600 11.48 -7.19 -37.04
N ILE F 601 11.18 -8.43 -36.68
CA ILE F 601 10.85 -9.50 -37.61
C ILE F 601 9.68 -10.27 -37.01
N ILE F 602 8.63 -10.45 -37.82
CA ILE F 602 7.44 -11.18 -37.39
C ILE F 602 7.24 -12.37 -38.33
N ASP F 603 7.05 -13.55 -37.77
CA ASP F 603 6.76 -14.73 -38.58
C ASP F 603 5.26 -14.87 -38.76
N THR F 604 4.83 -15.05 -40.01
CA THR F 604 3.42 -15.10 -40.35
C THR F 604 3.11 -16.43 -41.04
N ASN F 605 1.83 -16.81 -40.99
CA ASN F 605 1.33 -17.99 -41.69
C ASN F 605 0.33 -17.67 -42.78
N TYR F 606 -0.32 -16.49 -42.73
CA TYR F 606 -1.29 -16.06 -43.71
C TYR F 606 -0.95 -14.65 -44.18
N LYS F 607 -1.69 -14.17 -45.17
CA LYS F 607 -1.45 -12.84 -45.72
C LYS F 607 -1.91 -11.78 -44.71
N PRO F 608 -1.06 -10.81 -44.37
CA PRO F 608 -1.41 -9.84 -43.34
C PRO F 608 -2.41 -8.79 -43.81
N VAL F 609 -3.03 -8.13 -42.83
CA VAL F 609 -3.95 -7.04 -43.06
C VAL F 609 -3.61 -5.90 -42.09
N PHE F 610 -3.57 -4.68 -42.61
CA PHE F 610 -3.21 -3.51 -41.82
C PHE F 610 -4.42 -2.65 -41.55
N ASP F 611 -4.31 -1.80 -40.53
CA ASP F 611 -5.39 -0.85 -40.21
C ASP F 611 -5.61 0.12 -41.36
N ARG F 612 -4.54 0.66 -41.92
CA ARG F 612 -4.62 1.51 -43.10
C ARG F 612 -3.44 1.22 -44.00
N ILE F 613 -3.63 1.45 -45.29
CA ILE F 613 -2.61 1.21 -46.30
C ILE F 613 -2.35 2.51 -47.04
N ASP F 614 -1.08 2.94 -47.06
CA ASP F 614 -0.69 4.17 -47.73
C ASP F 614 0.79 4.07 -48.06
N ASN F 615 1.35 5.16 -48.60
CA ASN F 615 2.77 5.17 -48.95
C ASN F 615 3.66 5.42 -47.73
N ALA F 616 3.07 5.89 -46.62
CA ALA F 616 3.88 6.19 -45.44
C ALA F 616 4.50 4.94 -44.84
N LEU F 617 3.76 3.84 -44.77
CA LEU F 617 4.26 2.60 -44.17
C LEU F 617 4.84 1.64 -45.20
N MET F 618 4.57 1.85 -46.48
CA MET F 618 5.11 1.00 -47.54
C MET F 618 6.62 1.18 -47.72
N ARG F 619 7.19 2.27 -47.21
CA ARG F 619 8.61 2.55 -47.31
C ARG F 619 9.39 1.94 -46.14
N ARG F 620 8.70 1.19 -45.27
CA ARG F 620 9.33 0.50 -44.17
C ARG F 620 8.98 -0.98 -44.10
N ILE F 621 8.46 -1.57 -45.16
CA ILE F 621 7.87 -2.91 -45.13
C ILE F 621 8.64 -3.79 -46.09
N ALA F 622 9.13 -4.94 -45.59
CA ALA F 622 9.79 -5.95 -46.39
C ALA F 622 9.27 -7.33 -46.00
N VAL F 623 9.35 -8.27 -46.93
CA VAL F 623 8.80 -9.60 -46.73
C VAL F 623 9.67 -10.61 -47.49
N VAL F 624 9.69 -11.85 -46.98
CA VAL F 624 10.33 -12.97 -47.65
C VAL F 624 9.36 -14.15 -47.63
N ARG F 625 9.60 -15.11 -48.52
CA ARG F 625 8.73 -16.27 -48.67
C ARG F 625 9.53 -17.55 -48.50
N PHE F 626 8.95 -18.50 -47.77
CA PHE F 626 9.54 -19.82 -47.55
C PHE F 626 8.66 -20.84 -48.26
N ARG F 627 9.28 -21.76 -49.00
CA ARG F 627 8.54 -22.71 -49.81
C ARG F 627 9.08 -24.14 -49.65
N THR F 628 9.87 -24.39 -48.61
CA THR F 628 10.40 -25.73 -48.38
C THR F 628 10.08 -26.21 -46.97
N LEU F 655 18.07 -33.47 -35.53
CA LEU F 655 18.40 -32.08 -35.83
C LEU F 655 18.18 -31.19 -34.61
N ASP F 656 16.94 -31.15 -34.14
CA ASP F 656 16.55 -30.31 -33.01
C ASP F 656 17.21 -30.71 -31.70
N GLY F 657 17.60 -31.98 -31.55
CA GLY F 657 18.21 -32.44 -30.32
C GLY F 657 19.49 -31.72 -29.98
N LYS F 658 20.39 -31.59 -30.95
CA LYS F 658 21.63 -30.86 -30.75
C LYS F 658 21.48 -29.39 -31.15
N ILE F 659 20.41 -28.75 -30.66
CA ILE F 659 20.25 -27.30 -30.71
C ILE F 659 20.17 -26.71 -29.31
N GLN F 660 19.40 -27.35 -28.43
CA GLN F 660 19.48 -27.02 -27.00
C GLN F 660 20.85 -27.36 -26.44
N ASN F 661 21.48 -28.41 -26.97
CA ASN F 661 22.89 -28.65 -26.70
C ASN F 661 23.78 -27.55 -27.26
N ASN F 662 23.30 -26.85 -28.30
CA ASN F 662 23.96 -25.66 -28.85
C ASN F 662 25.30 -26.01 -29.49
N ARG F 663 25.34 -27.11 -30.25
CA ARG F 663 26.52 -27.39 -31.04
C ARG F 663 26.56 -26.57 -32.32
N TYR F 664 25.39 -26.14 -32.81
CA TYR F 664 25.31 -25.28 -33.99
C TYR F 664 25.22 -23.82 -33.57
N ARG F 665 26.24 -23.36 -32.85
CA ARG F 665 26.25 -22.02 -32.28
C ARG F 665 27.31 -21.14 -32.94
N PHE F 666 28.58 -21.57 -32.95
CA PHE F 666 29.64 -20.71 -33.48
C PHE F 666 29.67 -20.71 -35.00
N ALA F 667 29.31 -21.82 -35.64
CA ALA F 667 29.34 -21.87 -37.10
C ALA F 667 28.34 -20.91 -37.71
N PHE F 668 27.11 -20.89 -37.19
CA PHE F 668 26.10 -19.97 -37.69
C PHE F 668 26.51 -18.53 -37.44
N LEU F 669 27.17 -18.28 -36.31
CA LEU F 669 27.72 -16.94 -36.05
C LEU F 669 28.77 -16.57 -37.09
N TYR F 670 29.61 -17.53 -37.47
CA TYR F 670 30.61 -17.26 -38.51
C TYR F 670 29.95 -16.93 -39.84
N LEU F 671 28.91 -17.68 -40.21
CA LEU F 671 28.18 -17.38 -41.43
C LEU F 671 27.54 -15.99 -41.38
N LEU F 672 26.94 -15.65 -40.24
CA LEU F 672 26.33 -14.33 -40.10
C LEU F 672 27.38 -13.22 -40.17
N VAL F 673 28.55 -13.45 -39.58
CA VAL F 673 29.63 -12.47 -39.65
C VAL F 673 30.10 -12.30 -41.10
N LYS F 674 30.21 -13.42 -41.82
CA LYS F 674 30.60 -13.35 -43.23
C LYS F 674 29.58 -12.58 -44.04
N TRP F 675 28.29 -12.81 -43.79
CA TRP F 675 27.26 -12.05 -44.50
C TRP F 675 27.29 -10.57 -44.14
N TYR F 676 27.55 -10.25 -42.87
CA TYR F 676 27.67 -8.85 -42.45
C TYR F 676 28.83 -8.17 -43.16
N LYS F 677 29.96 -8.86 -43.26
CA LYS F 677 31.08 -8.37 -44.05
C LYS F 677 30.74 -8.24 -45.53
N LYS F 678 29.89 -9.12 -46.04
CA LYS F 678 29.48 -9.08 -47.44
C LYS F 678 28.56 -7.90 -47.75
N TYR F 679 27.69 -7.50 -46.82
CA TYR F 679 26.67 -6.53 -47.12
C TYR F 679 26.73 -5.24 -46.32
N HIS F 680 27.07 -5.28 -45.02
CA HIS F 680 26.81 -4.15 -44.14
C HIS F 680 28.07 -3.54 -43.54
N ILE F 681 29.18 -3.50 -44.29
CA ILE F 681 30.36 -2.78 -43.82
C ILE F 681 30.20 -1.28 -44.02
N PRO F 682 29.97 -0.78 -45.27
CA PRO F 682 29.96 0.69 -45.45
C PRO F 682 28.81 1.39 -44.74
N ILE F 683 27.58 0.93 -44.96
CA ILE F 683 26.40 1.55 -44.39
C ILE F 683 25.41 0.45 -44.01
N MET F 684 24.81 0.58 -42.83
CA MET F 684 23.74 -0.32 -42.42
C MET F 684 22.39 0.34 -42.69
N LYS F 685 21.60 -0.27 -43.58
CA LYS F 685 20.30 0.28 -43.95
C LYS F 685 19.48 -0.76 -44.71
N LEU F 686 18.23 -0.96 -44.31
CA LEU F 686 17.36 -1.98 -44.90
C LEU F 686 16.36 -1.32 -45.83
N TYR F 687 16.26 -1.83 -47.06
CA TYR F 687 15.36 -1.26 -48.06
C TYR F 687 14.03 -2.00 -48.05
N PRO F 688 12.90 -1.30 -48.15
CA PRO F 688 11.61 -1.97 -48.23
C PRO F 688 11.45 -2.70 -49.57
N THR F 689 10.60 -3.72 -49.55
CA THR F 689 10.29 -4.51 -50.75
C THR F 689 8.79 -4.54 -50.94
N PRO F 690 8.21 -3.49 -51.54
CA PRO F 690 6.77 -3.40 -51.78
C PRO F 690 6.29 -4.42 -52.80
#